data_8ZER
#
_entry.id   8ZER
#
_cell.length_a   72.483
_cell.length_b   177.458
_cell.length_c   209.861
_cell.angle_alpha   90.00
_cell.angle_beta   90.00
_cell.angle_gamma   90.00
#
_symmetry.space_group_name_H-M   'P 21 21 21'
#
loop_
_entity.id
_entity.type
_entity.pdbx_description
1 polymer 'Spike protein S1'
2 polymer 'Nanobody P2C5'
3 branched beta-D-mannopyranose-(1-4)-2-acetamido-2-deoxy-beta-D-glucopyranose-(1-4)-2-acetamido-2-deoxy-beta-D-glucopyranose
4 branched 2-acetamido-2-deoxy-beta-D-glucopyranose-(1-4)-2-acetamido-2-deoxy-beta-D-glucopyranose
5 branched beta-D-galactopyranose-(1-4)-2-acetamido-2-deoxy-beta-D-glucopyranose-(1-4)-beta-D-mannopyranose-(1-4)-[beta-D-mannopyranose-(1-6)]beta-D-mannopyranose-(1-4)-2-acetamido-2-deoxy-beta-D-glucopyranose-(1-4)-2-acetamido-2-deoxy-beta-D-glucopyranose
#
loop_
_entity_poly.entity_id
_entity_poly.type
_entity_poly.pdbx_seq_one_letter_code
_entity_poly.pdbx_strand_id
1 'polypeptide(L)'
;RVQPTESIVRFPNITNLCPFGEVFNATRFASVYAWNRKRISNCVADYSVLYNSASFSTFKCYGVSPTKLNDLCFTNVYAD
SFVIRGDEVRQIAPGQTGKIADYNYKLPDDFTGCVIAWNSNNLDSKVGGNYNYLYRLFRKSNLKPFERDISTEIYQAGST
PCNGVEGFNCYFPLQSYGFQPTNGVGYQPYRVVVLSFELLHAPATVCGPKKSTNLVKNKCVNFGSHHHHHHHHHH
;
B,C,E,G,I
2 'polypeptide(L)'
;EVQLVESGGGSVQAGGSLRLSCVASGYTYCSYDMSWYRQAPGKEREFVSIIRRDGSTAYTDAVKGRFAISRDNAKNTLYL
QMNSLEPEDTAMYYCKSWACSSGEYLYQGDWGQGTQVTVSSAAAEQKLISEEDLNGAAHHHHHHGS
;
A,D,F,H,J
#
loop_
_chem_comp.id
_chem_comp.type
_chem_comp.name
_chem_comp.formula
BMA D-saccharide, beta linking beta-D-mannopyranose 'C6 H12 O6'
GAL D-saccharide, beta linking beta-D-galactopyranose 'C6 H12 O6'
NAG D-saccharide, beta linking 2-acetamido-2-deoxy-beta-D-glucopyranose 'C8 H15 N O6'
#
# COMPACT_ATOMS: atom_id res chain seq x y z
N THR A 15 3.98 32.61 -2.38
CA THR A 15 4.90 32.91 -3.50
C THR A 15 6.37 32.58 -3.09
N ASN A 16 7.05 31.73 -3.89
CA ASN A 16 8.45 31.90 -4.26
C ASN A 16 8.67 31.36 -5.68
N LEU A 17 8.70 30.02 -5.89
CA LEU A 17 8.95 29.39 -7.19
C LEU A 17 8.93 27.87 -6.97
N CYS A 18 8.06 27.07 -7.64
CA CYS A 18 8.07 25.62 -7.44
C CYS A 18 9.43 25.01 -7.84
N PRO A 19 9.92 23.94 -7.18
CA PRO A 19 11.31 23.51 -7.32
C PRO A 19 11.41 22.42 -8.40
N PHE A 20 10.98 22.79 -9.63
CA PHE A 20 10.98 21.89 -10.77
C PHE A 20 12.44 21.67 -11.17
N GLY A 21 13.28 22.71 -11.14
CA GLY A 21 14.75 22.68 -11.04
C GLY A 21 15.35 21.40 -10.43
N GLU A 22 14.87 21.01 -9.25
CA GLU A 22 15.36 19.83 -8.56
C GLU A 22 14.99 18.52 -9.25
N VAL A 23 13.86 18.44 -9.98
CA VAL A 23 13.37 17.21 -10.60
C VAL A 23 14.07 17.00 -11.95
N PHE A 24 13.96 18.04 -12.81
CA PHE A 24 14.41 18.04 -14.18
C PHE A 24 15.94 18.04 -14.22
N ASN A 25 16.60 19.02 -13.54
CA ASN A 25 18.07 19.08 -13.52
C ASN A 25 18.76 18.20 -12.45
N ALA A 26 18.03 17.28 -11.78
CA ALA A 26 18.64 16.24 -10.97
C ALA A 26 19.87 15.56 -11.61
N THR A 27 21.01 15.49 -10.93
CA THR A 27 22.20 14.78 -11.40
C THR A 27 21.96 13.29 -11.64
N ARG A 28 21.34 12.62 -10.65
CA ARG A 28 20.94 11.23 -10.73
C ARG A 28 19.40 11.15 -10.80
N PHE A 29 18.94 10.01 -11.36
CA PHE A 29 17.54 9.76 -11.63
C PHE A 29 17.26 8.30 -11.31
N ALA A 30 15.97 8.04 -11.07
CA ALA A 30 15.65 6.78 -10.37
C ALA A 30 15.63 5.64 -11.39
N SER A 31 15.95 4.39 -10.96
CA SER A 31 15.48 3.21 -11.74
C SER A 31 13.94 3.21 -11.85
N VAL A 32 13.41 2.59 -12.92
CA VAL A 32 11.98 2.64 -13.17
C VAL A 32 11.17 1.75 -12.22
N TYR A 33 11.71 0.60 -11.75
CA TYR A 33 11.04 -0.18 -10.71
C TYR A 33 10.86 0.64 -9.42
N ALA A 34 11.93 1.41 -9.12
CA ALA A 34 12.11 2.11 -7.88
C ALA A 34 11.99 3.60 -8.11
N TRP A 35 10.90 3.94 -8.76
CA TRP A 35 10.72 5.29 -9.25
C TRP A 35 10.45 6.34 -8.17
N ASN A 36 11.08 7.52 -8.39
CA ASN A 36 10.88 8.64 -7.48
C ASN A 36 9.57 9.36 -7.67
N ARG A 37 9.02 9.85 -6.59
CA ARG A 37 7.92 10.80 -6.54
C ARG A 37 8.39 11.94 -5.66
N LYS A 38 7.97 13.16 -6.01
CA LYS A 38 8.36 14.39 -5.37
C LYS A 38 7.07 15.18 -5.32
N ARG A 39 6.55 15.45 -4.11
CA ARG A 39 5.32 16.19 -3.96
C ARG A 39 5.73 17.65 -4.08
N ILE A 40 4.93 18.43 -4.85
CA ILE A 40 5.13 19.84 -5.08
C ILE A 40 3.92 20.49 -4.40
N SER A 41 4.20 21.36 -3.40
CA SER A 41 3.19 22.15 -2.72
C SER A 41 3.74 23.51 -2.32
N ASN A 42 2.82 24.51 -2.25
CA ASN A 42 3.04 25.79 -1.60
C ASN A 42 4.03 26.57 -2.45
N CYS A 43 3.62 26.87 -3.69
CA CYS A 43 4.49 27.55 -4.65
C CYS A 43 3.72 28.08 -5.85
N VAL A 44 4.41 28.93 -6.65
CA VAL A 44 3.87 29.56 -7.84
C VAL A 44 3.67 28.49 -8.92
N ALA A 45 4.73 28.08 -9.67
CA ALA A 45 4.74 27.18 -10.84
C ALA A 45 5.52 27.80 -12.00
N ASP A 46 4.84 28.42 -12.99
CA ASP A 46 5.34 28.76 -14.33
C ASP A 46 5.72 27.51 -15.14
N TYR A 47 4.67 26.85 -15.67
CA TYR A 47 4.83 25.64 -16.45
C TYR A 47 5.52 25.92 -17.80
N SER A 48 5.50 27.17 -18.31
CA SER A 48 6.00 27.48 -19.64
C SER A 48 7.52 27.30 -19.79
N VAL A 49 8.31 27.52 -18.71
CA VAL A 49 9.72 27.14 -18.65
C VAL A 49 9.91 25.71 -19.18
N LEU A 50 8.96 24.83 -18.77
CA LEU A 50 8.92 23.45 -19.17
C LEU A 50 8.59 23.31 -20.65
N TYR A 51 7.35 23.60 -21.12
CA TYR A 51 6.90 23.21 -22.48
C TYR A 51 7.66 23.85 -23.65
N ASN A 52 8.26 25.04 -23.39
CA ASN A 52 9.11 25.77 -24.32
C ASN A 52 10.57 25.29 -24.38
N SER A 53 11.05 24.37 -23.53
CA SER A 53 12.38 23.81 -23.72
C SER A 53 12.43 22.97 -25.01
N ALA A 54 13.26 23.50 -25.94
CA ALA A 54 14.33 22.87 -26.71
C ALA A 54 14.57 21.42 -26.32
N SER A 55 14.97 21.23 -25.05
CA SER A 55 15.58 19.99 -24.58
C SER A 55 14.58 18.87 -24.32
N PHE A 56 13.24 19.06 -24.46
CA PHE A 56 12.28 17.97 -24.30
C PHE A 56 11.89 17.34 -25.65
N SER A 57 12.46 16.15 -25.89
CA SER A 57 12.01 15.22 -26.91
C SER A 57 10.50 14.95 -26.85
N THR A 58 9.89 14.65 -25.70
CA THR A 58 8.49 14.23 -25.60
C THR A 58 7.75 15.17 -24.65
N PHE A 59 6.45 15.41 -24.90
CA PHE A 59 5.68 16.37 -24.10
C PHE A 59 4.19 16.21 -24.39
N LYS A 60 3.62 15.04 -24.05
CA LYS A 60 2.19 14.84 -24.15
C LYS A 60 1.53 15.28 -22.85
N CYS A 61 0.42 16.04 -22.95
CA CYS A 61 -0.52 16.30 -21.87
C CYS A 61 -1.80 15.56 -22.20
N TYR A 62 -2.55 15.19 -21.16
CA TYR A 62 -3.68 14.30 -21.27
C TYR A 62 -4.90 14.81 -20.51
N GLY A 63 -4.79 15.78 -19.61
CA GLY A 63 -5.96 16.53 -19.18
C GLY A 63 -6.30 17.61 -20.17
N VAL A 64 -5.27 18.39 -20.48
CA VAL A 64 -5.36 19.85 -20.50
C VAL A 64 -4.34 20.37 -21.50
N SER A 65 -4.72 21.39 -22.28
CA SER A 65 -3.78 22.08 -23.17
C SER A 65 -2.75 22.77 -22.26
N PRO A 66 -1.41 22.55 -22.39
CA PRO A 66 -0.45 23.16 -21.48
C PRO A 66 -0.37 24.68 -21.55
N THR A 67 -0.98 25.32 -22.57
CA THR A 67 -1.41 26.72 -22.53
C THR A 67 -2.20 26.96 -21.23
N LYS A 68 -3.39 26.35 -21.09
CA LYS A 68 -4.38 26.73 -20.07
C LYS A 68 -4.10 26.08 -18.70
N LEU A 69 -3.11 25.17 -18.55
CA LEU A 69 -2.69 24.72 -17.20
C LEU A 69 -1.83 25.77 -16.49
N ASN A 70 -1.24 26.73 -17.20
CA ASN A 70 -0.66 27.90 -16.54
C ASN A 70 -1.75 28.75 -15.86
N ASP A 71 -3.00 28.79 -16.41
CA ASP A 71 -4.10 29.62 -15.91
C ASP A 71 -4.91 28.94 -14.78
N LEU A 72 -4.45 27.79 -14.16
CA LEU A 72 -5.26 26.93 -13.26
C LEU A 72 -4.48 26.50 -12.00
N CYS A 73 -5.23 26.13 -10.92
CA CYS A 73 -4.76 25.90 -9.54
C CYS A 73 -5.11 24.50 -9.03
N PHE A 74 -4.16 23.85 -8.31
CA PHE A 74 -4.25 22.45 -7.86
C PHE A 74 -3.78 22.34 -6.39
N THR A 75 -4.37 21.38 -5.66
CA THR A 75 -4.06 21.14 -4.25
C THR A 75 -2.70 20.47 -4.07
N ASN A 76 -2.33 19.59 -5.03
CA ASN A 76 -1.01 18.98 -5.07
C ASN A 76 -0.60 18.54 -6.47
N VAL A 77 0.72 18.45 -6.65
CA VAL A 77 1.35 18.06 -7.90
C VAL A 77 2.45 17.10 -7.56
N TYR A 78 2.61 16.07 -8.41
CA TYR A 78 3.60 15.01 -8.20
C TYR A 78 4.46 14.83 -9.43
N ALA A 79 5.77 14.86 -9.18
CA ALA A 79 6.82 14.60 -10.14
C ALA A 79 7.41 13.19 -9.97
N ASP A 80 6.67 12.25 -10.56
CA ASP A 80 7.18 10.88 -10.78
C ASP A 80 8.32 10.99 -11.78
N SER A 81 9.48 10.32 -11.59
CA SER A 81 10.69 10.54 -12.37
C SER A 81 11.64 9.31 -12.31
N PHE A 82 11.83 8.65 -13.45
CA PHE A 82 12.70 7.49 -13.63
C PHE A 82 13.44 7.56 -14.98
N VAL A 83 14.22 6.50 -15.30
CA VAL A 83 14.86 6.26 -16.58
C VAL A 83 14.39 4.93 -17.15
N ILE A 84 14.08 4.95 -18.46
CA ILE A 84 13.80 3.80 -19.33
C ILE A 84 14.60 3.91 -20.62
N ARG A 85 14.46 2.88 -21.50
CA ARG A 85 14.88 2.94 -22.91
C ARG A 85 13.81 3.58 -23.79
N GLY A 86 14.27 4.21 -24.88
CA GLY A 86 13.42 5.04 -25.73
C GLY A 86 12.19 4.32 -26.27
N ASP A 87 12.34 3.04 -26.60
CA ASP A 87 11.20 2.30 -27.11
C ASP A 87 10.19 2.00 -26.00
N GLU A 88 10.59 2.10 -24.73
CA GLU A 88 9.66 2.06 -23.60
C GLU A 88 8.88 3.36 -23.40
N VAL A 89 9.33 4.53 -23.87
CA VAL A 89 8.59 5.76 -23.58
C VAL A 89 7.22 5.78 -24.25
N ARG A 90 7.01 5.03 -25.35
CA ARG A 90 5.67 4.64 -25.82
C ARG A 90 4.67 4.26 -24.70
N GLN A 91 5.16 3.51 -23.68
CA GLN A 91 4.37 2.84 -22.64
C GLN A 91 3.93 3.74 -21.48
N ILE A 92 4.53 4.91 -21.28
CA ILE A 92 4.21 5.86 -20.20
C ILE A 92 2.99 6.66 -20.69
N ALA A 93 1.84 5.99 -20.88
CA ALA A 93 0.60 6.67 -21.24
C ALA A 93 -0.64 5.87 -20.80
N PRO A 94 -1.85 6.50 -20.79
CA PRO A 94 -3.11 5.79 -20.61
C PRO A 94 -3.26 4.57 -21.49
N GLY A 95 -3.91 3.50 -20.99
CA GLY A 95 -4.24 2.36 -21.83
C GLY A 95 -3.05 1.53 -22.32
N GLN A 96 -1.81 1.78 -21.81
CA GLN A 96 -0.62 1.18 -22.42
C GLN A 96 -0.43 -0.21 -21.83
N THR A 97 0.58 -0.94 -22.31
CA THR A 97 0.79 -2.34 -21.93
C THR A 97 2.27 -2.74 -22.18
N GLY A 98 2.80 -3.84 -21.61
CA GLY A 98 4.21 -4.27 -21.70
C GLY A 98 4.99 -4.17 -20.38
N LYS A 99 6.21 -4.77 -20.33
CA LYS A 99 7.18 -4.69 -19.22
C LYS A 99 7.01 -3.40 -18.37
N ILE A 100 7.03 -2.21 -18.95
CA ILE A 100 7.00 -1.03 -18.14
C ILE A 100 5.61 -0.71 -17.59
N ALA A 101 4.53 -0.74 -18.40
CA ALA A 101 3.21 -0.40 -17.88
C ALA A 101 2.67 -1.39 -16.85
N ASP A 102 3.05 -2.65 -17.01
CA ASP A 102 2.48 -3.77 -16.29
C ASP A 102 3.25 -3.96 -15.00
N TYR A 103 4.60 -3.91 -14.99
CA TYR A 103 5.44 -4.30 -13.84
C TYR A 103 6.25 -3.16 -13.20
N ASN A 104 6.20 -1.91 -13.73
CA ASN A 104 7.14 -0.90 -13.27
C ASN A 104 6.50 0.44 -13.01
N TYR A 105 5.61 0.96 -13.87
CA TYR A 105 4.93 2.24 -13.69
C TYR A 105 3.68 2.23 -14.57
N LYS A 106 2.47 2.08 -13.99
CA LYS A 106 1.19 2.19 -14.72
C LYS A 106 0.65 3.59 -14.48
N LEU A 107 0.05 4.18 -15.52
CA LEU A 107 -0.85 5.30 -15.40
C LEU A 107 -2.28 4.82 -15.52
N PRO A 108 -3.23 5.58 -14.97
CA PRO A 108 -4.64 5.21 -15.08
C PRO A 108 -5.18 5.55 -16.44
N ASP A 109 -6.25 4.86 -16.78
CA ASP A 109 -6.99 5.04 -18.01
C ASP A 109 -7.60 6.43 -18.02
N ASP A 110 -8.03 6.96 -16.85
CA ASP A 110 -8.52 8.32 -16.77
C ASP A 110 -7.42 9.37 -16.49
N PHE A 111 -6.11 9.07 -16.71
CA PHE A 111 -4.99 9.95 -16.34
C PHE A 111 -5.14 11.35 -16.95
N THR A 112 -4.98 12.39 -16.12
CA THR A 112 -5.01 13.78 -16.60
C THR A 112 -3.77 14.46 -16.02
N GLY A 113 -2.67 14.39 -16.77
CA GLY A 113 -1.55 15.30 -16.59
C GLY A 113 -0.59 15.15 -17.75
N CYS A 114 0.74 15.20 -17.53
CA CYS A 114 1.77 15.45 -18.55
C CYS A 114 2.91 14.47 -18.41
N VAL A 115 3.30 13.79 -19.48
CA VAL A 115 4.54 13.05 -19.55
C VAL A 115 5.55 13.89 -20.29
N ILE A 116 6.74 14.10 -19.73
CA ILE A 116 7.86 14.74 -20.39
C ILE A 116 8.95 13.71 -20.43
N ALA A 117 9.69 13.66 -21.53
CA ALA A 117 10.88 12.86 -21.54
C ALA A 117 11.90 13.41 -22.51
N TRP A 118 13.14 12.89 -22.39
CA TRP A 118 14.25 13.32 -23.20
C TRP A 118 15.39 12.32 -23.11
N ASN A 119 16.19 12.30 -24.16
CA ASN A 119 17.26 11.34 -24.38
C ASN A 119 18.38 11.76 -23.46
N SER A 120 18.95 10.81 -22.73
CA SER A 120 19.95 11.14 -21.73
C SER A 120 21.17 10.29 -22.00
N ASN A 121 21.51 10.13 -23.27
CA ASN A 121 22.52 9.15 -23.63
C ASN A 121 23.91 9.64 -23.17
N ASN A 122 24.10 10.96 -23.21
CA ASN A 122 25.30 11.63 -22.73
C ASN A 122 25.49 11.43 -21.23
N LEU A 123 24.47 11.70 -20.39
CA LEU A 123 24.50 11.57 -18.91
C LEU A 123 24.56 10.11 -18.42
N ASP A 124 23.63 9.24 -18.88
CA ASP A 124 23.33 7.95 -18.28
C ASP A 124 23.88 6.77 -19.07
N SER A 125 25.03 6.91 -19.76
CA SER A 125 25.68 5.76 -20.45
C SER A 125 27.14 5.69 -20.08
N LYS A 126 27.70 4.49 -20.30
CA LYS A 126 29.11 4.23 -20.03
C LYS A 126 29.60 3.08 -20.89
N VAL A 127 30.89 3.16 -21.23
CA VAL A 127 31.55 2.18 -22.05
C VAL A 127 31.67 0.91 -21.18
N GLY A 128 30.93 -0.15 -21.54
CA GLY A 128 30.82 -1.39 -20.76
C GLY A 128 29.41 -1.61 -20.17
N GLY A 129 28.67 -0.51 -19.96
CA GLY A 129 27.27 -0.54 -19.55
C GLY A 129 27.14 0.23 -18.24
N ASN A 130 26.02 0.94 -18.06
CA ASN A 130 25.63 1.58 -16.82
C ASN A 130 24.68 0.58 -16.15
N TYR A 131 25.19 0.00 -15.03
CA TYR A 131 24.38 -0.98 -14.34
C TYR A 131 23.39 -0.36 -13.36
N ASN A 132 23.50 0.95 -13.08
CA ASN A 132 22.62 1.61 -12.14
C ASN A 132 21.14 1.57 -12.47
N TYR A 133 20.76 1.55 -13.73
CA TYR A 133 19.33 1.63 -14.04
C TYR A 133 18.85 0.20 -14.16
N LEU A 134 17.62 -0.04 -13.66
CA LEU A 134 17.04 -1.38 -13.65
C LEU A 134 15.52 -1.30 -13.86
N TYR A 135 14.96 -2.45 -14.18
CA TYR A 135 13.54 -2.58 -14.39
C TYR A 135 13.16 -4.01 -14.03
N ARG A 136 11.86 -4.21 -13.91
CA ARG A 136 11.32 -5.43 -13.36
C ARG A 136 10.68 -6.16 -14.50
N LEU A 137 11.13 -7.42 -14.66
CA LEU A 137 10.86 -8.20 -15.83
C LEU A 137 9.65 -9.13 -15.70
N PHE A 138 9.40 -9.64 -14.48
CA PHE A 138 8.29 -10.53 -14.21
C PHE A 138 7.55 -10.13 -12.92
N ARG A 139 6.24 -10.46 -12.87
CA ARG A 139 5.40 -10.20 -11.72
C ARG A 139 4.10 -11.01 -11.75
N LYS A 140 3.77 -11.69 -10.63
CA LYS A 140 2.58 -12.56 -10.44
C LYS A 140 1.32 -11.79 -10.88
N SER A 141 1.30 -10.46 -10.99
CA SER A 141 0.26 -9.74 -11.70
C SER A 141 0.72 -8.32 -12.05
N ASN A 142 -0.18 -7.57 -12.71
CA ASN A 142 0.12 -6.22 -13.14
C ASN A 142 -0.12 -5.27 -11.99
N LEU A 143 0.58 -4.14 -11.97
CA LEU A 143 0.38 -3.02 -11.07
C LEU A 143 -0.96 -2.34 -11.29
N LYS A 144 -1.50 -1.88 -10.16
CA LYS A 144 -2.53 -0.89 -10.08
C LYS A 144 -1.90 0.44 -10.52
N PRO A 145 -2.70 1.40 -10.99
CA PRO A 145 -2.22 2.75 -11.31
C PRO A 145 -1.43 3.40 -10.16
N PHE A 146 -0.15 3.70 -10.40
CA PHE A 146 0.75 4.38 -9.50
C PHE A 146 1.24 3.50 -8.37
N GLU A 147 1.02 2.17 -8.38
CA GLU A 147 1.74 1.25 -7.50
C GLU A 147 3.22 1.29 -7.92
N ARG A 148 4.06 1.00 -6.95
CA ARG A 148 5.48 0.74 -7.03
C ARG A 148 5.74 -0.54 -6.24
N ASP A 149 6.72 -1.36 -6.65
CA ASP A 149 7.07 -2.62 -6.03
C ASP A 149 8.59 -2.68 -6.02
N ILE A 150 9.23 -2.60 -4.85
CA ILE A 150 10.68 -2.66 -4.80
C ILE A 150 11.20 -3.95 -4.20
N SER A 151 10.32 -5.00 -4.25
CA SER A 151 10.63 -6.32 -3.77
C SER A 151 11.78 -6.90 -4.59
N THR A 152 12.67 -7.62 -3.93
CA THR A 152 13.38 -8.71 -4.57
C THR A 152 12.41 -9.88 -4.62
N GLU A 153 12.83 -11.15 -4.61
CA GLU A 153 11.83 -12.25 -4.60
C GLU A 153 11.73 -12.96 -5.97
N ILE A 154 12.25 -14.23 -5.92
CA ILE A 154 12.55 -15.03 -7.08
C ILE A 154 11.22 -15.31 -7.79
N TYR A 155 11.09 -14.99 -9.10
CA TYR A 155 9.86 -15.16 -9.86
C TYR A 155 9.73 -16.63 -10.25
N GLN A 156 8.49 -17.16 -10.05
CA GLN A 156 8.22 -18.56 -10.19
C GLN A 156 7.38 -18.58 -11.43
N ALA A 157 8.06 -18.93 -12.52
CA ALA A 157 7.58 -18.96 -13.89
C ALA A 157 6.98 -20.32 -14.18
N GLY A 158 7.63 -21.40 -13.70
CA GLY A 158 7.06 -22.74 -13.74
C GLY A 158 5.88 -22.88 -12.77
N SER A 159 5.39 -24.10 -12.62
CA SER A 159 5.16 -24.62 -11.28
C SER A 159 6.31 -25.59 -11.02
N THR A 160 6.34 -26.16 -9.80
CA THR A 160 7.52 -26.72 -9.13
C THR A 160 8.30 -25.53 -8.57
N PRO A 161 8.49 -25.37 -7.22
CA PRO A 161 8.83 -24.07 -6.66
C PRO A 161 10.32 -23.81 -6.69
N CYS A 162 10.69 -22.57 -6.37
CA CYS A 162 12.05 -22.08 -6.60
C CYS A 162 13.04 -22.45 -5.52
N ASN A 163 12.64 -22.45 -4.22
CA ASN A 163 13.45 -22.88 -3.07
C ASN A 163 14.65 -21.93 -2.92
N GLY A 164 14.43 -20.62 -3.17
CA GLY A 164 15.47 -19.62 -3.40
C GLY A 164 16.74 -20.13 -4.07
N VAL A 165 16.58 -20.79 -5.23
CA VAL A 165 17.61 -20.87 -6.26
C VAL A 165 17.11 -20.01 -7.40
N GLU A 166 18.03 -19.29 -8.05
CA GLU A 166 17.78 -18.69 -9.33
C GLU A 166 18.34 -19.59 -10.41
N GLY A 167 17.50 -19.94 -11.40
CA GLY A 167 17.76 -21.05 -12.30
C GLY A 167 16.65 -21.19 -13.35
N PHE A 168 16.40 -22.44 -13.79
CA PHE A 168 15.42 -22.76 -14.82
C PHE A 168 14.03 -22.41 -14.31
N ASN A 169 13.31 -21.52 -14.99
CA ASN A 169 11.97 -21.04 -14.61
C ASN A 169 11.92 -20.28 -13.28
N CYS A 170 13.08 -19.71 -12.84
CA CYS A 170 13.24 -19.15 -11.50
C CYS A 170 14.09 -17.90 -11.60
N TYR A 171 13.41 -16.78 -11.86
CA TYR A 171 14.05 -15.60 -12.41
C TYR A 171 14.21 -14.69 -11.20
N PHE A 172 15.44 -14.20 -11.00
CA PHE A 172 15.65 -12.98 -10.28
C PHE A 172 14.97 -11.84 -11.03
N PRO A 173 13.95 -11.16 -10.54
CA PRO A 173 13.06 -10.41 -11.43
C PRO A 173 13.43 -8.94 -11.71
N LEU A 174 14.59 -8.46 -11.24
CA LEU A 174 15.06 -7.13 -11.55
C LEU A 174 16.27 -7.33 -12.43
N GLN A 175 16.18 -6.75 -13.66
CA GLN A 175 17.25 -6.73 -14.61
C GLN A 175 17.83 -5.34 -14.76
N SER A 176 19.15 -5.32 -15.06
CA SER A 176 19.84 -4.09 -15.42
C SER A 176 19.70 -3.76 -16.92
N TYR A 177 19.69 -2.49 -17.32
CA TYR A 177 19.63 -2.06 -18.73
C TYR A 177 21.04 -2.02 -19.35
N GLY A 178 22.08 -1.55 -18.63
CA GLY A 178 23.46 -1.65 -19.14
C GLY A 178 23.70 -0.73 -20.34
N PHE A 179 23.30 0.53 -20.17
CA PHE A 179 23.29 1.56 -21.17
C PHE A 179 24.73 1.90 -21.60
N GLN A 180 25.04 1.42 -22.81
CA GLN A 180 26.20 1.88 -23.58
C GLN A 180 25.83 3.11 -24.43
N PRO A 181 26.80 3.97 -24.82
CA PRO A 181 26.48 5.11 -25.70
C PRO A 181 26.52 4.70 -27.18
N THR A 182 26.78 3.42 -27.48
CA THR A 182 26.86 2.85 -28.83
C THR A 182 25.64 1.97 -29.11
N ASN A 183 24.61 1.94 -28.25
CA ASN A 183 23.31 1.39 -28.63
C ASN A 183 22.64 2.40 -29.59
N GLY A 184 21.60 1.90 -30.29
CA GLY A 184 20.72 2.71 -31.12
C GLY A 184 19.61 3.33 -30.29
N VAL A 185 18.91 4.33 -30.82
CA VAL A 185 18.12 5.23 -30.02
C VAL A 185 17.01 4.50 -29.28
N GLY A 186 16.41 3.47 -29.86
CA GLY A 186 15.46 2.65 -29.12
C GLY A 186 15.98 2.06 -27.80
N TYR A 187 17.26 1.65 -27.76
CA TYR A 187 17.92 1.01 -26.65
C TYR A 187 18.86 1.99 -25.93
N GLN A 188 18.63 3.33 -26.03
CA GLN A 188 19.39 4.25 -25.19
C GLN A 188 18.47 4.96 -24.19
N PRO A 189 19.06 5.47 -23.07
CA PRO A 189 18.29 5.88 -21.92
C PRO A 189 17.60 7.23 -22.13
N TYR A 190 16.33 7.27 -21.69
CA TYR A 190 15.45 8.43 -21.67
C TYR A 190 15.04 8.72 -20.21
N ARG A 191 15.37 9.91 -19.73
CA ARG A 191 14.77 10.44 -18.50
C ARG A 191 13.35 10.84 -18.78
N VAL A 192 12.43 10.32 -17.98
CA VAL A 192 11.02 10.62 -18.02
C VAL A 192 10.62 11.35 -16.74
N VAL A 193 9.49 12.08 -16.77
CA VAL A 193 8.98 12.83 -15.63
C VAL A 193 7.46 12.92 -15.81
N VAL A 194 6.64 12.31 -14.97
CA VAL A 194 5.19 12.41 -15.10
C VAL A 194 4.72 13.44 -14.09
N LEU A 195 4.10 14.52 -14.57
CA LEU A 195 3.37 15.45 -13.72
C LEU A 195 1.95 14.93 -13.56
N SER A 196 1.50 14.69 -12.30
CA SER A 196 0.12 14.33 -11.97
C SER A 196 -0.46 15.50 -11.15
N PHE A 197 -1.75 15.84 -11.39
CA PHE A 197 -2.41 17.05 -10.90
C PHE A 197 -3.71 16.61 -10.25
N GLU A 198 -3.88 16.82 -8.92
CA GLU A 198 -5.07 16.47 -8.15
C GLU A 198 -5.70 17.74 -7.55
N LEU A 199 -7.05 17.87 -7.71
CA LEU A 199 -7.92 18.76 -6.94
C LEU A 199 -8.55 17.95 -5.78
N LEU A 200 -8.77 18.58 -4.59
CA LEU A 200 -9.18 17.93 -3.33
C LEU A 200 -10.21 18.84 -2.60
N HIS A 201 -10.43 18.68 -1.27
CA HIS A 201 -11.05 19.74 -0.44
C HIS A 201 -10.07 20.93 -0.32
N ALA A 202 -9.21 20.91 0.74
CA ALA A 202 -8.40 22.01 1.28
C ALA A 202 -7.94 23.04 0.23
N PRO A 203 -8.69 24.19 0.02
CA PRO A 203 -8.56 25.00 -1.20
C PRO A 203 -7.11 25.36 -1.66
N ALA A 204 -6.61 24.74 -2.75
CA ALA A 204 -5.40 25.11 -3.50
C ALA A 204 -4.08 24.86 -2.73
N THR A 205 -2.93 25.14 -3.41
CA THR A 205 -1.54 25.30 -2.90
C THR A 205 -0.55 25.70 -4.03
N VAL A 206 -0.69 25.13 -5.26
CA VAL A 206 0.16 25.35 -6.45
C VAL A 206 -0.62 26.10 -7.53
N CYS A 207 -0.13 27.25 -8.09
CA CYS A 207 -0.93 28.12 -8.98
C CYS A 207 -0.24 28.49 -10.31
N GLY A 208 -0.04 29.80 -10.57
CA GLY A 208 0.21 30.27 -11.93
C GLY A 208 0.01 31.79 -12.07
N PRO A 209 1.04 32.56 -12.50
CA PRO A 209 1.26 33.92 -11.98
C PRO A 209 0.57 35.02 -12.79
N VAL B 2 25.63 6.62 0.70
CA VAL B 2 25.98 5.15 0.83
C VAL B 2 27.06 4.78 -0.19
N GLN B 3 28.14 4.13 0.25
CA GLN B 3 29.32 3.86 -0.58
C GLN B 3 29.84 2.46 -0.21
N LEU B 4 29.49 1.47 -1.04
CA LEU B 4 29.91 0.08 -0.87
C LEU B 4 31.37 -0.07 -1.32
N VAL B 5 32.16 -1.01 -0.76
CA VAL B 5 33.57 -1.21 -1.10
C VAL B 5 33.92 -2.68 -0.89
N GLU B 6 34.16 -3.41 -2.00
CA GLU B 6 34.49 -4.84 -1.94
C GLU B 6 35.96 -5.00 -1.53
N SER B 7 36.30 -6.22 -1.12
CA SER B 7 37.66 -6.59 -0.68
C SER B 7 37.70 -8.09 -0.49
N GLY B 8 38.93 -8.61 -0.31
CA GLY B 8 39.17 -10.04 -0.38
C GLY B 8 39.32 -10.47 -1.82
N GLY B 9 39.85 -11.68 -1.99
CA GLY B 9 39.96 -12.22 -3.34
C GLY B 9 41.17 -11.73 -4.11
N GLY B 10 41.49 -12.48 -5.17
CA GLY B 10 42.88 -12.62 -5.63
C GLY B 10 43.04 -13.88 -6.45
N SER B 11 44.29 -14.26 -6.66
CA SER B 11 44.66 -15.54 -7.25
C SER B 11 44.50 -16.65 -6.21
N VAL B 12 43.97 -17.81 -6.64
CA VAL B 12 43.72 -18.96 -5.78
C VAL B 12 43.72 -20.25 -6.61
N GLN B 13 44.39 -21.31 -6.12
CA GLN B 13 44.37 -22.64 -6.72
C GLN B 13 42.94 -23.22 -6.56
N ALA B 14 42.42 -23.94 -7.59
CA ALA B 14 41.02 -24.35 -7.64
C ALA B 14 40.77 -25.45 -6.62
N GLY B 15 39.57 -25.42 -6.05
CA GLY B 15 39.20 -26.20 -4.87
C GLY B 15 39.47 -25.50 -3.55
N GLY B 16 40.27 -24.39 -3.53
CA GLY B 16 40.40 -23.52 -2.38
C GLY B 16 39.16 -22.63 -2.15
N SER B 17 39.35 -21.67 -1.23
CA SER B 17 38.24 -20.86 -0.74
C SER B 17 38.66 -19.41 -0.65
N LEU B 18 37.63 -18.57 -0.54
CA LEU B 18 37.84 -17.15 -0.42
C LEU B 18 36.66 -16.47 0.23
N ARG B 19 36.96 -15.41 1.00
CA ARG B 19 35.91 -14.65 1.66
C ARG B 19 35.96 -13.26 1.06
N LEU B 20 34.81 -12.84 0.50
CA LEU B 20 34.65 -11.49 0.03
C LEU B 20 33.95 -10.73 1.14
N SER B 21 34.36 -9.47 1.29
CA SER B 21 33.85 -8.55 2.29
C SER B 21 33.45 -7.29 1.54
N CYS B 22 32.25 -6.79 1.79
CA CYS B 22 31.80 -5.51 1.27
C CYS B 22 31.40 -4.67 2.47
N VAL B 23 31.88 -3.42 2.54
CA VAL B 23 31.77 -2.58 3.73
C VAL B 23 31.02 -1.31 3.35
N ALA B 24 29.79 -1.17 3.88
CA ALA B 24 28.95 0.00 3.66
C ALA B 24 29.52 1.19 4.44
N SER B 25 29.37 2.40 3.93
CA SER B 25 29.80 3.62 4.59
C SER B 25 28.76 4.66 4.26
N GLY B 26 28.17 5.29 5.27
CA GLY B 26 27.25 6.41 5.06
C GLY B 26 25.87 5.93 5.42
N TYR B 27 24.98 6.86 5.74
CA TYR B 27 23.74 6.50 6.38
C TYR B 27 22.71 6.42 5.26
N THR B 28 21.51 6.00 5.64
CA THR B 28 20.31 6.12 4.82
C THR B 28 19.08 5.92 5.74
N TYR B 29 17.95 6.51 5.41
CA TYR B 29 16.78 6.42 6.25
C TYR B 29 16.02 5.12 6.08
N CYS B 30 16.65 4.00 5.68
CA CYS B 30 16.06 2.66 5.92
C CYS B 30 17.09 1.55 5.67
N SER B 31 16.72 0.31 5.95
CA SER B 31 17.59 -0.84 5.82
C SER B 31 17.15 -1.68 4.61
N TYR B 32 18.15 -2.10 3.84
CA TYR B 32 18.05 -2.46 2.44
C TYR B 32 18.55 -3.89 2.25
N ASP B 33 18.06 -4.60 1.17
CA ASP B 33 18.57 -5.94 0.87
C ASP B 33 19.97 -5.81 0.30
N MET B 34 20.73 -6.87 0.10
CA MET B 34 22.06 -6.76 -0.50
C MET B 34 22.45 -7.99 -1.30
N SER B 35 23.15 -7.74 -2.45
CA SER B 35 23.44 -8.79 -3.42
C SER B 35 24.92 -8.87 -3.76
N TRP B 36 25.35 -10.09 -4.09
CA TRP B 36 26.54 -10.27 -4.91
C TRP B 36 26.18 -10.55 -6.39
N TYR B 37 26.80 -9.79 -7.32
CA TYR B 37 26.82 -10.01 -8.77
C TYR B 37 28.24 -10.36 -9.15
N ARG B 38 28.36 -11.10 -10.25
CA ARG B 38 29.66 -11.23 -10.91
C ARG B 38 29.53 -11.01 -12.41
N GLN B 39 30.65 -10.56 -13.01
CA GLN B 39 30.83 -10.32 -14.43
C GLN B 39 32.06 -11.11 -14.84
N ALA B 40 31.85 -12.23 -15.55
CA ALA B 40 32.95 -13.01 -16.09
C ALA B 40 33.74 -12.23 -17.15
N PRO B 41 34.96 -12.68 -17.62
CA PRO B 41 35.59 -12.10 -18.84
C PRO B 41 34.64 -12.04 -20.04
N GLY B 42 34.19 -10.83 -20.45
CA GLY B 42 33.40 -10.68 -21.66
C GLY B 42 31.91 -11.04 -21.55
N LYS B 43 31.50 -12.06 -20.76
CA LYS B 43 30.10 -12.26 -20.35
C LYS B 43 29.61 -11.03 -19.56
N GLU B 44 28.26 -10.84 -19.38
CA GLU B 44 27.75 -9.64 -18.69
C GLU B 44 27.65 -9.88 -17.18
N ARG B 45 27.04 -8.95 -16.39
CA ARG B 45 26.83 -9.11 -14.94
C ARG B 45 25.64 -10.02 -14.62
N GLU B 46 25.95 -11.21 -14.05
CA GLU B 46 24.99 -12.18 -13.54
C GLU B 46 24.93 -12.03 -12.01
N PHE B 47 23.70 -12.13 -11.48
CA PHE B 47 23.43 -12.41 -10.06
C PHE B 47 24.13 -13.67 -9.51
N VAL B 48 24.71 -13.58 -8.32
CA VAL B 48 25.31 -14.67 -7.53
C VAL B 48 24.41 -15.03 -6.33
N SER B 49 24.08 -14.05 -5.46
CA SER B 49 23.10 -14.19 -4.38
C SER B 49 22.51 -12.85 -3.89
N ILE B 50 21.44 -12.97 -3.10
CA ILE B 50 20.85 -11.90 -2.30
C ILE B 50 20.72 -12.35 -0.81
N ILE B 51 20.51 -11.37 0.09
CA ILE B 51 20.02 -11.54 1.46
C ILE B 51 19.10 -10.39 1.82
N ARG B 52 17.96 -10.65 2.41
CA ARG B 52 16.96 -9.61 2.63
C ARG B 52 16.80 -9.18 4.10
N ARG B 53 15.88 -8.21 4.34
CA ARG B 53 15.61 -7.69 5.68
C ARG B 53 15.11 -8.80 6.59
N ASP B 54 14.23 -9.63 6.05
CA ASP B 54 13.77 -10.83 6.77
C ASP B 54 14.78 -11.99 6.81
N GLY B 55 16.08 -11.79 6.47
CA GLY B 55 17.11 -12.80 6.67
C GLY B 55 17.11 -13.96 5.68
N SER B 56 16.20 -13.95 4.68
CA SER B 56 16.12 -14.92 3.58
C SER B 56 17.28 -14.71 2.61
N THR B 57 17.81 -15.83 2.11
CA THR B 57 18.76 -15.84 1.00
C THR B 57 18.15 -16.52 -0.23
N ALA B 58 18.63 -16.10 -1.42
CA ALA B 58 18.62 -16.90 -2.65
C ALA B 58 20.05 -16.91 -3.20
N TYR B 59 20.41 -18.04 -3.84
CA TYR B 59 21.66 -18.21 -4.58
C TYR B 59 21.41 -18.62 -6.04
N THR B 60 22.34 -18.29 -6.94
CA THR B 60 22.23 -18.72 -8.32
C THR B 60 22.62 -20.19 -8.36
N ASP B 61 21.89 -20.96 -9.17
CA ASP B 61 22.04 -22.39 -9.32
C ASP B 61 23.49 -22.83 -9.59
N ALA B 62 24.36 -22.00 -10.18
CA ALA B 62 25.79 -22.35 -10.35
C ALA B 62 26.55 -22.47 -9.04
N VAL B 63 26.28 -21.56 -8.10
CA VAL B 63 26.97 -21.45 -6.82
C VAL B 63 26.15 -22.06 -5.66
N LYS B 64 24.90 -22.53 -5.85
CA LYS B 64 24.09 -23.07 -4.76
C LYS B 64 24.88 -24.16 -4.02
N GLY B 65 25.17 -23.95 -2.72
CA GLY B 65 25.83 -24.94 -1.87
C GLY B 65 27.37 -24.92 -1.92
N ARG B 66 27.99 -24.02 -2.67
CA ARG B 66 29.42 -23.73 -2.59
C ARG B 66 29.69 -22.35 -1.98
N PHE B 67 28.63 -21.54 -1.90
CA PHE B 67 28.74 -20.12 -1.66
C PHE B 67 27.65 -19.72 -0.67
N ALA B 68 28.01 -18.74 0.20
CA ALA B 68 27.19 -18.38 1.34
C ALA B 68 27.27 -16.90 1.71
N ILE B 69 26.11 -16.25 1.79
CA ILE B 69 26.00 -14.82 1.98
C ILE B 69 25.53 -14.56 3.43
N SER B 70 26.19 -13.59 4.11
CA SER B 70 26.12 -13.35 5.56
C SER B 70 26.32 -11.87 5.81
N ARG B 71 25.50 -11.23 6.65
CA ARG B 71 25.76 -9.85 7.08
C ARG B 71 26.13 -9.80 8.58
N ASP B 72 27.09 -8.92 8.96
CA ASP B 72 27.33 -8.46 10.32
C ASP B 72 26.97 -6.97 10.50
N ASN B 73 25.73 -6.66 10.85
CA ASN B 73 25.18 -5.30 10.85
C ASN B 73 25.82 -4.34 11.89
N ALA B 74 26.35 -4.98 12.94
CA ALA B 74 27.34 -4.45 13.86
C ALA B 74 28.48 -3.73 13.16
N LYS B 75 29.15 -4.38 12.18
CA LYS B 75 30.24 -3.79 11.39
C LYS B 75 29.87 -3.29 9.98
N ASN B 76 28.59 -3.43 9.57
CA ASN B 76 28.09 -2.95 8.28
C ASN B 76 28.89 -3.61 7.17
N THR B 77 28.88 -4.93 7.21
CA THR B 77 29.79 -5.72 6.40
C THR B 77 28.95 -6.88 5.84
N LEU B 78 29.19 -7.22 4.57
CA LEU B 78 28.49 -8.25 3.80
C LEU B 78 29.58 -9.23 3.37
N TYR B 79 29.25 -10.51 3.36
CA TYR B 79 30.26 -11.56 3.34
C TYR B 79 29.76 -12.49 2.24
N LEU B 80 30.71 -12.90 1.36
CA LEU B 80 30.48 -14.01 0.47
C LEU B 80 31.56 -15.04 0.77
N GLN B 81 31.13 -16.20 1.28
CA GLN B 81 31.99 -17.34 1.42
C GLN B 81 31.92 -18.07 0.11
N MET B 82 33.05 -18.18 -0.57
CA MET B 82 33.17 -18.97 -1.77
C MET B 82 34.03 -20.17 -1.38
N ASN B 83 33.46 -21.38 -1.43
CA ASN B 83 34.25 -22.60 -1.27
C ASN B 83 34.29 -23.43 -2.55
N SER B 84 35.28 -24.34 -2.59
CA SER B 84 35.50 -25.30 -3.67
C SER B 84 35.30 -24.60 -5.02
N LEU B 85 36.16 -23.59 -5.22
CA LEU B 85 36.19 -22.75 -6.40
C LEU B 85 36.64 -23.57 -7.61
N GLU B 86 35.83 -23.51 -8.68
CA GLU B 86 36.20 -23.95 -10.02
C GLU B 86 36.76 -22.75 -10.79
N PRO B 87 37.44 -22.93 -11.95
CA PRO B 87 37.83 -21.81 -12.83
C PRO B 87 36.72 -20.88 -13.37
N GLU B 88 35.52 -21.43 -13.66
CA GLU B 88 34.28 -20.73 -14.04
C GLU B 88 33.91 -19.60 -13.09
N ASP B 89 34.27 -19.76 -11.81
CA ASP B 89 34.08 -18.74 -10.78
C ASP B 89 34.98 -17.53 -10.94
N THR B 90 35.97 -17.53 -11.85
CA THR B 90 36.75 -16.33 -12.13
C THR B 90 35.84 -15.27 -12.73
N ALA B 91 36.01 -14.03 -12.25
CA ALA B 91 35.11 -12.90 -12.51
C ALA B 91 35.54 -11.69 -11.66
N MET B 92 35.02 -10.51 -12.04
CA MET B 92 34.95 -9.36 -11.16
C MET B 92 33.64 -9.51 -10.40
N TYR B 93 33.70 -9.42 -9.07
CA TYR B 93 32.58 -9.63 -8.17
C TYR B 93 32.19 -8.30 -7.58
N TYR B 94 30.88 -8.05 -7.50
CA TYR B 94 30.35 -6.73 -7.23
C TYR B 94 29.32 -6.89 -6.12
N CYS B 95 29.34 -6.04 -5.08
CA CYS B 95 28.26 -5.96 -4.12
C CYS B 95 27.31 -4.85 -4.56
N LYS B 96 26.02 -5.08 -4.35
CA LYS B 96 24.95 -4.19 -4.73
C LYS B 96 24.00 -4.04 -3.54
N SER B 97 23.62 -2.80 -3.22
CA SER B 97 22.59 -2.57 -2.22
C SER B 97 21.29 -2.29 -2.91
N TRP B 98 20.21 -2.96 -2.56
CA TRP B 98 18.91 -2.76 -3.20
C TRP B 98 18.14 -1.56 -2.67
N ALA B 99 16.89 -1.39 -3.10
CA ALA B 99 16.17 -0.20 -2.71
C ALA B 99 15.56 -0.46 -1.33
N CYS B 100 14.99 0.63 -0.77
CA CYS B 100 14.00 0.64 0.30
C CYS B 100 13.36 2.03 0.31
N SER B 101 12.13 2.16 0.83
CA SER B 101 11.57 3.41 1.30
C SER B 101 11.76 3.61 2.81
N SER B 102 11.63 4.87 3.23
CA SER B 102 11.02 5.29 4.48
C SER B 102 10.16 6.54 4.22
N GLY B 103 8.84 6.35 4.26
CA GLY B 103 7.90 7.46 4.19
C GLY B 103 7.90 7.96 2.76
N GLU B 104 7.86 9.28 2.60
CA GLU B 104 8.08 9.97 1.33
C GLU B 104 9.43 9.62 0.69
N TYR B 105 10.53 9.53 1.44
CA TYR B 105 11.83 9.20 0.88
C TYR B 105 11.93 7.77 0.38
N LEU B 106 12.92 7.59 -0.54
CA LEU B 106 13.26 6.37 -1.27
C LEU B 106 14.74 6.32 -1.60
N TYR B 107 15.31 5.16 -1.43
CA TYR B 107 16.73 4.92 -1.54
C TYR B 107 16.81 4.00 -2.73
N GLN B 108 17.83 4.22 -3.56
CA GLN B 108 17.85 3.67 -4.89
C GLN B 108 18.64 2.38 -4.89
N GLY B 109 19.86 2.48 -4.44
CA GLY B 109 20.74 1.36 -4.32
C GLY B 109 22.12 1.84 -4.60
N ASP B 110 23.06 0.93 -4.74
CA ASP B 110 24.44 1.29 -5.01
C ASP B 110 25.15 0.01 -5.43
N TRP B 111 26.21 0.17 -6.23
CA TRP B 111 27.12 -0.88 -6.59
C TRP B 111 28.48 -0.46 -6.09
N GLY B 112 29.37 -1.44 -5.87
CA GLY B 112 30.75 -1.12 -5.55
C GLY B 112 31.62 -1.16 -6.80
N GLN B 113 32.89 -0.80 -6.61
CA GLN B 113 33.94 -0.90 -7.62
C GLN B 113 34.12 -2.35 -8.11
N GLY B 114 34.04 -3.34 -7.25
CA GLY B 114 34.17 -4.76 -7.57
C GLY B 114 35.54 -5.30 -7.14
N THR B 115 35.74 -6.63 -7.05
CA THR B 115 37.08 -7.19 -6.86
C THR B 115 37.24 -8.45 -7.68
N GLN B 116 38.52 -8.66 -8.09
CA GLN B 116 38.89 -9.69 -9.03
C GLN B 116 39.18 -10.96 -8.25
N VAL B 117 38.40 -12.01 -8.55
CA VAL B 117 38.71 -13.40 -8.20
C VAL B 117 39.17 -14.11 -9.45
N THR B 118 40.15 -15.00 -9.28
CA THR B 118 40.98 -15.51 -10.36
C THR B 118 41.38 -16.92 -9.94
N VAL B 119 40.88 -17.95 -10.63
CA VAL B 119 40.90 -19.33 -10.15
C VAL B 119 41.62 -20.18 -11.19
N SER B 120 42.84 -20.66 -10.87
CA SER B 120 43.69 -21.45 -11.77
C SER B 120 43.37 -22.97 -11.69
N SER B 121 44.19 -23.85 -12.33
CA SER B 121 44.36 -25.27 -11.98
C SER B 121 45.68 -25.83 -12.59
N LEU C 17 0.48 -14.78 24.65
CA LEU C 17 0.86 -14.14 23.37
C LEU C 17 1.32 -12.70 23.64
N CYS C 18 2.57 -12.36 23.28
CA CYS C 18 3.28 -11.26 23.94
C CYS C 18 2.65 -9.94 23.59
N PRO C 19 2.66 -8.91 24.45
CA PRO C 19 1.81 -7.72 24.28
C PRO C 19 2.48 -6.59 23.47
N PHE C 20 2.96 -6.94 22.27
CA PHE C 20 3.76 -6.08 21.42
C PHE C 20 2.86 -4.96 20.90
N GLY C 21 1.62 -5.27 20.50
CA GLY C 21 0.48 -4.36 20.35
C GLY C 21 0.55 -3.07 21.18
N GLU C 22 0.78 -3.19 22.49
CA GLU C 22 0.83 -2.03 23.36
C GLU C 22 2.08 -1.18 23.17
N VAL C 23 3.22 -1.75 22.72
CA VAL C 23 4.49 -1.02 22.60
C VAL C 23 4.54 -0.27 21.24
N PHE C 24 4.30 -1.05 20.15
CA PHE C 24 4.36 -0.61 18.77
C PHE C 24 3.21 0.36 18.49
N ASN C 25 1.95 -0.05 18.74
CA ASN C 25 0.79 0.85 18.55
C ASN C 25 0.44 1.78 19.73
N ALA C 26 1.36 2.01 20.65
CA ALA C 26 1.30 3.11 21.58
C ALA C 26 0.90 4.44 20.93
N THR C 27 -0.14 5.12 21.43
CA THR C 27 -0.57 6.40 20.86
C THR C 27 0.50 7.48 20.99
N ARG C 28 1.12 7.57 22.18
CA ARG C 28 2.25 8.47 22.43
C ARG C 28 3.49 7.61 22.70
N PHE C 29 4.65 8.24 22.59
CA PHE C 29 5.93 7.59 22.74
C PHE C 29 6.86 8.50 23.55
N ALA C 30 7.91 7.88 24.04
CA ALA C 30 8.77 8.54 25.01
C ALA C 30 9.72 9.46 24.29
N SER C 31 10.11 10.57 24.93
CA SER C 31 11.37 11.27 24.62
C SER C 31 12.57 10.33 24.76
N VAL C 32 13.62 10.57 24.01
CA VAL C 32 14.77 9.68 24.01
C VAL C 32 15.64 9.82 25.26
N TYR C 33 15.72 10.99 25.93
CA TYR C 33 16.39 11.06 27.23
C TYR C 33 15.68 10.18 28.26
N ALA C 34 14.33 10.20 28.15
CA ALA C 34 13.40 9.62 29.08
C ALA C 34 12.71 8.41 28.47
N TRP C 35 13.56 7.55 27.90
CA TRP C 35 13.09 6.40 27.13
C TRP C 35 12.40 5.29 27.92
N ASN C 36 11.30 4.75 27.38
CA ASN C 36 10.59 3.62 27.99
C ASN C 36 11.31 2.27 27.87
N ARG C 37 11.19 1.43 28.92
CA ARG C 37 11.35 0.00 28.88
C ARG C 37 9.99 -0.68 29.23
N LYS C 38 9.87 -1.94 28.79
CA LYS C 38 8.72 -2.80 28.97
C LYS C 38 9.37 -4.16 29.02
N ARG C 39 9.30 -4.86 30.17
CA ARG C 39 9.77 -6.23 30.28
C ARG C 39 8.63 -7.09 29.74
N ILE C 40 9.00 -8.09 28.93
CA ILE C 40 8.11 -9.04 28.30
C ILE C 40 8.47 -10.37 28.94
N SER C 41 7.44 -11.02 29.55
CA SER C 41 7.55 -12.38 30.05
C SER C 41 6.25 -13.18 29.84
N ASN C 42 6.39 -14.51 29.75
CA ASN C 42 5.32 -15.50 29.91
C ASN C 42 4.39 -15.38 28.71
N CYS C 43 4.93 -15.67 27.51
CA CYS C 43 4.19 -15.52 26.26
C CYS C 43 4.87 -16.20 25.07
N VAL C 44 4.14 -16.34 23.95
CA VAL C 44 4.66 -16.95 22.73
C VAL C 44 5.57 -15.92 22.04
N ALA C 45 5.02 -14.95 21.24
CA ALA C 45 5.75 -13.94 20.45
C ALA C 45 5.17 -13.77 19.02
N ASP C 46 5.70 -14.51 18.02
CA ASP C 46 5.53 -14.29 16.58
C ASP C 46 6.23 -13.02 16.10
N TYR C 47 7.58 -13.13 16.02
CA TYR C 47 8.41 -12.04 15.54
C TYR C 47 8.18 -11.80 14.04
N SER C 48 7.67 -12.75 13.23
CA SER C 48 7.56 -12.55 11.78
C SER C 48 6.52 -11.48 11.39
N VAL C 49 5.44 -11.29 12.17
CA VAL C 49 4.55 -10.14 11.99
C VAL C 49 5.35 -8.83 11.98
N LEU C 50 6.41 -8.79 12.81
CA LEU C 50 7.37 -7.69 12.84
C LEU C 50 8.17 -7.60 11.53
N TYR C 51 9.12 -8.51 11.21
CA TYR C 51 10.13 -8.34 10.15
C TYR C 51 9.55 -8.28 8.73
N ASN C 52 8.35 -8.86 8.52
CA ASN C 52 7.59 -8.81 7.26
C ASN C 52 6.72 -7.56 7.09
N SER C 53 6.59 -6.66 8.06
CA SER C 53 5.74 -5.48 7.87
C SER C 53 6.38 -4.54 6.87
N ALA C 54 5.63 -4.34 5.77
CA ALA C 54 5.23 -3.06 5.15
C ALA C 54 5.74 -1.82 5.91
N SER C 55 5.28 -1.68 7.14
CA SER C 55 5.33 -0.45 7.89
C SER C 55 6.70 -0.20 8.53
N PHE C 56 7.73 -1.06 8.43
CA PHE C 56 8.94 -0.87 9.23
C PHE C 56 10.07 -0.42 8.33
N SER C 57 10.27 0.88 8.29
CA SER C 57 11.39 1.55 7.66
C SER C 57 12.77 0.97 8.03
N THR C 58 13.06 0.58 9.25
CA THR C 58 14.34 -0.03 9.59
C THR C 58 14.10 -1.33 10.34
N PHE C 59 15.02 -2.32 10.29
CA PHE C 59 14.91 -3.59 11.02
C PHE C 59 16.25 -4.31 11.00
N LYS C 60 17.26 -3.78 11.68
CA LYS C 60 18.53 -4.51 11.88
C LYS C 60 18.38 -5.46 13.09
N CYS C 61 18.90 -6.69 12.98
CA CYS C 61 19.18 -7.60 14.08
C CYS C 61 20.68 -7.78 14.19
N TYR C 62 21.17 -8.09 15.40
CA TYR C 62 22.60 -8.02 15.69
C TYR C 62 23.15 -9.23 16.45
N GLY C 63 22.33 -9.96 17.19
CA GLY C 63 22.77 -11.29 17.60
C GLY C 63 22.64 -12.33 16.52
N VAL C 64 21.50 -12.26 15.81
CA VAL C 64 20.66 -13.42 15.55
C VAL C 64 19.95 -13.20 14.22
N SER C 65 19.93 -14.24 13.36
CA SER C 65 19.29 -14.15 12.06
C SER C 65 17.78 -14.06 12.36
N PRO C 66 16.99 -13.09 11.87
CA PRO C 66 15.54 -13.05 12.17
C PRO C 66 14.72 -14.20 11.59
N THR C 67 15.28 -15.00 10.68
CA THR C 67 14.88 -16.38 10.43
C THR C 67 14.79 -17.15 11.76
N LYS C 68 15.95 -17.35 12.44
CA LYS C 68 16.18 -18.21 13.62
C LYS C 68 15.49 -17.70 14.91
N LEU C 69 14.57 -16.74 14.81
CA LEU C 69 14.07 -15.99 15.93
C LEU C 69 12.87 -16.70 16.54
N ASN C 70 11.98 -17.25 15.67
CA ASN C 70 10.84 -18.03 16.14
C ASN C 70 11.33 -19.33 16.80
N ASP C 71 12.47 -19.92 16.33
CA ASP C 71 13.02 -21.19 16.82
C ASP C 71 14.01 -20.97 18.00
N LEU C 72 13.89 -19.87 18.80
CA LEU C 72 14.64 -19.62 20.05
C LEU C 72 13.74 -19.19 21.22
N CYS C 73 14.23 -19.49 22.47
CA CYS C 73 13.61 -19.18 23.76
C CYS C 73 14.55 -18.35 24.63
N PHE C 74 13.98 -17.32 25.32
CA PHE C 74 14.70 -16.37 26.18
C PHE C 74 13.97 -16.18 27.51
N THR C 75 14.75 -15.90 28.57
CA THR C 75 14.22 -15.76 29.93
C THR C 75 13.48 -14.43 30.10
N ASN C 76 14.00 -13.37 29.43
CA ASN C 76 13.31 -12.09 29.35
C ASN C 76 13.64 -11.34 28.07
N VAL C 77 12.66 -10.47 27.71
CA VAL C 77 12.74 -9.61 26.56
C VAL C 77 12.36 -8.20 26.99
N TYR C 78 13.08 -7.21 26.44
CA TYR C 78 12.88 -5.82 26.79
C TYR C 78 12.62 -4.97 25.54
N ALA C 79 11.51 -4.21 25.58
CA ALA C 79 11.09 -3.24 24.59
C ALA C 79 11.38 -1.81 25.10
N ASP C 80 12.65 -1.46 24.94
CA ASP C 80 13.10 -0.06 24.90
C ASP C 80 12.44 0.67 23.72
N SER C 81 11.89 1.90 23.89
CA SER C 81 11.05 2.56 22.91
C SER C 81 11.01 4.09 23.06
N PHE C 82 11.53 4.84 22.06
CA PHE C 82 11.56 6.32 22.08
C PHE C 82 11.30 6.92 20.71
N VAL C 83 11.37 8.24 20.58
CA VAL C 83 11.46 8.99 19.31
C VAL C 83 12.76 9.78 19.21
N ILE C 84 13.38 9.70 18.02
CA ILE C 84 14.47 10.55 17.54
C ILE C 84 14.15 11.08 16.10
N ARG C 85 15.05 11.93 15.54
CA ARG C 85 15.06 12.33 14.13
C ARG C 85 15.78 11.27 13.28
N GLY C 86 15.37 11.20 12.00
CA GLY C 86 15.83 10.17 11.11
C GLY C 86 17.37 10.09 11.02
N ASP C 87 18.03 11.24 11.03
CA ASP C 87 19.48 11.22 10.95
C ASP C 87 20.13 10.60 12.19
N GLU C 88 19.39 10.62 13.34
CA GLU C 88 19.81 9.95 14.56
C GLU C 88 19.67 8.43 14.54
N VAL C 89 18.77 7.84 13.71
CA VAL C 89 18.54 6.38 13.75
C VAL C 89 19.77 5.60 13.35
N ARG C 90 20.67 6.15 12.53
CA ARG C 90 22.08 5.75 12.40
C ARG C 90 22.69 5.23 13.72
N GLN C 91 22.45 5.98 14.83
CA GLN C 91 23.19 5.83 16.07
C GLN C 91 22.65 4.76 17.06
N ILE C 92 21.45 4.22 16.86
CA ILE C 92 20.87 3.18 17.70
C ILE C 92 21.48 1.83 17.32
N ALA C 93 22.79 1.69 17.51
CA ALA C 93 23.47 0.46 17.19
C ALA C 93 24.81 0.32 17.91
N PRO C 94 25.38 -0.89 18.00
CA PRO C 94 26.76 -1.10 18.49
C PRO C 94 27.79 -0.17 17.89
N GLY C 95 28.87 0.15 18.60
CA GLY C 95 29.97 0.93 18.08
C GLY C 95 29.64 2.44 17.90
N GLN C 96 28.38 2.91 18.05
CA GLN C 96 27.95 4.21 17.51
C GLN C 96 28.39 5.34 18.41
N THR C 97 28.24 6.60 18.00
CA THR C 97 28.78 7.72 18.78
C THR C 97 28.07 9.04 18.40
N GLY C 98 28.09 10.04 19.30
CA GLY C 98 27.32 11.29 19.26
C GLY C 98 26.10 11.40 20.19
N LYS C 99 25.59 12.62 20.44
CA LYS C 99 24.34 12.99 21.09
C LYS C 99 23.45 11.78 21.41
N ILE C 100 22.96 11.00 20.45
CA ILE C 100 22.10 9.90 20.91
C ILE C 100 22.85 8.76 21.61
N ALA C 101 23.92 8.20 21.09
CA ALA C 101 24.63 7.11 21.76
C ALA C 101 25.30 7.46 23.09
N ASP C 102 25.79 8.68 23.17
CA ASP C 102 26.65 9.11 24.29
C ASP C 102 25.78 9.55 25.46
N TYR C 103 24.74 10.36 25.21
CA TYR C 103 23.96 11.10 26.19
C TYR C 103 22.50 10.71 26.30
N ASN C 104 21.97 9.83 25.44
CA ASN C 104 20.53 9.53 25.49
C ASN C 104 20.21 8.04 25.55
N TYR C 105 20.81 7.20 24.70
CA TYR C 105 20.52 5.77 24.59
C TYR C 105 21.75 5.05 24.08
N LYS C 106 22.56 4.38 24.91
CA LYS C 106 23.70 3.55 24.50
C LYS C 106 23.24 2.12 24.49
N LEU C 107 23.68 1.34 23.52
CA LEU C 107 23.68 -0.10 23.48
C LEU C 107 25.13 -0.57 23.62
N PRO C 108 25.35 -1.81 24.03
CA PRO C 108 26.69 -2.33 24.20
C PRO C 108 27.23 -2.78 22.85
N ASP C 109 28.56 -2.90 22.85
CA ASP C 109 29.34 -3.45 21.75
C ASP C 109 28.92 -4.88 21.52
N ASP C 110 28.64 -5.64 22.59
CA ASP C 110 28.20 -7.02 22.41
C ASP C 110 26.68 -7.18 22.22
N PHE C 111 25.91 -6.10 21.87
CA PHE C 111 24.44 -6.11 21.87
C PHE C 111 23.92 -7.21 20.99
N THR C 112 22.97 -8.02 21.49
CA THR C 112 22.34 -9.04 20.67
C THR C 112 20.83 -8.89 20.76
N GLY C 113 20.29 -8.07 19.87
CA GLY C 113 18.88 -8.14 19.51
C GLY C 113 18.62 -7.30 18.30
N CYS C 114 17.51 -6.55 18.27
CA CYS C 114 16.84 -6.04 17.09
C CYS C 114 16.45 -4.59 17.31
N VAL C 115 16.82 -3.67 16.42
CA VAL C 115 16.32 -2.31 16.39
C VAL C 115 15.27 -2.24 15.30
N ILE C 116 14.07 -1.77 15.62
CA ILE C 116 13.04 -1.53 14.62
C ILE C 116 12.78 -0.05 14.64
N ALA C 117 12.63 0.59 13.47
CA ALA C 117 12.21 1.99 13.47
C ALA C 117 11.30 2.27 12.30
N TRP C 118 10.59 3.37 12.39
CA TRP C 118 9.68 3.79 11.34
C TRP C 118 9.38 5.28 11.48
N ASN C 119 9.06 5.91 10.35
CA ASN C 119 8.90 7.34 10.24
C ASN C 119 7.55 7.62 10.85
N SER C 120 7.43 8.64 11.68
CA SER C 120 6.20 8.89 12.40
C SER C 120 5.84 10.34 12.18
N ASN C 121 6.03 10.83 10.96
CA ASN C 121 5.91 12.26 10.71
C ASN C 121 4.43 12.67 10.81
N ASN C 122 3.53 11.78 10.42
CA ASN C 122 2.08 11.95 10.51
C ASN C 122 1.63 12.11 11.97
N LEU C 123 2.03 11.18 12.87
CA LEU C 123 1.67 11.16 14.31
C LEU C 123 2.36 12.26 15.14
N ASP C 124 3.69 12.40 15.06
CA ASP C 124 4.55 13.15 15.98
C ASP C 124 5.00 14.52 15.43
N SER C 125 4.19 15.21 14.58
CA SER C 125 4.53 16.55 14.07
C SER C 125 3.32 17.45 14.19
N LYS C 126 3.60 18.78 14.20
CA LYS C 126 2.59 19.80 14.47
C LYS C 126 3.06 21.16 13.96
N VAL C 127 2.09 21.98 13.55
CA VAL C 127 2.38 23.24 12.88
C VAL C 127 2.86 24.17 13.98
N GLY C 128 4.15 24.55 13.94
CA GLY C 128 4.81 25.35 14.99
C GLY C 128 5.88 24.58 15.73
N GLY C 129 5.78 23.24 15.70
CA GLY C 129 6.72 22.32 16.31
C GLY C 129 5.98 21.50 17.37
N ASN C 130 6.38 20.23 17.53
CA ASN C 130 5.99 19.38 18.63
C ASN C 130 7.08 19.50 19.69
N TYR C 131 6.72 20.16 20.81
CA TYR C 131 7.66 20.36 21.90
C TYR C 131 7.76 19.16 22.85
N ASN C 132 6.88 18.18 22.74
CA ASN C 132 6.86 17.05 23.63
C ASN C 132 8.11 16.18 23.53
N TYR C 133 8.78 16.10 22.39
CA TYR C 133 9.90 15.17 22.32
C TYR C 133 11.10 15.99 22.68
N LEU C 134 12.06 15.37 23.38
CA LEU C 134 13.29 16.07 23.80
C LEU C 134 14.47 15.11 23.75
N TYR C 135 15.64 15.71 23.89
CA TYR C 135 16.87 14.95 23.93
C TYR C 135 17.83 15.78 24.74
N ARG C 136 18.92 15.14 25.11
CA ARG C 136 19.88 15.69 26.04
C ARG C 136 21.12 15.98 25.20
N LEU C 137 21.61 17.21 25.28
CA LEU C 137 22.74 17.68 24.49
C LEU C 137 24.10 17.61 25.18
N PHE C 138 24.15 17.72 26.52
CA PHE C 138 25.41 17.72 27.28
C PHE C 138 25.32 16.82 28.53
N ARG C 139 26.51 16.32 28.91
CA ARG C 139 26.67 15.41 30.01
C ARG C 139 28.14 15.28 30.45
N LYS C 140 28.39 15.40 31.78
CA LYS C 140 29.68 15.34 32.47
C LYS C 140 30.51 14.12 31.94
N SER C 141 29.87 13.05 31.49
CA SER C 141 30.51 11.99 30.71
C SER C 141 29.46 11.18 29.92
N ASN C 142 29.92 10.13 29.18
CA ASN C 142 29.00 9.33 28.40
C ASN C 142 28.32 8.31 29.30
N LEU C 143 27.10 7.88 28.90
CA LEU C 143 26.34 6.79 29.46
C LEU C 143 27.06 5.44 29.36
N LYS C 144 26.89 4.64 30.43
CA LYS C 144 27.15 3.21 30.40
C LYS C 144 26.04 2.56 29.59
N PRO C 145 26.25 1.38 28.96
CA PRO C 145 25.22 0.70 28.17
C PRO C 145 23.89 0.51 28.91
N PHE C 146 22.83 1.10 28.38
CA PHE C 146 21.47 1.04 28.89
C PHE C 146 21.25 1.93 30.09
N GLU C 147 22.17 2.82 30.49
CA GLU C 147 21.84 3.89 31.44
C GLU C 147 20.73 4.77 30.83
N ARG C 148 19.92 5.32 31.73
CA ARG C 148 18.98 6.41 31.51
C ARG C 148 19.30 7.51 32.55
N ASP C 149 19.17 8.78 32.17
CA ASP C 149 19.46 9.95 32.98
C ASP C 149 18.32 10.94 32.75
N ILE C 150 17.44 11.16 33.74
CA ILE C 150 16.33 12.09 33.55
C ILE C 150 16.47 13.35 34.36
N SER C 151 17.76 13.63 34.74
CA SER C 151 18.11 14.79 35.53
C SER C 151 17.84 16.02 34.68
N THR C 152 17.25 17.07 35.24
CA THR C 152 17.52 18.41 34.75
C THR C 152 18.90 18.78 35.35
N GLU C 153 19.28 20.05 35.57
CA GLU C 153 20.58 20.27 36.23
C GLU C 153 21.66 20.79 35.22
N ILE C 154 22.08 22.02 35.48
CA ILE C 154 22.71 22.94 34.57
C ILE C 154 24.10 22.41 34.21
N TYR C 155 24.45 22.29 32.91
CA TYR C 155 25.73 21.79 32.44
C TYR C 155 26.85 22.85 32.65
N GLN C 156 27.99 22.36 33.18
CA GLN C 156 29.02 23.16 33.77
C GLN C 156 29.95 23.74 32.72
N ALA C 157 30.39 23.01 31.70
CA ALA C 157 31.04 23.56 30.50
C ALA C 157 32.40 24.21 30.71
N GLY C 158 32.45 25.37 31.36
CA GLY C 158 33.73 25.95 31.79
C GLY C 158 34.30 25.19 32.98
N SER C 159 35.24 25.84 33.67
CA SER C 159 35.18 25.91 35.11
C SER C 159 34.64 27.30 35.44
N THR C 160 34.51 27.60 36.75
CA THR C 160 33.73 28.69 37.33
C THR C 160 32.29 28.21 37.39
N PRO C 161 31.66 27.96 38.58
CA PRO C 161 30.47 27.11 38.63
C PRO C 161 29.21 27.93 38.42
N CYS C 162 28.08 27.21 38.26
CA CYS C 162 26.91 27.79 37.63
C CYS C 162 26.02 28.67 38.52
N ASN C 163 25.82 28.29 39.81
CA ASN C 163 25.07 29.05 40.80
C ASN C 163 23.60 29.16 40.39
N GLY C 164 23.04 28.05 39.83
CA GLY C 164 21.77 28.01 39.15
C GLY C 164 21.43 29.26 38.32
N VAL C 165 22.37 29.73 37.45
CA VAL C 165 22.04 30.55 36.29
C VAL C 165 22.27 29.70 35.06
N GLU C 166 21.39 29.85 34.07
CA GLU C 166 21.62 29.37 32.72
C GLU C 166 22.08 30.56 31.91
N GLY C 167 23.19 30.40 31.20
CA GLY C 167 23.93 31.53 30.66
C GLY C 167 25.19 31.06 29.92
N PHE C 168 26.21 31.92 29.90
CA PHE C 168 27.48 31.66 29.27
C PHE C 168 28.19 30.55 30.06
N ASN C 169 28.56 29.46 29.42
CA ASN C 169 29.16 28.30 30.04
C ASN C 169 28.23 27.53 30.99
N CYS C 170 26.90 27.73 30.89
CA CYS C 170 25.94 27.19 31.83
C CYS C 170 24.69 26.73 31.11
N TYR C 171 24.68 25.51 30.57
CA TYR C 171 23.70 25.15 29.53
C TYR C 171 22.63 24.35 30.28
N PHE C 172 21.35 24.71 30.13
CA PHE C 172 20.27 23.79 30.45
C PHE C 172 20.29 22.64 29.46
N PRO C 173 20.54 21.38 29.81
CA PRO C 173 20.98 20.41 28.80
C PRO C 173 19.92 19.60 28.04
N LEU C 174 18.64 19.90 28.20
CA LEU C 174 17.55 19.10 27.60
C LEU C 174 16.85 20.05 26.66
N GLN C 175 16.88 19.70 25.36
CA GLN C 175 16.35 20.54 24.29
C GLN C 175 15.23 19.79 23.60
N SER C 176 14.26 20.56 23.11
CA SER C 176 13.13 20.04 22.33
C SER C 176 13.47 19.93 20.80
N TYR C 177 12.82 19.01 20.07
CA TYR C 177 13.07 18.71 18.67
C TYR C 177 12.18 19.59 17.84
N GLY C 178 10.91 19.84 18.25
CA GLY C 178 10.07 20.79 17.53
C GLY C 178 9.72 20.30 16.13
N PHE C 179 9.26 19.05 16.03
CA PHE C 179 8.98 18.38 14.77
C PHE C 179 7.77 19.06 14.09
N GLN C 180 8.10 19.80 13.01
CA GLN C 180 7.12 20.30 12.05
C GLN C 180 6.85 19.28 10.96
N PRO C 181 5.67 19.29 10.29
CA PRO C 181 5.42 18.28 9.25
C PRO C 181 6.07 18.65 7.90
N THR C 182 6.70 19.82 7.82
CA THR C 182 7.27 20.39 6.62
C THR C 182 8.80 20.39 6.71
N ASN C 183 9.44 19.79 7.71
CA ASN C 183 10.86 19.48 7.64
C ASN C 183 11.04 18.33 6.63
N GLY C 184 12.30 18.21 6.18
CA GLY C 184 12.78 17.08 5.41
C GLY C 184 13.12 15.85 6.25
N VAL C 185 13.36 14.75 5.57
CA VAL C 185 13.25 13.43 6.14
C VAL C 185 14.28 13.25 7.23
N GLY C 186 15.50 13.76 7.07
CA GLY C 186 16.47 13.70 8.17
C GLY C 186 16.00 14.28 9.51
N TYR C 187 15.24 15.40 9.47
CA TYR C 187 14.74 16.15 10.62
C TYR C 187 13.26 15.86 10.85
N GLN C 188 12.73 14.69 10.42
CA GLN C 188 11.39 14.32 10.84
C GLN C 188 11.49 13.10 11.75
N PRO C 189 10.45 12.90 12.60
CA PRO C 189 10.54 11.99 13.72
C PRO C 189 10.38 10.55 13.33
N TYR C 190 11.23 9.69 13.94
CA TYR C 190 11.22 8.22 13.83
C TYR C 190 10.93 7.59 15.22
N ARG C 191 9.82 6.85 15.33
CA ARG C 191 9.59 5.92 16.44
C ARG C 191 10.53 4.73 16.31
N VAL C 192 11.30 4.47 17.35
CA VAL C 192 12.24 3.35 17.43
C VAL C 192 11.73 2.38 18.51
N VAL C 193 12.23 1.12 18.49
CA VAL C 193 11.91 0.10 19.50
C VAL C 193 13.08 -0.87 19.53
N VAL C 194 13.84 -1.01 20.59
CA VAL C 194 14.95 -1.96 20.61
C VAL C 194 14.43 -3.17 21.40
N LEU C 195 14.41 -4.34 20.77
CA LEU C 195 14.23 -5.61 21.44
C LEU C 195 15.58 -6.08 21.95
N SER C 196 15.70 -6.32 23.29
CA SER C 196 16.87 -6.90 23.96
C SER C 196 16.50 -8.32 24.43
N PHE C 197 17.43 -9.29 24.26
CA PHE C 197 17.19 -10.70 24.50
C PHE C 197 18.25 -11.20 25.49
N GLU C 198 17.82 -11.58 26.73
CA GLU C 198 18.71 -12.13 27.76
C GLU C 198 18.34 -13.59 28.07
N LEU C 199 19.39 -14.46 28.07
CA LEU C 199 19.41 -15.78 28.72
C LEU C 199 19.98 -15.60 30.14
N LEU C 200 19.45 -16.36 31.14
CA LEU C 200 19.72 -16.25 32.58
C LEU C 200 19.70 -17.68 33.20
N HIS C 201 19.47 -17.83 34.54
CA HIS C 201 18.88 -19.04 35.11
C HIS C 201 17.44 -19.24 34.55
N ALA C 202 16.38 -18.79 35.28
CA ALA C 202 15.00 -19.35 35.31
C ALA C 202 14.52 -19.94 33.98
N PRO C 203 14.70 -21.27 33.68
CA PRO C 203 14.66 -21.78 32.29
C PRO C 203 13.49 -21.32 31.39
N ALA C 204 13.74 -20.39 30.43
CA ALA C 204 12.77 -19.84 29.48
C ALA C 204 11.70 -18.96 30.14
N THR C 205 10.85 -18.33 29.27
CA THR C 205 9.53 -17.68 29.50
C THR C 205 8.90 -17.17 28.18
N VAL C 206 9.70 -16.59 27.24
CA VAL C 206 9.29 -16.03 25.95
C VAL C 206 9.80 -16.91 24.80
N CYS C 207 8.90 -17.40 23.87
CA CYS C 207 9.25 -18.40 22.84
C CYS C 207 8.80 -18.06 21.39
N GLY C 208 8.08 -18.96 20.64
CA GLY C 208 7.85 -18.86 19.20
C GLY C 208 7.48 -20.19 18.54
N VAL D 2 -1.56 13.84 33.18
CA VAL D 2 -1.33 15.20 33.79
C VAL D 2 -1.67 16.34 32.82
N GLN D 3 -2.36 17.40 33.28
CA GLN D 3 -2.72 18.54 32.48
C GLN D 3 -2.38 19.88 33.17
N LEU D 4 -1.28 20.52 32.74
CA LEU D 4 -0.82 21.82 33.22
C LEU D 4 -1.64 22.95 32.61
N VAL D 5 -1.84 24.11 33.25
CA VAL D 5 -2.76 25.16 32.76
C VAL D 5 -2.31 26.53 33.30
N GLU D 6 -1.74 27.39 32.43
CA GLU D 6 -1.19 28.69 32.80
C GLU D 6 -2.35 29.69 32.96
N SER D 7 -2.07 30.81 33.66
CA SER D 7 -3.07 31.83 33.99
C SER D 7 -2.37 33.00 34.69
N GLY D 8 -3.12 34.13 34.78
CA GLY D 8 -2.52 35.45 34.97
C GLY D 8 -1.91 35.95 33.66
N GLY D 9 -1.15 37.04 33.71
CA GLY D 9 -0.55 37.61 32.51
C GLY D 9 -1.54 38.41 31.66
N GLY D 10 -1.02 39.37 30.87
CA GLY D 10 -1.82 40.44 30.28
C GLY D 10 -0.95 41.64 29.91
N SER D 11 -1.59 42.80 29.68
CA SER D 11 -0.87 44.04 29.45
C SER D 11 -0.41 44.62 30.79
N VAL D 12 0.82 45.16 30.87
CA VAL D 12 1.42 45.71 32.09
C VAL D 12 2.50 46.76 31.74
N GLN D 13 2.53 47.84 32.54
CA GLN D 13 3.50 48.94 32.49
C GLN D 13 4.93 48.40 32.74
N ALA D 14 5.98 48.89 32.06
CA ALA D 14 7.36 48.43 32.27
C ALA D 14 7.87 48.94 33.62
N GLY D 15 8.64 48.07 34.30
CA GLY D 15 8.93 48.26 35.72
C GLY D 15 7.88 47.67 36.69
N GLY D 16 6.68 47.30 36.23
CA GLY D 16 5.69 46.62 37.05
C GLY D 16 5.99 45.11 37.16
N SER D 17 5.01 44.42 37.75
CA SER D 17 5.19 43.07 38.23
C SER D 17 3.93 42.26 37.94
N LEU D 18 4.18 40.94 37.94
CA LEU D 18 3.18 40.00 37.45
C LEU D 18 3.49 38.61 38.00
N ARG D 19 2.43 37.93 38.45
CA ARG D 19 2.53 36.59 39.00
C ARG D 19 1.75 35.63 38.09
N LEU D 20 2.44 34.65 37.54
CA LEU D 20 1.83 33.64 36.71
C LEU D 20 1.57 32.45 37.61
N SER D 21 0.42 31.78 37.35
CA SER D 21 0.01 30.58 38.04
C SER D 21 -0.14 29.48 37.00
N CYS D 22 0.44 28.31 37.26
CA CYS D 22 0.19 27.10 36.51
C CYS D 22 -0.36 26.04 37.45
N VAL D 23 -1.48 25.38 37.11
CA VAL D 23 -2.25 24.50 37.99
C VAL D 23 -2.25 23.09 37.38
N ALA D 24 -1.46 22.16 37.97
CA ALA D 24 -1.44 20.75 37.57
C ALA D 24 -2.77 20.07 37.98
N SER D 25 -3.25 19.13 37.17
CA SER D 25 -4.50 18.40 37.41
C SER D 25 -4.24 16.98 36.93
N GLY D 26 -4.37 16.01 37.85
CA GLY D 26 -4.22 14.60 37.53
C GLY D 26 -3.00 13.98 38.18
N TYR D 27 -3.06 12.67 38.14
CA TYR D 27 -2.34 11.82 39.06
C TYR D 27 -1.13 11.35 38.26
N THR D 28 -0.20 10.73 38.97
CA THR D 28 1.14 10.50 38.49
C THR D 28 1.87 9.75 39.61
N TYR D 29 2.56 8.69 39.30
CA TYR D 29 3.15 7.83 40.31
C TYR D 29 4.50 8.36 40.76
N CYS D 30 4.82 9.65 40.46
CA CYS D 30 5.93 10.31 41.09
C CYS D 30 5.79 11.83 40.99
N SER D 31 6.71 12.54 41.67
CA SER D 31 6.71 14.00 41.69
C SER D 31 7.94 14.47 40.90
N TYR D 32 7.71 15.51 40.12
CA TYR D 32 8.42 15.88 38.91
C TYR D 32 8.92 17.33 39.06
N ASP D 33 10.00 17.71 38.36
CA ASP D 33 10.46 19.09 38.40
C ASP D 33 9.52 19.90 37.52
N MET D 34 9.59 21.24 37.52
CA MET D 34 8.68 22.06 36.73
C MET D 34 9.39 23.34 36.31
N SER D 35 9.05 23.80 35.08
CA SER D 35 9.77 24.87 34.41
C SER D 35 8.83 25.92 33.87
N TRP D 36 9.37 27.15 33.80
CA TRP D 36 8.85 28.13 32.87
C TRP D 36 9.73 28.27 31.62
N TYR D 37 9.12 28.20 30.42
CA TYR D 37 9.68 28.56 29.13
C TYR D 37 8.92 29.77 28.60
N ARG D 38 9.61 30.53 27.74
CA ARG D 38 8.92 31.59 26.98
C ARG D 38 9.37 31.62 25.53
N GLN D 39 8.46 32.08 24.66
CA GLN D 39 8.58 32.17 23.22
C GLN D 39 8.24 33.60 22.84
N ALA D 40 9.26 34.41 22.52
CA ALA D 40 9.02 35.77 22.03
C ALA D 40 8.28 35.77 20.68
N PRO D 41 7.71 36.92 20.16
CA PRO D 41 7.26 37.01 18.76
C PRO D 41 8.36 36.57 17.76
N GLY D 42 8.17 35.43 17.05
CA GLY D 42 9.09 35.02 16.00
C GLY D 42 10.40 34.37 16.45
N LYS D 43 11.00 34.73 17.62
CA LYS D 43 12.00 33.88 18.31
C LYS D 43 11.39 32.48 18.64
N GLU D 44 12.22 31.46 18.96
CA GLU D 44 11.72 30.14 19.44
C GLU D 44 11.48 30.10 20.97
N ARG D 45 11.15 28.94 21.58
CA ARG D 45 10.96 28.81 23.02
C ARG D 45 12.29 28.67 23.77
N GLU D 46 12.64 29.68 24.59
CA GLU D 46 13.80 29.70 25.49
C GLU D 46 13.30 29.27 26.91
N PHE D 47 14.15 28.49 27.59
CA PHE D 47 14.06 28.29 29.06
C PHE D 47 14.12 29.60 29.85
N VAL D 48 13.25 29.75 30.86
CA VAL D 48 13.25 30.86 31.82
C VAL D 48 13.78 30.39 33.19
N SER D 49 13.13 29.36 33.78
CA SER D 49 13.57 28.76 35.05
C SER D 49 13.02 27.36 35.24
N ILE D 50 13.67 26.66 36.19
CA ILE D 50 13.23 25.38 36.73
C ILE D 50 13.17 25.46 38.26
N ILE D 51 12.42 24.51 38.87
CA ILE D 51 12.47 24.21 40.29
C ILE D 51 12.38 22.71 40.45
N ARG D 52 13.18 22.12 41.32
CA ARG D 52 13.23 20.65 41.40
C ARG D 52 12.55 20.07 42.66
N ARG D 53 12.51 18.72 42.76
CA ARG D 53 12.03 18.00 43.95
C ARG D 53 12.85 18.42 45.16
N ASP D 54 14.18 18.52 44.98
CA ASP D 54 15.10 18.90 46.04
C ASP D 54 15.11 20.41 46.25
N GLY D 55 14.15 21.19 45.70
CA GLY D 55 13.95 22.57 46.09
C GLY D 55 14.97 23.57 45.51
N SER D 56 15.95 23.09 44.68
CA SER D 56 16.85 23.91 43.88
C SER D 56 16.08 24.62 42.77
N THR D 57 16.49 25.87 42.51
CA THR D 57 16.15 26.58 41.27
C THR D 57 17.41 26.76 40.39
N ALA D 58 17.15 26.93 39.08
CA ALA D 58 18.00 27.69 38.19
C ALA D 58 17.14 28.71 37.49
N TYR D 59 17.76 29.85 37.14
CA TYR D 59 17.15 30.87 36.27
C TYR D 59 18.04 31.15 35.04
N THR D 60 17.40 31.60 33.94
CA THR D 60 18.17 32.08 32.80
C THR D 60 18.71 33.46 33.13
N ASP D 61 19.97 33.68 32.78
CA ASP D 61 20.76 34.87 33.09
C ASP D 61 20.03 36.15 32.67
N ALA D 62 19.16 36.11 31.65
CA ALA D 62 18.34 37.24 31.23
C ALA D 62 17.41 37.75 32.33
N VAL D 63 16.80 36.86 33.11
CA VAL D 63 15.83 37.21 34.17
C VAL D 63 16.41 37.13 35.60
N LYS D 64 17.69 36.78 35.79
CA LYS D 64 18.31 36.53 37.08
C LYS D 64 17.99 37.66 38.08
N GLY D 65 17.24 37.32 39.14
CA GLY D 65 16.96 38.26 40.24
C GLY D 65 16.05 39.45 39.86
N ARG D 66 15.29 39.33 38.78
CA ARG D 66 14.04 40.03 38.59
C ARG D 66 12.87 39.05 38.74
N PHE D 67 13.15 37.74 38.71
CA PHE D 67 12.14 36.71 38.53
C PHE D 67 12.36 35.61 39.57
N ALA D 68 11.22 34.95 39.93
CA ALA D 68 11.24 33.95 40.98
C ALA D 68 10.23 32.84 40.81
N ILE D 69 10.65 31.59 40.96
CA ILE D 69 9.82 30.42 40.73
C ILE D 69 9.55 29.74 42.08
N SER D 70 8.29 29.32 42.32
CA SER D 70 7.82 28.85 43.63
C SER D 70 6.69 27.84 43.48
N ARG D 71 6.64 26.81 44.35
CA ARG D 71 5.64 25.73 44.28
C ARG D 71 4.83 25.76 45.59
N ASP D 72 3.48 25.67 45.55
CA ASP D 72 2.60 25.43 46.72
C ASP D 72 1.85 24.11 46.54
N ASN D 73 2.46 23.02 47.02
CA ASN D 73 2.03 21.67 46.65
C ASN D 73 0.67 21.24 47.24
N ALA D 74 0.25 21.95 48.29
CA ALA D 74 -1.13 22.08 48.74
C ALA D 74 -2.14 22.27 47.58
N LYS D 75 -1.89 23.24 46.69
CA LYS D 75 -2.77 23.58 45.58
C LYS D 75 -2.30 23.02 44.21
N ASN D 76 -1.10 22.39 44.16
CA ASN D 76 -0.46 21.92 42.94
C ASN D 76 -0.35 23.05 41.95
N THR D 77 0.34 24.08 42.41
CA THR D 77 0.30 25.36 41.73
C THR D 77 1.76 25.81 41.70
N LEU D 78 2.12 26.36 40.53
CA LEU D 78 3.47 26.80 40.23
C LEU D 78 3.34 28.31 39.98
N TYR D 79 4.35 29.03 40.44
CA TYR D 79 4.26 30.49 40.50
C TYR D 79 5.50 30.97 39.74
N LEU D 80 5.29 31.96 38.84
CA LEU D 80 6.40 32.79 38.36
C LEU D 80 6.14 34.24 38.74
N GLN D 81 6.99 34.78 39.64
CA GLN D 81 6.95 36.17 40.04
C GLN D 81 7.95 36.82 39.09
N MET D 82 7.43 37.75 38.28
CA MET D 82 8.20 38.55 37.36
C MET D 82 8.13 39.96 37.94
N ASN D 83 9.28 40.54 38.32
CA ASN D 83 9.38 41.95 38.71
C ASN D 83 10.25 42.75 37.74
N SER D 84 10.10 44.08 37.80
CA SER D 84 10.84 45.07 37.01
C SER D 84 10.97 44.60 35.56
N LEU D 85 9.79 44.43 34.95
CA LEU D 85 9.64 43.95 33.60
C LEU D 85 10.17 44.99 32.61
N GLU D 86 11.04 44.51 31.69
CA GLU D 86 11.40 45.19 30.46
C GLU D 86 10.47 44.74 29.33
N PRO D 87 10.41 45.47 28.16
CA PRO D 87 9.69 44.97 26.98
C PRO D 87 10.14 43.63 26.36
N GLU D 88 11.46 43.32 26.40
CA GLU D 88 12.11 42.04 26.06
C GLU D 88 11.43 40.82 26.68
N ASP D 89 10.87 41.00 27.88
CA ASP D 89 10.08 40.00 28.58
C ASP D 89 8.73 39.69 27.91
N THR D 90 8.26 40.46 26.91
CA THR D 90 6.99 40.17 26.23
C THR D 90 7.17 38.89 25.43
N ALA D 91 6.17 38.00 25.53
CA ALA D 91 6.27 36.60 25.15
C ALA D 91 5.00 35.84 25.55
N MET D 92 4.82 34.66 24.91
CA MET D 92 3.96 33.60 25.39
C MET D 92 4.81 32.78 26.36
N TYR D 93 4.29 32.54 27.57
CA TYR D 93 4.95 31.87 28.67
C TYR D 93 4.30 30.52 28.87
N TYR D 94 5.12 29.49 29.11
CA TYR D 94 4.67 28.11 29.09
C TYR D 94 5.20 27.42 30.33
N CYS D 95 4.36 26.65 31.06
CA CYS D 95 4.82 25.80 32.13
C CYS D 95 5.02 24.39 31.59
N LYS D 96 6.06 23.72 32.10
CA LYS D 96 6.50 22.42 31.62
C LYS D 96 6.78 21.51 32.81
N SER D 97 6.30 20.26 32.82
CA SER D 97 6.67 19.29 33.83
C SER D 97 7.70 18.38 33.26
N TRP D 98 8.83 18.16 33.91
CA TRP D 98 9.88 17.22 33.48
C TRP D 98 9.56 15.78 33.88
N ALA D 99 10.44 14.84 33.53
CA ALA D 99 10.15 13.43 33.72
C ALA D 99 10.43 13.07 35.16
N CYS D 100 9.98 11.87 35.55
CA CYS D 100 10.39 11.15 36.76
C CYS D 100 10.06 9.68 36.56
N SER D 101 10.79 8.80 37.24
CA SER D 101 10.42 7.39 37.44
C SER D 101 9.69 7.17 38.79
N SER D 102 8.92 6.07 38.85
CA SER D 102 8.73 5.23 40.02
C SER D 102 8.75 3.77 39.58
N GLY D 103 9.81 3.04 39.94
CA GLY D 103 9.86 1.61 39.71
C GLY D 103 10.02 1.38 38.21
N GLU D 104 9.32 0.39 37.66
CA GLU D 104 9.29 0.12 36.24
C GLU D 104 8.54 1.26 35.53
N TYR D 105 7.54 1.93 36.12
CA TYR D 105 6.93 3.10 35.47
C TYR D 105 7.85 4.33 35.32
N LEU D 106 7.47 5.18 34.32
CA LEU D 106 8.11 6.43 33.91
C LEU D 106 7.10 7.42 33.34
N TYR D 107 7.23 8.66 33.75
CA TYR D 107 6.32 9.72 33.44
C TYR D 107 7.18 10.60 32.54
N GLN D 108 6.54 11.11 31.47
CA GLN D 108 7.25 11.65 30.30
C GLN D 108 7.40 13.15 30.45
N GLY D 109 6.31 13.84 30.73
CA GLY D 109 6.33 15.26 31.08
C GLY D 109 5.11 15.88 30.46
N ASP D 110 4.99 17.19 30.44
CA ASP D 110 3.84 17.86 29.86
C ASP D 110 4.17 19.34 29.66
N TRP D 111 3.50 19.97 28.69
CA TRP D 111 3.47 21.43 28.49
C TRP D 111 2.06 21.93 28.73
N GLY D 112 1.93 23.20 29.09
CA GLY D 112 0.63 23.83 29.08
C GLY D 112 0.39 24.55 27.76
N GLN D 113 -0.85 25.06 27.59
CA GLN D 113 -1.22 25.87 26.44
C GLN D 113 -0.38 27.16 26.36
N GLY D 114 -0.04 27.81 27.47
CA GLY D 114 0.79 29.02 27.54
C GLY D 114 -0.07 30.26 27.79
N THR D 115 0.52 31.41 28.19
CA THR D 115 -0.24 32.67 28.38
C THR D 115 0.63 33.87 27.99
N GLN D 116 -0.09 34.91 27.53
CA GLN D 116 0.55 36.07 26.92
C GLN D 116 0.85 37.10 28.01
N VAL D 117 2.15 37.45 28.16
CA VAL D 117 2.60 38.67 28.82
C VAL D 117 3.03 39.69 27.79
N THR D 118 2.77 40.97 28.06
CA THR D 118 2.82 42.07 27.10
C THR D 118 3.26 43.31 27.88
N VAL D 119 4.47 43.83 27.64
CA VAL D 119 5.12 44.83 28.47
C VAL D 119 5.40 46.07 27.63
N SER D 120 4.70 47.19 27.93
CA SER D 120 4.86 48.49 27.25
C SER D 120 6.08 49.30 27.75
N SER D 121 6.30 50.56 27.26
CA SER D 121 7.24 51.54 27.87
C SER D 121 7.05 52.97 27.35
N THR E 15 36.54 -5.47 -38.77
CA THR E 15 36.29 -4.37 -39.74
C THR E 15 35.53 -4.92 -40.96
N ASN E 16 34.62 -4.07 -41.45
CA ASN E 16 33.86 -4.32 -42.68
C ASN E 16 33.52 -2.97 -43.32
N LEU E 17 33.03 -2.99 -44.57
CA LEU E 17 32.93 -1.81 -45.45
C LEU E 17 31.99 -0.79 -44.83
N CYS E 18 32.26 0.52 -44.99
CA CYS E 18 31.39 1.57 -44.46
C CYS E 18 29.99 1.46 -45.04
N PRO E 19 28.91 1.82 -44.32
CA PRO E 19 27.54 1.52 -44.75
C PRO E 19 26.94 2.65 -45.60
N PHE E 20 27.61 2.89 -46.75
CA PHE E 20 27.21 3.85 -47.76
C PHE E 20 25.91 3.38 -48.39
N GLY E 21 25.80 2.06 -48.68
CA GLY E 21 24.57 1.31 -48.89
C GLY E 21 23.32 1.94 -48.25
N GLU E 22 23.39 2.22 -46.94
CA GLU E 22 22.28 2.75 -46.19
C GLU E 22 21.90 4.18 -46.59
N VAL E 23 22.86 5.03 -47.02
CA VAL E 23 22.62 6.44 -47.29
C VAL E 23 22.11 6.60 -48.73
N PHE E 24 22.87 6.04 -49.69
CA PHE E 24 22.70 6.23 -51.13
C PHE E 24 21.43 5.50 -51.61
N ASN E 25 21.33 4.19 -51.34
CA ASN E 25 20.17 3.37 -51.68
C ASN E 25 19.06 3.39 -50.61
N ALA E 26 19.07 4.32 -49.66
CA ALA E 26 17.89 4.63 -48.84
C ALA E 26 16.61 4.71 -49.65
N THR E 27 15.57 3.99 -49.26
CA THR E 27 14.32 4.00 -50.00
C THR E 27 13.62 5.36 -49.98
N ARG E 28 13.56 5.96 -48.78
CA ARG E 28 13.06 7.32 -48.61
C ARG E 28 14.26 8.21 -48.22
N PHE E 29 14.04 9.52 -48.43
CA PHE E 29 15.08 10.51 -48.23
C PHE E 29 14.45 11.70 -47.52
N ALA E 30 15.33 12.47 -46.89
CA ALA E 30 14.87 13.52 -46.02
C ALA E 30 14.45 14.74 -46.83
N SER E 31 13.44 15.50 -46.33
CA SER E 31 13.25 16.90 -46.74
C SER E 31 14.50 17.70 -46.43
N VAL E 32 14.74 18.79 -47.20
CA VAL E 32 15.97 19.57 -47.05
C VAL E 32 15.94 20.44 -45.78
N TYR E 33 14.76 20.94 -45.30
CA TYR E 33 14.67 21.56 -44.00
C TYR E 33 15.09 20.62 -42.86
N ALA E 34 14.67 19.38 -43.01
CA ALA E 34 14.73 18.35 -41.99
C ALA E 34 15.74 17.27 -42.39
N TRP E 35 16.90 17.77 -42.82
CA TRP E 35 17.91 16.89 -43.39
C TRP E 35 18.58 15.87 -42.49
N ASN E 36 18.77 14.63 -42.98
CA ASN E 36 19.50 13.60 -42.25
C ASN E 36 20.99 13.77 -42.17
N ARG E 37 21.55 13.37 -41.03
CA ARG E 37 22.98 13.14 -40.78
C ARG E 37 23.18 11.68 -40.33
N LYS E 38 24.38 11.16 -40.48
CA LYS E 38 24.67 9.75 -40.27
C LYS E 38 26.15 9.71 -40.04
N ARG E 39 26.59 9.39 -38.81
CA ARG E 39 28.00 9.37 -38.49
C ARG E 39 28.53 8.04 -38.97
N ILE E 40 29.68 8.06 -39.64
CA ILE E 40 30.34 6.90 -40.21
C ILE E 40 31.62 6.73 -39.41
N SER E 41 31.76 5.54 -38.78
CA SER E 41 32.96 5.19 -38.02
C SER E 41 33.24 3.71 -38.08
N ASN E 42 34.55 3.39 -38.03
CA ASN E 42 35.05 2.08 -37.61
C ASN E 42 34.81 1.16 -38.79
N CYS E 43 35.39 1.52 -39.94
CA CYS E 43 35.04 0.93 -41.24
C CYS E 43 36.09 1.27 -42.29
N VAL E 44 36.14 0.46 -43.37
CA VAL E 44 37.13 0.62 -44.44
C VAL E 44 36.72 1.84 -45.29
N ALA E 45 35.72 1.81 -46.19
CA ALA E 45 35.30 2.93 -47.06
C ALA E 45 35.12 2.41 -48.49
N ASP E 46 36.12 2.58 -49.40
CA ASP E 46 35.99 2.45 -50.85
C ASP E 46 35.06 3.53 -51.44
N TYR E 47 35.62 4.74 -51.56
CA TYR E 47 34.91 5.87 -52.16
C TYR E 47 34.79 5.66 -53.68
N SER E 48 35.56 4.77 -54.34
CA SER E 48 35.51 4.64 -55.80
C SER E 48 34.18 4.09 -56.33
N VAL E 49 33.49 3.23 -55.56
CA VAL E 49 32.10 2.87 -55.82
C VAL E 49 31.26 4.12 -56.10
N LEU E 50 31.54 5.19 -55.34
CA LEU E 50 30.90 6.48 -55.52
C LEU E 50 31.32 7.13 -56.86
N TYR E 51 32.55 7.64 -57.00
CA TYR E 51 32.93 8.55 -58.08
C TYR E 51 32.87 7.91 -59.51
N ASN E 52 33.00 6.57 -59.62
CA ASN E 52 32.90 5.82 -60.85
C ASN E 52 31.46 5.49 -61.26
N SER E 53 30.42 5.62 -60.40
CA SER E 53 29.06 5.31 -60.84
C SER E 53 28.64 6.35 -61.87
N ALA E 54 28.38 5.79 -63.07
CA ALA E 54 27.25 5.99 -63.96
C ALA E 54 26.18 6.91 -63.40
N SER E 55 25.63 6.48 -62.25
CA SER E 55 24.39 6.98 -61.72
C SER E 55 24.52 8.34 -61.05
N PHE E 56 25.72 8.91 -60.84
CA PHE E 56 25.84 10.23 -60.23
C PHE E 56 25.98 11.36 -61.25
N SER E 57 24.94 12.21 -61.34
CA SER E 57 25.02 13.57 -61.85
C SER E 57 26.24 14.38 -61.37
N THR E 58 26.31 14.63 -60.07
CA THR E 58 27.26 15.60 -59.48
C THR E 58 28.23 14.87 -58.54
N PHE E 59 29.46 15.36 -58.48
CA PHE E 59 30.53 14.71 -57.73
C PHE E 59 31.64 15.72 -57.55
N LYS E 60 31.37 16.81 -56.83
CA LYS E 60 32.39 17.80 -56.50
C LYS E 60 33.08 17.32 -55.22
N CYS E 61 34.44 17.21 -55.15
CA CYS E 61 35.18 17.35 -53.90
C CYS E 61 35.53 18.82 -53.73
N TYR E 62 35.95 19.17 -52.52
CA TYR E 62 36.30 20.54 -52.15
C TYR E 62 37.55 20.49 -51.28
N GLY E 63 37.76 19.53 -50.37
CA GLY E 63 39.09 19.34 -49.81
C GLY E 63 40.16 18.98 -50.85
N VAL E 64 39.89 17.93 -51.64
CA VAL E 64 40.83 16.84 -51.89
C VAL E 64 40.48 16.21 -53.24
N SER E 65 41.46 15.89 -54.08
CA SER E 65 41.19 15.23 -55.36
C SER E 65 40.77 13.79 -54.99
N PRO E 66 39.61 13.29 -55.45
CA PRO E 66 39.13 11.98 -55.00
C PRO E 66 39.96 10.78 -55.46
N THR E 67 40.95 11.00 -56.35
CA THR E 67 42.15 10.18 -56.50
C THR E 67 42.71 9.85 -55.11
N LYS E 68 43.22 10.87 -54.38
CA LYS E 68 44.00 10.62 -53.17
C LYS E 68 43.11 10.44 -51.93
N LEU E 69 41.75 10.62 -51.99
CA LEU E 69 40.92 10.36 -50.82
C LEU E 69 40.70 8.88 -50.57
N ASN E 70 40.92 8.00 -51.54
CA ASN E 70 40.96 6.56 -51.23
C ASN E 70 42.19 6.23 -50.37
N ASP E 71 43.32 6.97 -50.49
CA ASP E 71 44.59 6.72 -49.78
C ASP E 71 44.62 7.43 -48.39
N LEU E 72 43.47 7.85 -47.78
CA LEU E 72 43.39 8.82 -46.69
C LEU E 72 42.46 8.39 -45.54
N CYS E 73 42.87 8.77 -44.28
CA CYS E 73 42.32 8.28 -43.02
C CYS E 73 41.78 9.44 -42.18
N PHE E 74 40.54 9.26 -41.63
CA PHE E 74 39.79 10.27 -40.89
C PHE E 74 39.19 9.68 -39.62
N THR E 75 39.04 10.52 -38.57
CA THR E 75 38.48 10.11 -37.29
C THR E 75 36.96 9.91 -37.39
N ASN E 76 36.29 10.76 -38.18
CA ASN E 76 34.87 10.63 -38.44
C ASN E 76 34.46 11.18 -39.80
N VAL E 77 33.31 10.68 -40.29
CA VAL E 77 32.68 11.11 -41.52
C VAL E 77 31.21 11.30 -41.23
N TYR E 78 30.61 12.33 -41.84
CA TYR E 78 29.20 12.63 -41.70
C TYR E 78 28.52 12.71 -43.07
N ALA E 79 27.46 11.91 -43.21
CA ALA E 79 26.66 11.78 -44.42
C ALA E 79 25.31 12.46 -44.18
N ASP E 80 25.39 13.78 -44.41
CA ASP E 80 24.24 14.65 -44.64
C ASP E 80 23.53 14.22 -45.93
N SER E 81 22.17 14.23 -46.01
CA SER E 81 21.40 13.67 -47.12
C SER E 81 19.97 14.18 -47.17
N PHE E 82 19.58 14.90 -48.24
CA PHE E 82 18.24 15.46 -48.44
C PHE E 82 17.88 15.43 -49.92
N VAL E 83 16.70 15.99 -50.29
CA VAL E 83 16.23 16.20 -51.64
C VAL E 83 15.90 17.67 -51.83
N ILE E 84 16.33 18.20 -53.01
CA ILE E 84 16.02 19.52 -53.57
C ILE E 84 15.66 19.38 -55.05
N ARG E 85 15.29 20.52 -55.68
CA ARG E 85 15.21 20.75 -57.13
C ARG E 85 16.59 20.90 -57.78
N GLY E 86 16.73 20.50 -59.04
CA GLY E 86 17.99 20.52 -59.76
C GLY E 86 18.65 21.90 -59.77
N ASP E 87 17.83 22.95 -59.89
CA ASP E 87 18.41 24.28 -59.95
C ASP E 87 18.89 24.72 -58.57
N GLU E 88 18.45 24.06 -57.49
CA GLU E 88 19.03 24.26 -56.16
C GLU E 88 20.36 23.53 -55.96
N VAL E 89 20.73 22.47 -56.71
CA VAL E 89 21.97 21.75 -56.39
C VAL E 89 23.21 22.64 -56.60
N ARG E 90 23.14 23.68 -57.48
CA ARG E 90 24.06 24.83 -57.48
C ARG E 90 24.43 25.34 -56.07
N GLN E 91 23.46 25.38 -55.12
CA GLN E 91 23.56 26.01 -53.78
C GLN E 91 24.30 25.18 -52.71
N ILE E 92 24.48 23.88 -52.91
CA ILE E 92 25.13 22.97 -52.00
C ILE E 92 26.63 23.06 -52.28
N ALA E 93 27.19 24.25 -52.04
CA ALA E 93 28.62 24.46 -52.11
C ALA E 93 29.08 25.60 -51.21
N PRO E 94 30.37 25.69 -50.88
CA PRO E 94 30.94 26.88 -50.22
C PRO E 94 30.51 28.21 -50.85
N GLY E 95 30.37 29.27 -50.07
CA GLY E 95 30.15 30.59 -50.63
C GLY E 95 28.72 30.83 -51.15
N GLN E 96 27.82 29.82 -51.13
CA GLN E 96 26.58 29.90 -51.86
C GLN E 96 25.53 30.75 -51.17
N THR E 97 24.39 30.97 -51.82
CA THR E 97 23.40 31.95 -51.37
C THR E 97 22.02 31.63 -51.97
N GLY E 98 20.90 32.04 -51.33
CA GLY E 98 19.51 31.64 -51.69
C GLY E 98 18.77 30.67 -50.77
N LYS E 99 17.44 30.51 -50.96
CA LYS E 99 16.51 29.60 -50.25
C LYS E 99 17.23 28.42 -49.57
N ILE E 100 17.99 27.61 -50.28
CA ILE E 100 18.66 26.48 -49.65
C ILE E 100 19.86 26.83 -48.78
N ALA E 101 20.82 27.65 -49.15
CA ALA E 101 21.99 27.95 -48.31
C ALA E 101 21.63 28.74 -47.05
N ASP E 102 20.62 29.61 -47.20
CA ASP E 102 20.25 30.56 -46.18
C ASP E 102 19.38 29.93 -45.11
N TYR E 103 18.33 29.21 -45.54
CA TYR E 103 17.28 28.73 -44.66
C TYR E 103 17.24 27.20 -44.52
N ASN E 104 18.07 26.39 -45.22
CA ASN E 104 17.88 24.94 -45.25
C ASN E 104 19.12 24.12 -44.98
N TYR E 105 20.25 24.36 -45.66
CA TYR E 105 21.51 23.64 -45.46
C TYR E 105 22.66 24.55 -45.92
N LYS E 106 23.44 25.12 -44.98
CA LYS E 106 24.62 25.95 -45.29
C LYS E 106 25.84 25.07 -45.13
N LEU E 107 26.80 25.22 -46.03
CA LEU E 107 28.14 24.70 -45.89
C LEU E 107 29.08 25.85 -45.48
N PRO E 108 30.20 25.46 -44.83
CA PRO E 108 31.18 26.44 -44.46
C PRO E 108 32.06 26.80 -45.62
N ASP E 109 32.62 28.01 -45.53
CA ASP E 109 33.47 28.55 -46.59
C ASP E 109 34.74 27.72 -46.62
N ASP E 110 35.19 27.17 -45.48
CA ASP E 110 36.34 26.29 -45.41
C ASP E 110 35.99 24.81 -45.65
N PHE E 111 34.82 24.47 -46.24
CA PHE E 111 34.33 23.09 -46.33
C PHE E 111 35.34 22.16 -46.99
N THR E 112 35.60 21.00 -46.39
CA THR E 112 36.46 20.00 -47.01
C THR E 112 35.72 18.67 -46.98
N GLY E 113 34.94 18.45 -48.05
CA GLY E 113 34.55 17.11 -48.42
C GLY E 113 33.90 17.12 -49.80
N CYS E 114 32.85 16.30 -49.97
CA CYS E 114 32.31 15.87 -51.26
C CYS E 114 30.81 16.08 -51.26
N VAL E 115 30.27 16.76 -52.26
CA VAL E 115 28.85 16.73 -52.54
C VAL E 115 28.64 15.71 -53.64
N ILE E 116 27.71 14.77 -53.50
CA ILE E 116 27.24 13.90 -54.57
C ILE E 116 25.78 14.24 -54.79
N ALA E 117 25.33 14.29 -56.06
CA ALA E 117 23.91 14.40 -56.30
C ALA E 117 23.53 13.60 -57.53
N TRP E 118 22.20 13.36 -57.67
CA TRP E 118 21.67 12.61 -58.78
C TRP E 118 20.16 12.82 -58.89
N ASN E 119 19.67 12.70 -60.13
CA ASN E 119 18.28 12.99 -60.46
C ASN E 119 17.48 11.83 -59.92
N SER E 120 16.37 12.07 -59.23
CA SER E 120 15.58 11.03 -58.63
C SER E 120 14.14 11.20 -59.09
N ASN E 121 13.93 11.55 -60.35
CA ASN E 121 12.59 11.92 -60.82
C ASN E 121 11.68 10.69 -60.87
N ASN E 122 12.30 9.53 -61.21
CA ASN E 122 11.66 8.22 -61.22
C ASN E 122 11.11 7.88 -59.82
N LEU E 123 11.96 7.91 -58.76
CA LEU E 123 11.63 7.58 -57.37
C LEU E 123 10.74 8.62 -56.68
N ASP E 124 11.08 9.93 -56.70
CA ASP E 124 10.52 10.99 -55.85
C ASP E 124 9.47 11.88 -56.56
N SER E 125 8.68 11.39 -57.51
CA SER E 125 7.66 12.20 -58.21
C SER E 125 6.37 11.43 -58.31
N LYS E 126 5.28 12.18 -58.44
CA LYS E 126 3.92 11.66 -58.26
C LYS E 126 2.96 12.49 -59.10
N VAL E 127 2.00 11.82 -59.73
CA VAL E 127 1.14 12.48 -60.70
C VAL E 127 0.14 13.27 -59.85
N GLY E 128 0.20 14.61 -59.85
CA GLY E 128 -0.54 15.48 -58.91
C GLY E 128 0.34 16.17 -57.86
N GLY E 129 1.54 15.60 -57.60
CA GLY E 129 2.67 16.23 -56.93
C GLY E 129 3.04 15.33 -55.77
N ASN E 130 4.32 15.28 -55.38
CA ASN E 130 4.81 14.58 -54.19
C ASN E 130 4.93 15.67 -53.15
N TYR E 131 4.04 15.59 -52.15
CA TYR E 131 4.03 16.56 -51.06
C TYR E 131 5.05 16.24 -49.95
N ASN E 132 5.65 15.05 -49.94
CA ASN E 132 6.58 14.67 -48.88
C ASN E 132 7.82 15.51 -48.81
N TYR E 133 8.32 16.08 -49.93
CA TYR E 133 9.56 16.81 -49.81
C TYR E 133 9.21 18.26 -49.55
N LEU E 134 9.99 18.94 -48.71
CA LEU E 134 9.67 20.30 -48.26
C LEU E 134 10.96 21.09 -48.01
N TYR E 135 10.79 22.41 -47.90
CA TYR E 135 11.87 23.31 -47.72
C TYR E 135 11.31 24.53 -47.01
N ARG E 136 12.22 25.35 -46.49
CA ARG E 136 11.87 26.45 -45.64
C ARG E 136 12.12 27.73 -46.43
N LEU E 137 11.06 28.55 -46.50
CA LEU E 137 10.97 29.74 -47.34
C LEU E 137 11.36 31.04 -46.67
N PHE E 138 11.14 31.17 -45.35
CA PHE E 138 11.46 32.36 -44.57
C PHE E 138 12.17 32.02 -43.26
N ARG E 139 12.98 33.00 -42.80
CA ARG E 139 13.69 32.87 -41.54
C ARG E 139 14.25 34.19 -41.05
N LYS E 140 14.05 34.51 -39.73
CA LYS E 140 14.47 35.75 -39.05
C LYS E 140 15.94 36.05 -39.38
N SER E 141 16.76 35.05 -39.70
CA SER E 141 18.10 35.21 -40.26
C SER E 141 18.56 33.91 -40.92
N ASN E 142 19.84 33.92 -41.35
CA ASN E 142 20.39 32.78 -42.04
C ASN E 142 20.94 31.80 -41.03
N LEU E 143 21.01 30.52 -41.42
CA LEU E 143 21.67 29.44 -40.70
C LEU E 143 23.17 29.64 -40.67
N LYS E 144 23.74 29.22 -39.53
CA LYS E 144 25.16 28.98 -39.38
C LYS E 144 25.45 27.68 -40.12
N PRO E 145 26.71 27.42 -40.51
CA PRO E 145 27.11 26.18 -41.17
C PRO E 145 26.70 24.95 -40.38
N PHE E 146 25.89 24.11 -41.03
CA PHE E 146 25.47 22.84 -40.47
C PHE E 146 24.34 22.98 -39.47
N GLU E 147 23.76 24.15 -39.22
CA GLU E 147 22.51 24.26 -38.48
C GLU E 147 21.41 23.60 -39.33
N ARG E 148 20.41 23.10 -38.61
CA ARG E 148 19.11 22.64 -39.08
C ARG E 148 18.04 23.30 -38.21
N ASP E 149 16.93 23.65 -38.82
CA ASP E 149 15.83 24.30 -38.16
C ASP E 149 14.58 23.54 -38.55
N ILE E 150 13.98 22.79 -37.63
CA ILE E 150 12.80 22.03 -37.94
C ILE E 150 11.56 22.59 -37.28
N SER E 151 11.62 23.89 -36.91
CA SER E 151 10.52 24.55 -36.25
C SER E 151 9.42 24.73 -37.26
N THR E 152 8.17 24.59 -36.84
CA THR E 152 7.09 25.31 -37.52
C THR E 152 7.16 26.73 -36.99
N GLU E 153 6.09 27.51 -36.88
CA GLU E 153 6.19 28.85 -36.27
C GLU E 153 6.07 29.92 -37.37
N ILE E 154 4.97 30.67 -37.22
CA ILE E 154 4.46 31.60 -38.21
C ILE E 154 5.49 32.73 -38.35
N TYR E 155 5.98 33.01 -39.57
CA TYR E 155 7.01 34.00 -39.84
C TYR E 155 6.37 35.40 -39.85
N GLN E 156 7.09 36.33 -39.21
CA GLN E 156 6.50 37.54 -38.63
C GLN E 156 6.49 38.62 -39.72
N ALA E 157 7.54 38.74 -40.55
CA ALA E 157 7.50 39.50 -41.79
C ALA E 157 7.28 41.02 -41.66
N GLY E 158 6.07 41.47 -41.27
CA GLY E 158 5.87 42.86 -40.88
C GLY E 158 6.49 43.12 -39.49
N SER E 159 6.04 44.19 -38.86
CA SER E 159 5.63 44.09 -37.46
C SER E 159 4.10 44.19 -37.49
N THR E 160 3.48 44.23 -36.30
CA THR E 160 2.09 43.89 -36.00
C THR E 160 2.04 42.36 -35.93
N PRO E 161 1.84 41.73 -34.75
CA PRO E 161 2.24 40.33 -34.58
C PRO E 161 1.14 39.37 -35.02
N CYS E 162 1.48 38.07 -35.08
CA CYS E 162 0.70 37.11 -35.85
C CYS E 162 -0.57 36.61 -35.15
N ASN E 163 -0.48 36.24 -33.86
CA ASN E 163 -1.60 35.81 -33.02
C ASN E 163 -2.25 34.52 -33.57
N GLY E 164 -1.36 33.60 -34.01
CA GLY E 164 -1.69 32.46 -34.87
C GLY E 164 -2.84 32.66 -35.85
N VAL E 165 -2.83 33.75 -36.64
CA VAL E 165 -3.51 33.84 -37.94
C VAL E 165 -2.38 33.83 -38.98
N GLU E 166 -2.47 32.95 -39.97
CA GLU E 166 -1.57 32.92 -41.11
C GLU E 166 -2.33 33.61 -42.25
N GLY E 167 -1.66 34.57 -42.89
CA GLY E 167 -2.35 35.56 -43.70
C GLY E 167 -1.36 36.63 -44.16
N PHE E 168 -1.84 37.90 -44.22
CA PHE E 168 -1.08 39.05 -44.67
C PHE E 168 0.04 39.31 -43.66
N ASN E 169 1.30 39.31 -44.11
CA ASN E 169 2.48 39.48 -43.27
C ASN E 169 2.74 38.32 -42.29
N CYS E 170 2.12 37.14 -42.48
CA CYS E 170 2.16 36.05 -41.50
C CYS E 170 2.28 34.71 -42.21
N TYR E 171 3.53 34.30 -42.48
CA TYR E 171 3.82 33.29 -43.49
C TYR E 171 4.02 32.01 -42.72
N PHE E 172 3.28 30.96 -43.05
CA PHE E 172 3.71 29.62 -42.70
C PHE E 172 5.00 29.26 -43.44
N PRO E 173 6.15 29.03 -42.82
CA PRO E 173 7.42 29.04 -43.54
C PRO E 173 7.93 27.72 -44.13
N LEU E 174 7.17 26.62 -44.10
CA LEU E 174 7.58 25.38 -44.76
C LEU E 174 6.66 25.18 -45.95
N GLN E 175 7.24 25.05 -47.14
CA GLN E 175 6.50 24.78 -48.37
C GLN E 175 6.92 23.41 -48.89
N SER E 176 5.96 22.76 -49.55
CA SER E 176 6.18 21.53 -50.29
C SER E 176 6.66 21.82 -51.74
N TYR E 177 7.41 20.88 -52.35
CA TYR E 177 7.92 20.98 -53.70
C TYR E 177 6.87 20.52 -54.72
N GLY E 178 6.14 19.44 -54.44
CA GLY E 178 5.08 18.97 -55.32
C GLY E 178 5.62 18.44 -56.66
N PHE E 179 6.67 17.59 -56.58
CA PHE E 179 7.39 17.07 -57.71
C PHE E 179 6.47 16.16 -58.54
N GLN E 180 6.11 16.70 -59.71
CA GLN E 180 5.52 15.95 -60.82
C GLN E 180 6.65 15.35 -61.67
N PRO E 181 6.41 14.24 -62.43
CA PRO E 181 7.43 13.71 -63.34
C PRO E 181 7.43 14.41 -64.72
N THR E 182 6.55 15.40 -64.90
CA THR E 182 6.39 16.20 -66.11
C THR E 182 6.93 17.60 -65.91
N ASN E 183 7.58 17.92 -64.77
CA ASN E 183 8.41 19.11 -64.69
C ASN E 183 9.71 18.82 -65.47
N GLY E 184 10.39 19.94 -65.77
CA GLY E 184 11.65 19.96 -66.48
C GLY E 184 12.76 19.81 -65.47
N VAL E 185 13.98 19.56 -65.91
CA VAL E 185 15.06 19.06 -65.09
C VAL E 185 15.33 20.04 -63.95
N GLY E 186 15.30 21.34 -64.19
CA GLY E 186 15.45 22.34 -63.14
C GLY E 186 14.52 22.17 -61.94
N TYR E 187 13.24 21.80 -62.20
CA TYR E 187 12.18 21.65 -61.20
C TYR E 187 11.92 20.17 -60.89
N GLN E 188 12.85 19.24 -61.16
CA GLN E 188 12.62 17.85 -60.77
C GLN E 188 13.63 17.48 -59.68
N PRO E 189 13.30 16.46 -58.85
CA PRO E 189 13.99 16.23 -57.63
C PRO E 189 15.34 15.56 -57.82
N TYR E 190 16.33 16.08 -57.03
CA TYR E 190 17.70 15.58 -56.95
C TYR E 190 17.97 15.13 -55.51
N ARG E 191 18.31 13.86 -55.34
CA ARG E 191 18.88 13.37 -54.09
C ARG E 191 20.32 13.83 -54.00
N VAL E 192 20.66 14.51 -52.90
CA VAL E 192 22.00 14.98 -52.61
C VAL E 192 22.55 14.24 -51.40
N VAL E 193 23.88 14.21 -51.23
CA VAL E 193 24.53 13.54 -50.11
C VAL E 193 25.83 14.29 -49.84
N VAL E 194 26.03 14.92 -48.69
CA VAL E 194 27.26 15.65 -48.40
C VAL E 194 28.09 14.78 -47.51
N LEU E 195 29.27 14.37 -47.94
CA LEU E 195 30.26 13.77 -47.06
C LEU E 195 31.11 14.87 -46.45
N SER E 196 31.21 14.96 -45.10
CA SER E 196 32.11 15.89 -44.38
C SER E 196 33.17 15.06 -43.62
N PHE E 197 34.43 15.53 -43.55
CA PHE E 197 35.60 14.73 -43.17
C PHE E 197 36.37 15.50 -42.12
N GLU E 198 36.44 14.95 -40.87
CA GLU E 198 37.14 15.58 -39.74
C GLU E 198 38.29 14.67 -39.30
N LEU E 199 39.51 15.27 -39.18
CA LEU E 199 40.62 14.80 -38.35
C LEU E 199 40.49 15.44 -36.93
N LEU E 200 40.85 14.68 -35.87
CA LEU E 200 40.68 15.00 -34.44
C LEU E 200 41.89 14.42 -33.65
N HIS E 201 41.76 14.20 -32.31
CA HIS E 201 42.51 13.21 -31.55
C HIS E 201 42.26 11.79 -32.11
N ALA E 202 41.25 11.02 -31.60
CA ALA E 202 41.18 9.54 -31.51
C ALA E 202 41.82 8.83 -32.72
N PRO E 203 43.12 8.41 -32.72
CA PRO E 203 43.87 8.14 -33.97
C PRO E 203 43.19 7.29 -35.05
N ALA E 204 42.65 7.92 -36.15
CA ALA E 204 41.93 7.26 -37.26
C ALA E 204 40.57 6.68 -36.82
N THR E 205 39.84 6.01 -37.76
CA THR E 205 38.70 5.07 -37.63
C THR E 205 38.19 4.64 -39.03
N VAL E 206 38.13 5.57 -40.03
CA VAL E 206 37.71 5.35 -41.42
C VAL E 206 38.90 5.42 -42.38
N CYS E 207 39.16 4.40 -43.29
CA CYS E 207 40.31 4.36 -44.24
C CYS E 207 39.99 4.19 -45.78
N GLY E 208 40.49 3.15 -46.56
CA GLY E 208 40.15 2.95 -48.00
C GLY E 208 40.56 1.62 -48.72
N VAL F 2 5.43 5.46 -38.74
CA VAL F 2 4.10 6.11 -38.42
C VAL F 2 3.20 5.96 -39.61
N GLN F 3 1.86 5.84 -39.43
CA GLN F 3 0.85 5.96 -40.47
C GLN F 3 -0.37 6.77 -39.99
N LEU F 4 -0.55 8.00 -40.48
CA LEU F 4 -1.75 8.83 -40.24
C LEU F 4 -2.96 8.36 -41.08
N VAL F 5 -4.22 8.61 -40.67
CA VAL F 5 -5.44 8.10 -41.32
C VAL F 5 -6.64 9.00 -41.02
N GLU F 6 -7.09 9.79 -42.00
CA GLU F 6 -8.19 10.74 -41.91
C GLU F 6 -9.51 9.98 -41.98
N SER F 7 -10.58 10.62 -41.50
CA SER F 7 -11.95 10.09 -41.50
C SER F 7 -12.88 11.14 -40.89
N GLY F 8 -14.21 10.92 -40.94
CA GLY F 8 -15.19 11.98 -40.97
C GLY F 8 -15.26 12.52 -42.39
N GLY F 9 -16.00 13.63 -42.55
CA GLY F 9 -16.19 14.21 -43.87
C GLY F 9 -17.18 13.43 -44.74
N GLY F 10 -17.67 14.09 -45.81
CA GLY F 10 -18.84 13.65 -46.55
C GLY F 10 -19.61 14.84 -47.11
N SER F 11 -20.86 14.56 -47.51
CA SER F 11 -21.79 15.61 -47.93
C SER F 11 -22.37 16.30 -46.69
N VAL F 12 -22.53 17.63 -46.74
CA VAL F 12 -23.15 18.43 -45.68
C VAL F 12 -23.76 19.73 -46.25
N GLN F 13 -24.98 20.08 -45.79
CA GLN F 13 -25.68 21.35 -46.06
C GLN F 13 -24.83 22.52 -45.50
N ALA F 14 -24.70 23.66 -46.22
CA ALA F 14 -23.83 24.77 -45.80
C ALA F 14 -24.44 25.48 -44.58
N GLY F 15 -23.55 25.96 -43.71
CA GLY F 15 -23.87 26.39 -42.35
C GLY F 15 -23.85 25.27 -41.31
N GLY F 16 -23.83 23.98 -41.71
CA GLY F 16 -23.58 22.85 -40.83
C GLY F 16 -22.11 22.69 -40.43
N SER F 17 -21.81 21.56 -39.79
CA SER F 17 -20.56 21.33 -39.08
C SER F 17 -20.06 19.92 -39.34
N LEU F 18 -18.80 19.70 -38.95
CA LEU F 18 -18.10 18.47 -39.32
C LEU F 18 -16.86 18.32 -38.46
N ARG F 19 -16.62 17.06 -38.03
CA ARG F 19 -15.47 16.74 -37.22
C ARG F 19 -14.64 15.75 -38.02
N LEU F 20 -13.40 16.16 -38.32
CA LEU F 20 -12.45 15.30 -38.95
C LEU F 20 -11.59 14.71 -37.87
N SER F 21 -11.21 13.45 -38.09
CA SER F 21 -10.49 12.61 -37.15
C SER F 21 -9.28 12.08 -37.90
N CYS F 22 -8.08 12.29 -37.40
CA CYS F 22 -6.90 11.67 -37.92
C CYS F 22 -6.22 10.86 -36.82
N VAL F 23 -5.89 9.58 -37.08
CA VAL F 23 -5.47 8.64 -36.06
C VAL F 23 -4.07 8.14 -36.40
N ALA F 24 -3.07 8.58 -35.60
CA ALA F 24 -1.67 8.17 -35.78
C ALA F 24 -1.50 6.74 -35.32
N SER F 25 -0.65 5.95 -35.97
CA SER F 25 -0.48 4.54 -35.62
C SER F 25 0.97 4.19 -35.86
N GLY F 26 1.73 3.85 -34.83
CA GLY F 26 3.15 3.55 -35.01
C GLY F 26 4.02 4.48 -34.21
N TYR F 27 5.17 3.90 -33.84
CA TYR F 27 5.95 4.41 -32.73
C TYR F 27 7.04 5.28 -33.33
N THR F 28 7.69 6.07 -32.50
CA THR F 28 8.27 7.36 -32.90
C THR F 28 8.96 7.89 -31.65
N TYR F 29 10.26 8.10 -31.63
CA TYR F 29 10.94 8.45 -30.39
C TYR F 29 10.78 9.91 -30.02
N CYS F 30 9.73 10.61 -30.48
CA CYS F 30 9.43 11.96 -30.05
C CYS F 30 8.04 12.37 -30.52
N SER F 31 7.59 13.48 -29.91
CA SER F 31 6.24 13.98 -30.08
C SER F 31 6.32 15.25 -30.93
N TYR F 32 5.47 15.30 -31.94
CA TYR F 32 5.68 16.02 -33.20
C TYR F 32 4.47 16.93 -33.39
N ASP F 33 4.62 18.05 -34.15
CA ASP F 33 3.48 18.94 -34.32
C ASP F 33 2.55 18.27 -35.31
N MET F 34 1.32 18.78 -35.49
CA MET F 34 0.43 18.20 -36.50
C MET F 34 -0.42 19.25 -37.15
N SER F 35 -0.68 19.05 -38.48
CA SER F 35 -1.39 20.02 -39.30
C SER F 35 -2.55 19.45 -40.06
N TRP F 36 -3.56 20.28 -40.29
CA TRP F 36 -4.49 20.07 -41.38
C TRP F 36 -4.19 20.96 -42.61
N TYR F 37 -4.11 20.31 -43.78
CA TYR F 37 -4.02 20.92 -45.10
C TYR F 37 -5.31 20.59 -45.84
N ARG F 38 -5.66 21.47 -46.78
CA ARG F 38 -6.69 21.15 -47.76
C ARG F 38 -6.24 21.51 -49.15
N GLN F 39 -6.77 20.74 -50.12
CA GLN F 39 -6.56 20.87 -51.55
C GLN F 39 -7.95 21.01 -52.18
N ALA F 40 -8.30 22.26 -52.54
CA ALA F 40 -9.54 22.53 -53.26
C ALA F 40 -9.49 21.94 -54.68
N PRO F 41 -10.62 21.88 -55.46
CA PRO F 41 -10.57 21.51 -56.89
C PRO F 41 -9.52 22.27 -57.71
N GLY F 42 -8.42 21.60 -58.14
CA GLY F 42 -7.46 22.15 -59.07
C GLY F 42 -6.47 23.17 -58.51
N LYS F 43 -6.81 23.98 -57.45
CA LYS F 43 -5.82 24.73 -56.65
C LYS F 43 -4.83 23.74 -56.00
N GLU F 44 -3.67 24.21 -55.46
CA GLU F 44 -2.71 23.40 -54.69
C GLU F 44 -3.17 23.04 -53.24
N ARG F 45 -2.33 22.33 -52.46
CA ARG F 45 -2.56 22.09 -51.02
C ARG F 45 -2.18 23.33 -50.21
N GLU F 46 -3.20 23.99 -49.60
CA GLU F 46 -3.03 25.08 -48.64
C GLU F 46 -3.05 24.48 -47.21
N PHE F 47 -2.13 24.98 -46.37
CA PHE F 47 -2.22 24.94 -44.92
C PHE F 47 -3.56 25.49 -44.40
N VAL F 48 -4.18 24.75 -43.44
CA VAL F 48 -5.40 25.15 -42.74
C VAL F 48 -5.03 25.53 -41.31
N SER F 49 -4.42 24.60 -40.54
CA SER F 49 -3.96 24.83 -39.17
C SER F 49 -2.88 23.87 -38.71
N ILE F 50 -2.22 24.28 -37.63
CA ILE F 50 -1.25 23.49 -36.90
C ILE F 50 -1.61 23.47 -35.39
N ILE F 51 -1.07 22.48 -34.67
CA ILE F 51 -1.02 22.42 -33.22
C ILE F 51 0.32 21.85 -32.80
N ARG F 52 0.98 22.46 -31.82
CA ARG F 52 2.36 22.10 -31.51
C ARG F 52 2.52 21.34 -30.18
N ARG F 53 3.77 20.89 -29.86
CA ARG F 53 4.09 20.28 -28.58
C ARG F 53 3.77 21.25 -27.45
N ASP F 54 4.07 22.54 -27.65
CA ASP F 54 3.79 23.57 -26.66
C ASP F 54 2.31 24.01 -26.65
N GLY F 55 1.39 23.28 -27.32
CA GLY F 55 -0.03 23.55 -27.22
C GLY F 55 -0.55 24.75 -28.02
N SER F 56 0.33 25.49 -28.75
CA SER F 56 -0.06 26.59 -29.62
C SER F 56 -0.76 26.06 -30.88
N THR F 57 -1.81 26.80 -31.27
CA THR F 57 -2.44 26.65 -32.56
C THR F 57 -2.25 27.92 -33.37
N ALA F 58 -2.09 27.70 -34.71
CA ALA F 58 -2.25 28.73 -35.73
C ALA F 58 -3.27 28.25 -36.74
N TYR F 59 -4.09 29.17 -37.28
CA TYR F 59 -5.08 28.93 -38.32
C TYR F 59 -4.82 29.83 -39.55
N THR F 60 -5.14 29.36 -40.77
CA THR F 60 -5.17 30.21 -41.95
C THR F 60 -6.37 31.13 -41.84
N ASP F 61 -6.14 32.40 -42.20
CA ASP F 61 -7.10 33.45 -41.92
C ASP F 61 -8.47 33.15 -42.52
N ALA F 62 -8.59 32.33 -43.57
CA ALA F 62 -9.89 31.93 -44.12
C ALA F 62 -10.79 31.22 -43.12
N VAL F 63 -10.20 30.33 -42.29
CA VAL F 63 -10.96 29.52 -41.34
C VAL F 63 -10.92 30.07 -39.90
N LYS F 64 -10.18 31.14 -39.58
CA LYS F 64 -10.00 31.58 -38.19
C LYS F 64 -11.39 31.90 -37.60
N GLY F 65 -11.72 31.15 -36.51
CA GLY F 65 -12.95 31.31 -35.75
C GLY F 65 -14.18 30.60 -36.31
N ARG F 66 -14.03 29.78 -37.36
CA ARG F 66 -15.01 28.78 -37.75
C ARG F 66 -14.49 27.36 -37.45
N PHE F 67 -13.20 27.25 -37.16
CA PHE F 67 -12.49 25.98 -37.19
C PHE F 67 -11.60 25.93 -35.95
N ALA F 68 -11.40 24.68 -35.46
CA ALA F 68 -10.67 24.42 -34.24
C ALA F 68 -9.94 23.08 -34.32
N ILE F 69 -8.65 23.10 -33.98
CA ILE F 69 -7.77 21.94 -34.03
C ILE F 69 -7.49 21.51 -32.59
N SER F 70 -7.56 20.20 -32.33
CA SER F 70 -7.50 19.61 -31.00
C SER F 70 -6.82 18.26 -31.09
N ARG F 71 -6.03 17.88 -30.08
CA ARG F 71 -5.49 16.54 -29.94
C ARG F 71 -6.16 15.88 -28.72
N ASP F 72 -6.42 14.55 -28.78
CA ASP F 72 -6.80 13.65 -27.68
C ASP F 72 -5.76 12.54 -27.58
N ASN F 73 -4.71 12.81 -26.81
CA ASN F 73 -3.48 12.04 -26.88
C ASN F 73 -3.59 10.67 -26.22
N ALA F 74 -4.66 10.49 -25.41
CA ALA F 74 -5.26 9.20 -25.07
C ALA F 74 -5.36 8.24 -26.28
N LYS F 75 -5.99 8.70 -27.36
CA LYS F 75 -6.28 7.90 -28.55
C LYS F 75 -5.37 8.20 -29.76
N ASN F 76 -4.40 9.14 -29.62
CA ASN F 76 -3.50 9.52 -30.73
C ASN F 76 -4.32 10.07 -31.89
N THR F 77 -5.12 11.06 -31.60
CA THR F 77 -6.22 11.44 -32.45
C THR F 77 -6.21 12.96 -32.57
N LEU F 78 -6.40 13.44 -33.78
CA LEU F 78 -6.32 14.84 -34.17
C LEU F 78 -7.68 15.17 -34.71
N TYR F 79 -8.14 16.35 -34.38
CA TYR F 79 -9.53 16.71 -34.54
C TYR F 79 -9.48 18.03 -35.28
N LEU F 80 -10.34 18.12 -36.33
CA LEU F 80 -10.66 19.40 -36.93
C LEU F 80 -12.16 19.58 -36.77
N GLN F 81 -12.53 20.55 -35.93
CA GLN F 81 -13.90 20.97 -35.80
C GLN F 81 -14.08 22.08 -36.80
N MET F 82 -14.96 21.82 -37.77
CA MET F 82 -15.33 22.77 -38.79
C MET F 82 -16.77 23.14 -38.44
N ASN F 83 -17.03 24.43 -38.17
CA ASN F 83 -18.39 24.95 -38.04
C ASN F 83 -18.68 25.97 -39.13
N SER F 84 -19.98 26.28 -39.32
CA SER F 84 -20.51 27.25 -40.29
C SER F 84 -19.73 27.15 -41.61
N LEU F 85 -19.84 25.97 -42.21
CA LEU F 85 -19.18 25.64 -43.46
C LEU F 85 -19.84 26.40 -44.60
N GLU F 86 -18.99 27.11 -45.38
CA GLU F 86 -19.33 27.66 -46.69
C GLU F 86 -18.99 26.62 -47.77
N PRO F 87 -19.47 26.78 -49.05
CA PRO F 87 -19.02 25.92 -50.17
C PRO F 87 -17.52 25.90 -50.50
N GLU F 88 -16.83 27.06 -50.35
CA GLU F 88 -15.37 27.26 -50.44
C GLU F 88 -14.56 26.24 -49.63
N ASP F 89 -15.14 25.78 -48.50
CA ASP F 89 -14.55 24.75 -47.66
C ASP F 89 -14.53 23.36 -48.29
N THR F 90 -15.18 23.13 -49.45
CA THR F 90 -15.11 21.85 -50.14
C THR F 90 -13.69 21.64 -50.63
N ALA F 91 -13.18 20.42 -50.40
CA ALA F 91 -11.77 20.09 -50.55
C ALA F 91 -11.50 18.65 -50.10
N MET F 92 -10.35 18.10 -50.49
CA MET F 92 -9.74 16.94 -49.87
C MET F 92 -8.88 17.52 -48.73
N TYR F 93 -9.09 16.98 -47.51
CA TYR F 93 -8.44 17.43 -46.30
C TYR F 93 -7.44 16.38 -45.88
N TYR F 94 -6.24 16.83 -45.52
CA TYR F 94 -5.09 15.97 -45.28
C TYR F 94 -4.54 16.32 -43.90
N CYS F 95 -4.23 15.32 -43.07
CA CYS F 95 -3.46 15.52 -41.87
C CYS F 95 -1.99 15.27 -42.20
N LYS F 96 -1.11 16.04 -41.57
CA LYS F 96 0.32 16.00 -41.77
C LYS F 96 0.98 16.00 -40.41
N SER F 97 1.96 15.12 -40.21
CA SER F 97 2.74 15.15 -38.99
C SER F 97 4.06 15.81 -39.33
N TRP F 98 4.48 16.82 -38.59
CA TRP F 98 5.76 17.50 -38.80
C TRP F 98 6.95 16.73 -38.28
N ALA F 99 8.13 17.31 -38.37
CA ALA F 99 9.32 16.65 -37.91
C ALA F 99 9.40 16.84 -36.39
N CYS F 100 10.34 16.07 -35.83
CA CYS F 100 10.97 16.32 -34.54
C CYS F 100 12.24 15.49 -34.53
N SER F 101 13.24 15.93 -33.76
CA SER F 101 14.38 15.10 -33.33
C SER F 101 14.12 14.54 -31.93
N SER F 102 14.80 13.41 -31.64
CA SER F 102 15.28 13.13 -30.31
C SER F 102 16.67 12.51 -30.40
N GLY F 103 17.67 13.22 -29.89
CA GLY F 103 19.01 12.67 -29.81
C GLY F 103 19.55 12.62 -31.22
N GLU F 104 20.28 11.52 -31.53
CA GLU F 104 20.75 11.25 -32.87
C GLU F 104 19.56 10.94 -33.79
N TYR F 105 18.43 10.38 -33.38
CA TYR F 105 17.29 10.19 -34.29
C TYR F 105 16.60 11.49 -34.68
N LEU F 106 15.84 11.35 -35.80
CA LEU F 106 15.01 12.38 -36.45
C LEU F 106 13.85 11.71 -37.21
N TYR F 107 12.69 12.32 -37.08
CA TYR F 107 11.48 11.80 -37.63
C TYR F 107 11.12 12.85 -38.62
N GLN F 108 10.63 12.34 -39.76
CA GLN F 108 10.55 13.12 -40.98
C GLN F 108 9.21 13.83 -41.06
N GLY F 109 8.20 13.03 -40.99
CA GLY F 109 6.85 13.49 -40.97
C GLY F 109 6.06 12.47 -41.76
N ASP F 110 4.78 12.75 -41.97
CA ASP F 110 3.96 11.89 -42.78
C ASP F 110 2.74 12.70 -43.19
N TRP F 111 2.12 12.28 -44.31
CA TRP F 111 0.81 12.74 -44.70
C TRP F 111 -0.16 11.56 -44.68
N GLY F 112 -1.47 11.84 -44.55
CA GLY F 112 -2.46 10.77 -44.68
C GLY F 112 -3.01 10.69 -46.10
N GLN F 113 -3.85 9.68 -46.37
CA GLN F 113 -4.56 9.52 -47.65
C GLN F 113 -5.41 10.77 -47.98
N GLY F 114 -6.08 11.37 -47.00
CA GLY F 114 -6.94 12.53 -47.13
C GLY F 114 -8.41 12.11 -47.07
N THR F 115 -9.36 13.05 -46.78
CA THR F 115 -10.80 12.76 -46.90
C THR F 115 -11.53 13.95 -47.51
N GLN F 116 -12.60 13.60 -48.25
CA GLN F 116 -13.34 14.52 -49.08
C GLN F 116 -14.45 15.10 -48.21
N VAL F 117 -14.42 16.42 -48.05
CA VAL F 117 -15.49 17.25 -47.54
C VAL F 117 -16.14 18.00 -48.69
N THR F 118 -17.46 18.19 -48.61
CA THR F 118 -18.25 18.50 -49.79
C THR F 118 -19.49 19.26 -49.33
N VAL F 119 -19.58 20.56 -49.68
CA VAL F 119 -20.44 21.50 -48.97
C VAL F 119 -21.35 22.16 -50.00
N SER F 120 -22.66 21.84 -49.99
CA SER F 120 -23.67 22.34 -50.94
C SER F 120 -24.23 23.73 -50.55
N SER F 121 -25.30 24.27 -51.21
CA SER F 121 -26.06 25.45 -50.74
C SER F 121 -27.45 25.59 -51.40
N ASN G 16 -57.63 -4.20 -34.05
CA ASN G 16 -58.05 -3.95 -32.65
C ASN G 16 -57.77 -5.22 -31.83
N LEU G 17 -56.81 -5.14 -30.90
CA LEU G 17 -56.73 -5.97 -29.70
C LEU G 17 -55.68 -7.03 -30.01
N CYS G 18 -54.49 -6.96 -29.37
CA CYS G 18 -53.33 -7.74 -29.79
C CYS G 18 -53.58 -9.21 -29.58
N PRO G 19 -53.00 -10.12 -30.39
CA PRO G 19 -53.33 -11.54 -30.31
C PRO G 19 -52.41 -12.30 -29.33
N PHE G 20 -52.43 -11.86 -28.06
CA PHE G 20 -51.63 -12.45 -26.99
C PHE G 20 -52.18 -13.84 -26.68
N GLY G 21 -53.53 -13.95 -26.66
CA GLY G 21 -54.29 -15.19 -26.82
C GLY G 21 -53.57 -16.31 -27.58
N GLU G 22 -53.05 -16.02 -28.76
CA GLU G 22 -52.38 -17.00 -29.59
C GLU G 22 -51.03 -17.45 -29.03
N VAL G 23 -50.31 -16.62 -28.26
CA VAL G 23 -48.97 -16.97 -27.79
C VAL G 23 -49.04 -17.77 -26.47
N PHE G 24 -49.77 -17.18 -25.52
CA PHE G 24 -49.98 -17.73 -24.18
C PHE G 24 -50.84 -19.02 -24.23
N ASN G 25 -52.05 -18.96 -24.84
CA ASN G 25 -52.95 -20.11 -24.99
C ASN G 25 -52.66 -20.98 -26.24
N ALA G 26 -51.48 -20.89 -26.82
CA ALA G 26 -50.95 -21.90 -27.71
C ALA G 26 -51.12 -23.30 -27.14
N THR G 27 -51.72 -24.21 -27.90
CA THR G 27 -51.82 -25.63 -27.57
C THR G 27 -50.46 -26.30 -27.41
N ARG G 28 -49.59 -26.03 -28.39
CA ARG G 28 -48.24 -26.56 -28.42
C ARG G 28 -47.29 -25.39 -28.16
N PHE G 29 -46.11 -25.73 -27.66
CA PHE G 29 -45.10 -24.76 -27.28
C PHE G 29 -43.76 -25.28 -27.71
N ALA G 30 -42.84 -24.37 -27.92
CA ALA G 30 -41.63 -24.67 -28.61
C ALA G 30 -40.65 -25.30 -27.62
N SER G 31 -39.77 -26.16 -28.12
CA SER G 31 -38.50 -26.46 -27.47
C SER G 31 -37.68 -25.20 -27.28
N VAL G 32 -36.84 -25.15 -26.25
CA VAL G 32 -36.08 -23.94 -25.93
C VAL G 32 -34.91 -23.73 -26.89
N TYR G 33 -34.25 -24.78 -27.43
CA TYR G 33 -33.26 -24.57 -28.51
C TYR G 33 -33.91 -23.93 -29.75
N ALA G 34 -35.14 -24.38 -30.03
CA ALA G 34 -35.87 -24.08 -31.22
C ALA G 34 -37.07 -23.17 -30.91
N TRP G 35 -36.76 -22.11 -30.15
CA TRP G 35 -37.77 -21.21 -29.65
C TRP G 35 -38.51 -20.33 -30.67
N ASN G 36 -39.81 -20.20 -30.52
CA ASN G 36 -40.62 -19.30 -31.34
C ASN G 36 -40.48 -17.84 -30.99
N ARG G 37 -40.58 -16.98 -32.02
CA ARG G 37 -40.89 -15.55 -31.97
C ARG G 37 -42.25 -15.28 -32.63
N LYS G 38 -42.83 -14.13 -32.31
CA LYS G 38 -44.12 -13.73 -32.82
C LYS G 38 -44.03 -12.23 -32.79
N ARG G 39 -44.03 -11.56 -33.96
CA ARG G 39 -44.01 -10.11 -34.00
C ARG G 39 -45.46 -9.66 -33.84
N ILE G 40 -45.67 -8.67 -32.96
CA ILE G 40 -46.96 -8.11 -32.62
C ILE G 40 -46.92 -6.69 -33.15
N SER G 41 -47.90 -6.33 -34.01
CA SER G 41 -48.09 -4.96 -34.49
C SER G 41 -49.57 -4.64 -34.73
N ASN G 42 -49.89 -3.34 -34.64
CA ASN G 42 -51.14 -2.73 -35.11
C ASN G 42 -52.30 -3.21 -34.25
N CYS G 43 -52.25 -2.84 -32.97
CA CYS G 43 -53.21 -3.28 -31.94
C CYS G 43 -53.00 -2.52 -30.62
N VAL G 44 -53.97 -2.54 -29.70
CA VAL G 44 -53.81 -1.98 -28.34
C VAL G 44 -53.65 -3.25 -27.51
N ALA G 45 -52.65 -3.30 -26.59
CA ALA G 45 -52.31 -4.46 -25.72
C ALA G 45 -53.28 -4.78 -24.54
N ASP G 46 -53.21 -3.99 -23.43
CA ASP G 46 -53.80 -4.27 -22.12
C ASP G 46 -52.98 -5.35 -21.42
N TYR G 47 -51.77 -4.96 -20.98
CA TYR G 47 -50.89 -5.90 -20.34
C TYR G 47 -51.41 -6.24 -18.91
N SER G 48 -52.38 -5.54 -18.29
CA SER G 48 -52.84 -5.87 -16.92
C SER G 48 -53.55 -7.21 -16.82
N VAL G 49 -54.26 -7.65 -17.87
CA VAL G 49 -54.77 -9.01 -17.99
C VAL G 49 -53.63 -10.02 -17.72
N LEU G 50 -52.42 -9.70 -18.15
CA LEU G 50 -51.21 -10.47 -17.86
C LEU G 50 -50.85 -10.38 -16.39
N TYR G 51 -50.34 -9.26 -15.84
CA TYR G 51 -49.68 -9.21 -14.50
C TYR G 51 -50.59 -9.55 -13.29
N ASN G 52 -51.92 -9.35 -13.44
CA ASN G 52 -52.98 -9.71 -12.50
C ASN G 52 -53.47 -11.15 -12.62
N SER G 53 -53.04 -11.98 -13.56
CA SER G 53 -53.42 -13.40 -13.57
C SER G 53 -52.66 -14.07 -12.46
N ALA G 54 -53.49 -14.56 -11.51
CA ALA G 54 -53.47 -15.89 -10.88
C ALA G 54 -52.45 -16.84 -11.51
N SER G 55 -52.68 -17.13 -12.79
CA SER G 55 -52.09 -18.27 -13.46
C SER G 55 -50.64 -18.08 -13.85
N PHE G 56 -50.01 -16.90 -13.64
CA PHE G 56 -48.59 -16.71 -13.89
C PHE G 56 -47.77 -16.84 -12.62
N SER G 57 -47.14 -17.97 -12.49
CA SER G 57 -46.09 -18.26 -11.56
C SER G 57 -44.97 -17.22 -11.49
N THR G 58 -44.39 -16.76 -12.62
CA THR G 58 -43.34 -15.72 -12.61
C THR G 58 -43.78 -14.52 -13.45
N PHE G 59 -43.23 -13.32 -13.23
CA PHE G 59 -43.61 -12.07 -13.92
C PHE G 59 -42.62 -10.96 -13.58
N LYS G 60 -41.35 -11.08 -13.94
CA LYS G 60 -40.38 -9.97 -13.87
C LYS G 60 -40.50 -9.06 -15.10
N CYS G 61 -40.56 -7.72 -14.92
CA CYS G 61 -40.21 -6.71 -15.90
C CYS G 61 -38.78 -6.23 -15.62
N TYR G 62 -38.15 -5.59 -16.59
CA TYR G 62 -36.71 -5.22 -16.58
C TYR G 62 -36.37 -3.90 -17.31
N GLY G 63 -37.23 -3.39 -18.16
CA GLY G 63 -37.18 -1.97 -18.49
C GLY G 63 -37.85 -1.13 -17.43
N VAL G 64 -39.06 -1.54 -17.12
CA VAL G 64 -40.21 -0.64 -17.02
C VAL G 64 -41.17 -1.24 -15.99
N SER G 65 -41.72 -0.39 -15.12
CA SER G 65 -42.63 -0.83 -14.08
C SER G 65 -43.89 -1.34 -14.79
N PRO G 66 -44.39 -2.58 -14.54
CA PRO G 66 -45.58 -3.07 -15.24
C PRO G 66 -46.86 -2.28 -15.04
N THR G 67 -46.90 -1.45 -13.98
CA THR G 67 -47.84 -0.35 -13.82
C THR G 67 -47.83 0.52 -15.09
N LYS G 68 -46.66 1.14 -15.41
CA LYS G 68 -46.46 2.10 -16.50
C LYS G 68 -46.58 1.53 -17.91
N LEU G 69 -46.41 0.22 -18.11
CA LEU G 69 -46.31 -0.34 -19.44
C LEU G 69 -47.68 -0.54 -20.07
N ASN G 70 -48.80 -0.44 -19.34
CA ASN G 70 -50.09 -0.23 -20.01
C ASN G 70 -50.13 1.12 -20.78
N ASP G 71 -49.46 2.18 -20.26
CA ASP G 71 -49.55 3.56 -20.76
C ASP G 71 -48.50 3.83 -21.88
N LEU G 72 -47.74 2.83 -22.41
CA LEU G 72 -46.54 3.10 -23.20
C LEU G 72 -46.65 2.52 -24.62
N CYS G 73 -46.18 3.30 -25.63
CA CYS G 73 -46.30 2.94 -27.05
C CYS G 73 -44.96 2.45 -27.59
N PHE G 74 -45.01 1.32 -28.35
CA PHE G 74 -43.85 0.72 -28.99
C PHE G 74 -44.11 0.43 -30.47
N THR G 75 -43.06 0.52 -31.30
CA THR G 75 -43.14 0.27 -32.74
C THR G 75 -43.32 -1.22 -33.04
N ASN G 76 -42.71 -2.08 -32.21
CA ASN G 76 -42.94 -3.51 -32.25
C ASN G 76 -42.78 -4.17 -30.88
N VAL G 77 -43.47 -5.33 -30.79
CA VAL G 77 -43.37 -6.23 -29.66
C VAL G 77 -43.10 -7.64 -30.17
N TYR G 78 -42.24 -8.35 -29.43
CA TYR G 78 -41.87 -9.72 -29.73
C TYR G 78 -42.20 -10.66 -28.56
N ALA G 79 -43.11 -11.64 -28.76
CA ALA G 79 -43.32 -12.79 -27.93
C ALA G 79 -42.49 -14.02 -28.36
N ASP G 80 -41.24 -14.02 -27.96
CA ASP G 80 -40.44 -15.23 -27.74
C ASP G 80 -41.17 -16.17 -26.73
N SER G 81 -41.24 -17.51 -26.99
CA SER G 81 -42.03 -18.48 -26.23
C SER G 81 -41.53 -19.92 -26.36
N PHE G 82 -41.11 -20.56 -25.28
CA PHE G 82 -40.59 -21.94 -25.24
C PHE G 82 -40.99 -22.61 -23.91
N VAL G 83 -40.51 -23.84 -23.63
CA VAL G 83 -40.63 -24.59 -22.38
C VAL G 83 -39.23 -25.02 -21.91
N ILE G 84 -39.03 -24.86 -20.58
CA ILE G 84 -37.88 -25.35 -19.82
C ILE G 84 -38.38 -26.01 -18.53
N ARG G 85 -37.43 -26.54 -17.72
CA ARG G 85 -37.71 -26.97 -16.33
C ARG G 85 -37.60 -25.79 -15.35
N GLY G 86 -38.35 -25.90 -14.23
CA GLY G 86 -38.57 -24.83 -13.26
C GLY G 86 -37.25 -24.24 -12.74
N ASP G 87 -36.24 -25.13 -12.54
CA ASP G 87 -34.98 -24.64 -12.04
C ASP G 87 -34.24 -23.84 -13.10
N GLU G 88 -34.56 -24.01 -14.36
CA GLU G 88 -34.03 -23.19 -15.46
C GLU G 88 -34.68 -21.81 -15.59
N VAL G 89 -35.92 -21.57 -15.07
CA VAL G 89 -36.56 -20.25 -15.25
C VAL G 89 -35.75 -19.15 -14.55
N ARG G 90 -34.96 -19.44 -13.49
CA ARG G 90 -33.80 -18.64 -13.04
C ARG G 90 -33.05 -17.92 -14.20
N GLN G 91 -32.77 -18.65 -15.31
CA GLN G 91 -31.81 -18.30 -16.36
C GLN G 91 -32.36 -17.35 -17.43
N ILE G 92 -33.69 -17.22 -17.58
CA ILE G 92 -34.36 -16.30 -18.51
C ILE G 92 -34.34 -14.90 -17.90
N ALA G 93 -33.11 -14.36 -17.77
CA ALA G 93 -32.93 -13.00 -17.32
C ALA G 93 -31.57 -12.45 -17.78
N PRO G 94 -31.44 -11.10 -17.83
CA PRO G 94 -30.13 -10.46 -18.02
C PRO G 94 -29.01 -11.04 -17.18
N GLY G 95 -27.79 -11.07 -17.69
CA GLY G 95 -26.64 -11.39 -16.85
C GLY G 95 -26.53 -12.86 -16.43
N GLN G 96 -27.47 -13.75 -16.84
CA GLN G 96 -27.59 -15.11 -16.29
C GLN G 96 -26.54 -16.01 -16.88
N THR G 97 -26.51 -17.28 -16.49
CA THR G 97 -25.44 -18.21 -16.87
C THR G 97 -25.92 -19.66 -16.75
N GLY G 98 -25.24 -20.66 -17.37
CA GLY G 98 -25.74 -22.04 -17.57
C GLY G 98 -26.40 -22.40 -18.94
N LYS G 99 -26.77 -23.69 -19.03
CA LYS G 99 -27.26 -24.39 -20.20
C LYS G 99 -28.28 -23.51 -20.92
N ILE G 100 -29.26 -22.90 -20.27
CA ILE G 100 -30.24 -22.16 -21.04
C ILE G 100 -29.74 -20.79 -21.52
N ALA G 101 -29.09 -19.97 -20.70
CA ALA G 101 -28.62 -18.64 -21.14
C ALA G 101 -27.52 -18.70 -22.21
N ASP G 102 -26.65 -19.71 -22.06
CA ASP G 102 -25.41 -19.81 -22.82
C ASP G 102 -25.70 -20.45 -24.17
N TYR G 103 -26.48 -21.55 -24.20
CA TYR G 103 -26.67 -22.40 -25.35
C TYR G 103 -28.08 -22.37 -25.95
N ASN G 104 -29.07 -21.66 -25.41
CA ASN G 104 -30.46 -21.85 -25.87
C ASN G 104 -31.18 -20.53 -26.13
N TYR G 105 -31.15 -19.59 -25.15
CA TYR G 105 -31.93 -18.34 -25.15
C TYR G 105 -31.24 -17.33 -24.19
N LYS G 106 -30.46 -16.38 -24.77
CA LYS G 106 -29.76 -15.32 -24.05
C LYS G 106 -30.64 -14.07 -24.17
N LEU G 107 -30.70 -13.33 -23.06
CA LEU G 107 -31.19 -11.96 -23.06
C LEU G 107 -29.98 -11.05 -22.91
N PRO G 108 -30.07 -9.83 -23.49
CA PRO G 108 -28.98 -8.89 -23.38
C PRO G 108 -28.96 -8.25 -22.01
N ASP G 109 -27.80 -7.71 -21.68
CA ASP G 109 -27.53 -7.09 -20.41
C ASP G 109 -28.42 -5.84 -20.29
N ASP G 110 -28.65 -5.14 -21.41
CA ASP G 110 -29.54 -3.99 -21.46
C ASP G 110 -31.02 -4.37 -21.74
N PHE G 111 -31.46 -5.63 -21.50
CA PHE G 111 -32.79 -6.09 -21.88
C PHE G 111 -33.86 -5.24 -21.22
N THR G 112 -34.87 -4.81 -21.99
CA THR G 112 -35.99 -4.06 -21.47
C THR G 112 -37.28 -4.73 -21.91
N GLY G 113 -37.72 -5.70 -21.12
CA GLY G 113 -39.11 -6.10 -21.18
C GLY G 113 -39.45 -7.05 -20.04
N CYS G 114 -40.22 -8.11 -20.30
CA CYS G 114 -40.96 -8.92 -19.35
C CYS G 114 -40.67 -10.39 -19.59
N VAL G 115 -40.29 -11.17 -18.58
CA VAL G 115 -40.36 -12.63 -18.59
C VAL G 115 -41.64 -13.00 -17.87
N ILE G 116 -42.54 -13.77 -18.43
CA ILE G 116 -43.67 -14.39 -17.76
C ILE G 116 -43.39 -15.88 -17.85
N ALA G 117 -43.63 -16.63 -16.77
CA ALA G 117 -43.59 -18.07 -16.87
C ALA G 117 -44.69 -18.67 -16.01
N TRP G 118 -44.93 -19.97 -16.26
CA TRP G 118 -45.90 -20.70 -15.49
C TRP G 118 -45.70 -22.21 -15.64
N ASN G 119 -46.12 -22.94 -14.62
CA ASN G 119 -45.96 -24.37 -14.50
C ASN G 119 -46.97 -24.98 -15.47
N SER G 120 -46.51 -25.95 -16.25
CA SER G 120 -47.36 -26.56 -17.25
C SER G 120 -47.30 -28.04 -17.07
N ASN G 121 -47.27 -28.52 -15.85
CA ASN G 121 -46.96 -29.92 -15.57
C ASN G 121 -48.16 -30.77 -16.00
N ASN G 122 -49.38 -30.23 -15.91
CA ASN G 122 -50.60 -30.88 -16.39
C ASN G 122 -50.52 -31.14 -17.90
N LEU G 123 -50.27 -30.07 -18.71
CA LEU G 123 -50.19 -30.10 -20.17
C LEU G 123 -48.97 -30.87 -20.75
N ASP G 124 -47.76 -30.51 -20.31
CA ASP G 124 -46.49 -30.91 -20.91
C ASP G 124 -45.80 -32.08 -20.20
N SER G 125 -46.54 -32.97 -19.50
CA SER G 125 -45.98 -34.18 -18.90
C SER G 125 -46.79 -35.39 -19.34
N LYS G 126 -46.07 -36.53 -19.36
CA LYS G 126 -46.62 -37.79 -19.82
C LYS G 126 -45.90 -38.93 -19.13
N VAL G 127 -46.69 -40.00 -18.97
CA VAL G 127 -46.33 -41.15 -18.18
C VAL G 127 -45.26 -41.89 -18.98
N GLY G 128 -43.97 -41.86 -18.55
CA GLY G 128 -42.83 -42.42 -19.30
C GLY G 128 -41.91 -41.41 -20.00
N GLY G 129 -42.38 -40.15 -20.06
CA GLY G 129 -41.59 -38.97 -20.39
C GLY G 129 -42.21 -38.32 -21.62
N ASN G 130 -42.16 -36.99 -21.69
CA ASN G 130 -42.53 -36.23 -22.88
C ASN G 130 -41.20 -35.90 -23.52
N TYR G 131 -40.97 -36.57 -24.66
CA TYR G 131 -39.76 -36.37 -25.41
C TYR G 131 -39.80 -35.13 -26.33
N ASN G 132 -40.96 -34.51 -26.56
CA ASN G 132 -41.08 -33.41 -27.51
C ASN G 132 -40.26 -32.18 -27.13
N TYR G 133 -39.99 -31.92 -25.85
CA TYR G 133 -39.27 -30.71 -25.49
C TYR G 133 -37.81 -31.13 -25.43
N LEU G 134 -36.92 -30.23 -25.94
CA LEU G 134 -35.48 -30.51 -25.98
C LEU G 134 -34.72 -29.21 -25.71
N TYR G 135 -33.44 -29.40 -25.47
CA TYR G 135 -32.57 -28.28 -25.16
C TYR G 135 -31.21 -28.71 -25.62
N ARG G 136 -30.33 -27.70 -25.68
CA ARG G 136 -29.00 -27.92 -26.14
C ARG G 136 -28.08 -27.89 -24.95
N LEU G 137 -27.27 -28.93 -24.91
CA LEU G 137 -26.36 -29.15 -23.81
C LEU G 137 -24.95 -28.62 -24.02
N PHE G 138 -24.45 -28.60 -25.26
CA PHE G 138 -23.10 -28.16 -25.59
C PHE G 138 -23.09 -27.22 -26.81
N ARG G 139 -22.05 -26.36 -26.85
CA ARG G 139 -21.86 -25.44 -27.97
C ARG G 139 -20.44 -24.88 -27.99
N LYS G 140 -19.77 -24.88 -29.18
CA LYS G 140 -18.38 -24.44 -29.46
C LYS G 140 -18.07 -23.12 -28.69
N SER G 141 -19.11 -22.25 -28.60
CA SER G 141 -19.13 -21.02 -27.81
C SER G 141 -20.56 -20.64 -27.44
N ASN G 142 -20.72 -19.57 -26.63
CA ASN G 142 -22.01 -19.14 -26.13
C ASN G 142 -22.70 -18.31 -27.21
N LEU G 143 -24.05 -18.28 -27.17
CA LEU G 143 -24.90 -17.46 -28.01
C LEU G 143 -24.68 -15.97 -27.75
N LYS G 144 -24.79 -15.19 -28.84
CA LYS G 144 -25.08 -13.77 -28.75
C LYS G 144 -26.53 -13.63 -28.27
N PRO G 145 -26.87 -12.49 -27.65
CA PRO G 145 -28.25 -12.13 -27.30
C PRO G 145 -29.25 -12.31 -28.41
N PHE G 146 -30.21 -13.20 -28.22
CA PHE G 146 -31.31 -13.43 -29.14
C PHE G 146 -30.91 -14.24 -30.36
N GLU G 147 -29.69 -14.81 -30.44
CA GLU G 147 -29.42 -15.87 -31.41
C GLU G 147 -30.34 -17.07 -31.07
N ARG G 148 -30.63 -17.85 -32.13
CA ARG G 148 -31.17 -19.21 -32.07
C ARG G 148 -30.25 -20.15 -32.85
N ASP G 149 -30.02 -21.38 -32.37
CA ASP G 149 -29.16 -22.37 -33.01
C ASP G 149 -29.94 -23.67 -33.11
N ILE G 150 -30.37 -24.06 -34.32
CA ILE G 150 -31.16 -25.27 -34.47
C ILE G 150 -30.40 -26.38 -35.16
N SER G 151 -29.05 -26.26 -35.09
CA SER G 151 -28.16 -27.17 -35.77
C SER G 151 -28.26 -28.48 -35.02
N THR G 152 -28.26 -29.59 -35.77
CA THR G 152 -27.75 -30.83 -35.18
C THR G 152 -26.22 -30.71 -35.24
N GLU G 153 -25.43 -31.79 -35.26
CA GLU G 153 -23.97 -31.57 -35.33
C GLU G 153 -23.28 -31.93 -34.03
N ILE G 154 -22.81 -33.19 -33.98
CA ILE G 154 -21.82 -33.76 -33.08
C ILE G 154 -20.86 -32.76 -32.39
N TYR G 155 -20.96 -32.64 -31.05
CA TYR G 155 -20.10 -31.76 -30.26
C TYR G 155 -18.76 -32.44 -29.99
N GLN G 156 -17.68 -31.66 -30.15
CA GLN G 156 -16.32 -32.15 -30.31
C GLN G 156 -15.72 -32.46 -28.94
N ALA G 157 -15.89 -31.63 -27.91
CA ALA G 157 -15.61 -31.96 -26.50
C ALA G 157 -14.13 -32.30 -26.19
N GLY G 158 -13.63 -33.45 -26.65
CA GLY G 158 -12.21 -33.77 -26.60
C GLY G 158 -11.41 -32.86 -27.53
N SER G 159 -10.12 -33.17 -27.60
CA SER G 159 -9.45 -33.18 -28.88
C SER G 159 -9.34 -34.66 -29.27
N THR G 160 -8.87 -34.86 -30.51
CA THR G 160 -8.94 -36.11 -31.28
C THR G 160 -10.37 -36.23 -31.83
N PRO G 161 -10.60 -36.14 -33.15
CA PRO G 161 -11.90 -35.64 -33.64
C PRO G 161 -12.91 -36.77 -33.79
N CYS G 162 -14.16 -36.38 -34.04
CA CYS G 162 -15.31 -37.24 -33.84
C CYS G 162 -15.58 -38.22 -35.00
N ASN G 163 -15.46 -37.77 -36.27
CA ASN G 163 -15.64 -38.57 -37.48
C ASN G 163 -17.07 -39.11 -37.56
N GLY G 164 -18.03 -38.24 -37.22
CA GLY G 164 -19.43 -38.59 -37.00
C GLY G 164 -19.72 -39.88 -36.24
N VAL G 165 -18.95 -40.21 -35.17
CA VAL G 165 -19.41 -41.05 -34.07
C VAL G 165 -20.05 -40.10 -33.06
N GLU G 166 -21.18 -40.51 -32.46
CA GLU G 166 -21.54 -40.11 -31.11
C GLU G 166 -21.02 -41.19 -30.16
N GLY G 167 -20.28 -40.79 -29.13
CA GLY G 167 -19.40 -41.68 -28.39
C GLY G 167 -18.76 -40.96 -27.21
N PHE G 168 -17.61 -41.50 -26.77
CA PHE G 168 -16.78 -40.92 -25.71
C PHE G 168 -16.22 -39.60 -26.24
N ASN G 169 -16.48 -38.49 -25.51
CA ASN G 169 -16.04 -37.15 -25.87
C ASN G 169 -16.68 -36.63 -27.18
N CYS G 170 -17.86 -37.14 -27.57
CA CYS G 170 -18.46 -36.85 -28.86
C CYS G 170 -19.98 -36.84 -28.71
N TYR G 171 -20.55 -35.66 -28.37
CA TYR G 171 -21.89 -35.64 -27.80
C TYR G 171 -22.79 -35.22 -28.94
N PHE G 172 -23.87 -35.94 -29.17
CA PHE G 172 -25.01 -35.39 -29.91
C PHE G 172 -25.62 -34.32 -29.01
N PRO G 173 -25.64 -33.03 -29.35
CA PRO G 173 -25.81 -32.01 -28.33
C PRO G 173 -27.24 -31.53 -28.04
N LEU G 174 -28.26 -32.19 -28.58
CA LEU G 174 -29.64 -31.87 -28.23
C LEU G 174 -30.17 -33.03 -27.42
N GLN G 175 -30.57 -32.76 -26.17
CA GLN G 175 -31.13 -33.76 -25.27
C GLN G 175 -32.59 -33.40 -25.02
N SER G 176 -33.36 -34.46 -24.73
CA SER G 176 -34.75 -34.35 -24.39
C SER G 176 -34.91 -34.16 -22.85
N TYR G 177 -36.03 -33.53 -22.41
CA TYR G 177 -36.30 -33.30 -21.00
C TYR G 177 -36.98 -34.50 -20.37
N GLY G 178 -37.94 -35.13 -21.07
CA GLY G 178 -38.62 -36.33 -20.56
C GLY G 178 -39.44 -36.04 -19.29
N PHE G 179 -40.31 -35.03 -19.43
CA PHE G 179 -41.22 -34.55 -18.43
C PHE G 179 -42.24 -35.61 -18.08
N GLN G 180 -42.00 -36.28 -16.93
CA GLN G 180 -42.98 -37.13 -16.24
C GLN G 180 -43.79 -36.26 -15.27
N PRO G 181 -45.03 -36.65 -14.85
CA PRO G 181 -45.82 -35.80 -13.96
C PRO G 181 -45.48 -35.94 -12.46
N THR G 182 -44.54 -36.85 -12.16
CA THR G 182 -44.04 -37.20 -10.85
C THR G 182 -42.53 -36.97 -10.80
N ASN G 183 -42.11 -35.82 -11.33
CA ASN G 183 -40.76 -35.29 -11.01
C ASN G 183 -40.99 -34.26 -9.93
N GLY G 184 -39.88 -33.69 -9.38
CA GLY G 184 -39.90 -32.57 -8.45
C GLY G 184 -40.14 -31.25 -9.15
N VAL G 185 -40.58 -30.19 -8.48
CA VAL G 185 -40.98 -28.97 -9.18
C VAL G 185 -39.81 -28.37 -9.95
N GLY G 186 -38.58 -28.46 -9.40
CA GLY G 186 -37.33 -28.25 -10.17
C GLY G 186 -37.29 -28.82 -11.61
N TYR G 187 -37.70 -30.09 -11.78
CA TYR G 187 -37.65 -30.89 -12.99
C TYR G 187 -39.04 -31.02 -13.64
N GLN G 188 -39.98 -30.09 -13.39
CA GLN G 188 -41.24 -30.15 -14.15
C GLN G 188 -41.34 -28.94 -15.09
N PRO G 189 -42.15 -29.04 -16.15
CA PRO G 189 -42.09 -28.11 -17.24
C PRO G 189 -42.80 -26.80 -16.95
N TYR G 190 -42.10 -25.71 -17.33
CA TYR G 190 -42.56 -24.34 -17.28
C TYR G 190 -42.64 -23.74 -18.70
N ARG G 191 -43.82 -23.33 -19.12
CA ARG G 191 -44.03 -22.46 -20.26
C ARG G 191 -43.56 -21.05 -19.93
N VAL G 192 -42.64 -20.50 -20.72
CA VAL G 192 -42.09 -19.16 -20.59
C VAL G 192 -42.55 -18.30 -21.78
N VAL G 193 -42.54 -16.97 -21.64
CA VAL G 193 -42.94 -16.03 -22.68
C VAL G 193 -42.13 -14.75 -22.45
N VAL G 194 -41.21 -14.37 -23.33
CA VAL G 194 -40.45 -13.15 -23.15
C VAL G 194 -41.08 -12.09 -24.03
N LEU G 195 -41.62 -11.01 -23.45
CA LEU G 195 -42.02 -9.84 -24.20
C LEU G 195 -40.81 -8.92 -24.34
N SER G 196 -40.41 -8.57 -25.58
CA SER G 196 -39.33 -7.64 -25.93
C SER G 196 -40.01 -6.43 -26.61
N PHE G 197 -39.51 -5.21 -26.27
CA PHE G 197 -40.14 -3.93 -26.59
C PHE G 197 -39.08 -3.05 -27.25
N GLU G 198 -39.27 -2.70 -28.55
CA GLU G 198 -38.40 -1.79 -29.29
C GLU G 198 -39.19 -0.52 -29.70
N LEU G 199 -38.61 0.66 -29.38
CA LEU G 199 -38.96 1.94 -30.01
C LEU G 199 -37.97 2.21 -31.18
N LEU G 200 -38.46 2.75 -32.32
CA LEU G 200 -37.77 2.88 -33.62
C LEU G 200 -38.26 4.19 -34.31
N HIS G 201 -38.17 4.31 -35.66
CA HIS G 201 -38.92 5.28 -36.45
C HIS G 201 -40.44 5.04 -36.30
N ALA G 202 -41.11 4.33 -37.24
CA ALA G 202 -42.52 4.50 -37.69
C ALA G 202 -43.48 4.82 -36.53
N PRO G 203 -43.82 6.10 -36.18
CA PRO G 203 -44.36 6.45 -34.85
C PRO G 203 -45.44 5.54 -34.25
N ALA G 204 -45.08 4.66 -33.28
CA ALA G 204 -45.95 3.70 -32.58
C ALA G 204 -46.43 2.56 -33.51
N THR G 205 -47.20 1.61 -32.95
CA THR G 205 -48.09 0.60 -33.55
C THR G 205 -48.83 -0.19 -32.44
N VAL G 206 -48.15 -0.54 -31.31
CA VAL G 206 -48.69 -1.27 -30.16
C VAL G 206 -48.85 -0.34 -28.95
N CYS G 207 -50.07 -0.34 -28.32
CA CYS G 207 -50.55 0.64 -27.32
C CYS G 207 -51.58 -0.02 -26.33
N GLU H 1 -48.69 -31.21 -38.17
CA GLU H 1 -48.74 -30.85 -39.61
C GLU H 1 -48.07 -32.00 -40.35
N VAL H 2 -46.84 -32.32 -39.96
CA VAL H 2 -46.15 -33.57 -40.28
C VAL H 2 -46.64 -34.65 -39.33
N GLN H 3 -46.66 -35.93 -39.81
CA GLN H 3 -46.84 -37.12 -39.03
C GLN H 3 -45.91 -38.24 -39.51
N LEU H 4 -44.86 -38.57 -38.76
CA LEU H 4 -43.95 -39.69 -39.01
C LEU H 4 -44.60 -41.03 -38.63
N VAL H 5 -44.20 -42.17 -39.23
CA VAL H 5 -44.85 -43.48 -39.02
C VAL H 5 -43.85 -44.59 -39.34
N GLU H 6 -43.35 -45.27 -38.28
CA GLU H 6 -42.33 -46.30 -38.40
C GLU H 6 -43.00 -47.59 -38.88
N SER H 7 -42.18 -48.53 -39.37
CA SER H 7 -42.59 -49.84 -39.86
C SER H 7 -41.33 -50.60 -40.29
N GLY H 8 -41.45 -51.88 -40.65
CA GLY H 8 -40.35 -52.84 -40.51
C GLY H 8 -40.25 -53.22 -39.04
N GLY H 9 -39.14 -53.85 -38.71
CA GLY H 9 -38.99 -54.43 -37.38
C GLY H 9 -39.90 -55.64 -37.14
N GLY H 10 -39.59 -56.36 -36.06
CA GLY H 10 -40.11 -57.69 -35.84
C GLY H 10 -39.07 -58.58 -35.20
N SER H 11 -39.36 -59.88 -35.23
CA SER H 11 -38.45 -60.89 -34.72
C SER H 11 -37.39 -61.14 -35.80
N VAL H 12 -36.15 -61.33 -35.37
CA VAL H 12 -35.00 -61.49 -36.25
C VAL H 12 -33.92 -62.30 -35.52
N GLN H 13 -33.34 -63.28 -36.20
CA GLN H 13 -32.18 -64.04 -35.72
C GLN H 13 -30.99 -63.12 -35.42
N ALA H 14 -30.14 -63.42 -34.43
CA ALA H 14 -28.86 -62.73 -34.25
C ALA H 14 -27.90 -62.98 -35.42
N GLY H 15 -27.24 -61.90 -35.88
CA GLY H 15 -26.52 -61.89 -37.14
C GLY H 15 -27.35 -61.57 -38.41
N GLY H 16 -28.68 -61.56 -38.33
CA GLY H 16 -29.53 -61.19 -39.46
C GLY H 16 -29.72 -59.66 -39.52
N SER H 17 -30.68 -59.24 -40.38
CA SER H 17 -30.80 -57.86 -40.78
C SER H 17 -32.25 -57.42 -40.85
N LEU H 18 -32.44 -56.12 -40.95
CA LEU H 18 -33.76 -55.53 -40.92
C LEU H 18 -33.67 -54.10 -41.46
N ARG H 19 -34.71 -53.73 -42.23
CA ARG H 19 -34.78 -52.40 -42.82
C ARG H 19 -36.04 -51.73 -42.27
N LEU H 20 -35.83 -50.65 -41.51
CA LEU H 20 -36.90 -49.95 -40.88
C LEU H 20 -37.16 -48.74 -41.75
N SER H 21 -38.45 -48.44 -41.92
CA SER H 21 -38.98 -47.46 -42.83
C SER H 21 -39.80 -46.48 -42.01
N CYS H 22 -39.56 -45.19 -42.17
CA CYS H 22 -40.39 -44.16 -41.60
C CYS H 22 -40.92 -43.32 -42.74
N VAL H 23 -42.25 -43.05 -42.76
CA VAL H 23 -42.91 -42.38 -43.85
C VAL H 23 -43.53 -41.08 -43.34
N ALA H 24 -42.96 -39.94 -43.76
CA ALA H 24 -43.47 -38.61 -43.42
C ALA H 24 -44.76 -38.36 -44.20
N SER H 25 -45.72 -37.64 -43.59
CA SER H 25 -47.00 -37.36 -44.22
C SER H 25 -47.40 -35.96 -43.82
N GLY H 26 -47.57 -35.05 -44.79
CA GLY H 26 -47.94 -33.68 -44.53
C GLY H 26 -46.82 -32.71 -44.93
N TYR H 27 -47.28 -31.50 -45.11
CA TYR H 27 -46.50 -30.49 -45.81
C TYR H 27 -45.94 -29.63 -44.67
N THR H 28 -44.95 -28.82 -45.02
CA THR H 28 -44.07 -28.15 -44.07
C THR H 28 -43.11 -27.30 -44.94
N TYR H 29 -42.91 -26.06 -44.58
CA TYR H 29 -42.22 -25.13 -45.42
C TYR H 29 -40.71 -25.28 -45.42
N CYS H 30 -40.14 -26.42 -44.99
CA CYS H 30 -38.70 -26.57 -45.02
C CYS H 30 -38.27 -28.01 -44.87
N SER H 31 -37.01 -28.23 -45.19
CA SER H 31 -36.45 -29.56 -45.25
C SER H 31 -35.53 -29.76 -44.05
N TYR H 32 -35.74 -30.89 -43.37
CA TYR H 32 -35.38 -31.07 -41.98
C TYR H 32 -34.52 -32.30 -41.90
N ASP H 33 -33.60 -32.36 -40.92
CA ASP H 33 -32.77 -33.54 -40.71
C ASP H 33 -33.69 -34.61 -40.11
N MET H 34 -33.22 -35.87 -40.03
CA MET H 34 -34.02 -36.91 -39.44
C MET H 34 -33.14 -37.90 -38.69
N SER H 35 -33.72 -38.45 -37.59
CA SER H 35 -32.99 -39.30 -36.67
C SER H 35 -33.71 -40.60 -36.36
N TRP H 36 -32.90 -41.62 -36.10
CA TRP H 36 -33.34 -42.81 -35.39
C TRP H 36 -32.85 -42.79 -33.93
N TYR H 37 -33.80 -42.99 -33.00
CA TYR H 37 -33.61 -43.20 -31.59
C TYR H 37 -34.08 -44.60 -31.28
N ARG H 38 -33.50 -45.17 -30.21
CA ARG H 38 -34.06 -46.38 -29.62
C ARG H 38 -34.11 -46.27 -28.11
N GLN H 39 -35.09 -47.01 -27.55
CA GLN H 39 -35.36 -47.13 -26.13
C GLN H 39 -35.39 -48.62 -25.83
N ALA H 40 -34.31 -49.08 -25.17
CA ALA H 40 -34.20 -50.45 -24.68
C ALA H 40 -35.26 -50.73 -23.58
N PRO H 41 -35.50 -52.01 -23.15
CA PRO H 41 -36.46 -52.31 -22.06
C PRO H 41 -36.23 -51.51 -20.78
N GLY H 42 -37.10 -50.52 -20.43
CA GLY H 42 -36.98 -49.78 -19.19
C GLY H 42 -35.87 -48.72 -19.09
N LYS H 43 -34.70 -48.92 -19.73
CA LYS H 43 -33.67 -47.87 -19.96
C LYS H 43 -34.26 -46.76 -20.85
N GLU H 44 -33.61 -45.56 -20.95
CA GLU H 44 -34.18 -44.38 -21.61
C GLU H 44 -33.86 -44.33 -23.12
N ARG H 45 -34.25 -43.24 -23.83
CA ARG H 45 -34.08 -43.12 -25.31
C ARG H 45 -32.66 -42.68 -25.62
N GLU H 46 -31.88 -43.56 -26.28
CA GLU H 46 -30.56 -43.25 -26.85
C GLU H 46 -30.79 -42.87 -28.35
N PHE H 47 -30.08 -41.82 -28.78
CA PHE H 47 -29.76 -41.57 -30.17
C PHE H 47 -29.05 -42.75 -30.84
N VAL H 48 -29.50 -43.12 -32.07
CA VAL H 48 -28.87 -44.13 -32.94
C VAL H 48 -28.12 -43.43 -34.09
N SER H 49 -28.82 -42.60 -34.90
CA SER H 49 -28.22 -41.85 -36.00
C SER H 49 -29.05 -40.66 -36.43
N ILE H 50 -28.36 -39.78 -37.16
CA ILE H 50 -28.97 -38.67 -37.87
C ILE H 50 -28.52 -38.71 -39.34
N ILE H 51 -29.29 -38.01 -40.18
CA ILE H 51 -28.91 -37.61 -41.50
C ILE H 51 -29.38 -36.19 -41.72
N ARG H 52 -28.51 -35.35 -42.31
CA ARG H 52 -28.86 -33.96 -42.51
C ARG H 52 -29.22 -33.61 -43.95
N ARG H 53 -29.69 -32.36 -44.16
CA ARG H 53 -30.02 -31.82 -45.47
C ARG H 53 -28.83 -31.95 -46.42
N ASP H 54 -27.61 -31.70 -45.90
CA ASP H 54 -26.38 -31.87 -46.67
C ASP H 54 -25.91 -33.31 -46.83
N GLY H 55 -26.72 -34.32 -46.52
CA GLY H 55 -26.38 -35.72 -46.74
C GLY H 55 -25.39 -36.33 -45.73
N SER H 56 -24.89 -35.56 -44.73
CA SER H 56 -23.97 -36.03 -43.70
C SER H 56 -24.73 -36.89 -42.70
N THR H 57 -24.03 -37.95 -42.26
CA THR H 57 -24.53 -38.83 -41.22
C THR H 57 -23.60 -38.79 -40.01
N ALA H 58 -24.21 -38.99 -38.81
CA ALA H 58 -23.56 -39.46 -37.60
C ALA H 58 -24.29 -40.69 -37.13
N TYR H 59 -23.55 -41.58 -36.46
CA TYR H 59 -24.03 -42.82 -35.82
C TYR H 59 -23.58 -42.87 -34.34
N THR H 60 -24.36 -43.51 -33.46
CA THR H 60 -23.91 -43.85 -32.11
C THR H 60 -22.89 -44.99 -32.20
N ASP H 61 -21.83 -44.89 -31.42
CA ASP H 61 -20.63 -45.72 -31.50
C ASP H 61 -20.96 -47.21 -31.45
N ALA H 62 -22.01 -47.58 -30.72
CA ALA H 62 -22.47 -48.95 -30.65
C ALA H 62 -22.87 -49.56 -32.00
N VAL H 63 -23.53 -48.76 -32.88
CA VAL H 63 -24.03 -49.23 -34.19
C VAL H 63 -23.09 -48.90 -35.36
N LYS H 64 -22.00 -48.13 -35.17
CA LYS H 64 -21.00 -47.74 -36.16
C LYS H 64 -20.67 -48.85 -37.15
N GLY H 65 -21.15 -48.78 -38.43
CA GLY H 65 -20.81 -49.75 -39.48
C GLY H 65 -21.39 -51.17 -39.34
N ARG H 66 -22.47 -51.31 -38.57
CA ARG H 66 -23.45 -52.36 -38.73
C ARG H 66 -24.75 -51.75 -39.25
N PHE H 67 -24.89 -50.43 -39.21
CA PHE H 67 -26.12 -49.76 -39.44
C PHE H 67 -25.88 -48.62 -40.44
N ALA H 68 -26.96 -48.30 -41.19
CA ALA H 68 -26.92 -47.23 -42.17
C ALA H 68 -28.24 -46.49 -42.29
N ILE H 69 -28.17 -45.15 -42.35
CA ILE H 69 -29.34 -44.30 -42.52
C ILE H 69 -29.38 -43.75 -43.94
N SER H 70 -30.57 -43.71 -44.57
CA SER H 70 -30.78 -43.28 -45.95
C SER H 70 -32.14 -42.59 -46.10
N ARG H 71 -32.25 -41.59 -46.98
CA ARG H 71 -33.54 -40.98 -47.34
C ARG H 71 -33.82 -41.24 -48.85
N ASP H 72 -35.09 -41.49 -49.21
CA ASP H 72 -35.61 -41.47 -50.58
C ASP H 72 -36.78 -40.49 -50.68
N ASN H 73 -36.44 -39.23 -51.01
CA ASN H 73 -37.37 -38.12 -50.85
C ASN H 73 -38.50 -38.11 -51.90
N ALA H 74 -38.32 -38.90 -52.98
CA ALA H 74 -39.37 -39.39 -53.85
C ALA H 74 -40.61 -39.91 -53.11
N LYS H 75 -40.39 -40.79 -52.09
CA LYS H 75 -41.45 -41.39 -51.29
C LYS H 75 -41.63 -40.77 -49.89
N ASN H 76 -40.81 -39.77 -49.52
CA ASN H 76 -40.75 -39.15 -48.20
C ASN H 76 -40.51 -40.24 -47.18
N THR H 77 -39.39 -40.96 -47.38
CA THR H 77 -39.17 -42.20 -46.67
C THR H 77 -37.74 -42.19 -46.12
N LEU H 78 -37.59 -42.68 -44.88
CA LEU H 78 -36.34 -42.70 -44.15
C LEU H 78 -36.09 -44.16 -43.82
N TYR H 79 -34.85 -44.57 -43.85
CA TYR H 79 -34.49 -45.98 -43.88
C TYR H 79 -33.41 -46.14 -42.82
N LEU H 80 -33.54 -47.19 -42.00
CA LEU H 80 -32.45 -47.67 -41.18
C LEU H 80 -32.20 -49.11 -41.56
N GLN H 81 -31.00 -49.35 -42.04
CA GLN H 81 -30.50 -50.67 -42.36
C GLN H 81 -29.79 -51.05 -41.10
N MET H 82 -30.27 -52.12 -40.48
CA MET H 82 -29.63 -52.72 -39.33
C MET H 82 -29.11 -54.06 -39.81
N ASN H 83 -27.78 -54.24 -39.82
CA ASN H 83 -27.16 -55.53 -40.13
C ASN H 83 -26.42 -56.09 -38.94
N SER H 84 -26.12 -57.40 -39.00
CA SER H 84 -25.40 -58.16 -37.97
C SER H 84 -25.89 -57.74 -36.58
N LEU H 85 -27.21 -57.93 -36.39
CA LEU H 85 -27.92 -57.58 -35.19
C LEU H 85 -27.46 -58.52 -34.06
N GLU H 86 -27.06 -57.87 -32.93
CA GLU H 86 -26.86 -58.49 -31.63
C GLU H 86 -28.17 -58.38 -30.86
N PRO H 87 -28.37 -59.17 -29.75
CA PRO H 87 -29.54 -58.98 -28.87
C PRO H 87 -29.73 -57.61 -28.18
N GLU H 88 -28.61 -56.93 -27.81
CA GLU H 88 -28.52 -55.53 -27.36
C GLU H 88 -29.34 -54.54 -28.20
N ASP H 89 -29.43 -54.81 -29.52
CA ASP H 89 -30.22 -54.03 -30.45
C ASP H 89 -31.73 -54.13 -30.21
N THR H 90 -32.22 -55.06 -29.36
CA THR H 90 -33.64 -55.16 -29.06
C THR H 90 -34.09 -53.90 -28.34
N ALA H 91 -35.21 -53.34 -28.81
CA ALA H 91 -35.62 -51.97 -28.51
C ALA H 91 -36.87 -51.59 -29.29
N MET H 92 -37.56 -50.56 -28.79
CA MET H 92 -38.52 -49.78 -29.55
C MET H 92 -37.69 -48.69 -30.24
N TYR H 93 -37.88 -48.58 -31.58
CA TYR H 93 -37.12 -47.71 -32.44
C TYR H 93 -38.04 -46.61 -32.90
N TYR H 94 -37.52 -45.39 -32.93
CA TYR H 94 -38.34 -44.21 -33.14
C TYR H 94 -37.65 -43.35 -34.19
N CYS H 95 -38.40 -42.83 -35.17
CA CYS H 95 -37.91 -41.78 -36.06
C CYS H 95 -38.32 -40.42 -35.49
N LYS H 96 -37.43 -39.44 -35.68
CA LYS H 96 -37.57 -38.08 -35.22
C LYS H 96 -37.23 -37.12 -36.37
N SER H 97 -38.06 -36.10 -36.59
CA SER H 97 -37.74 -35.05 -37.54
C SER H 97 -37.26 -33.84 -36.76
N TRP H 98 -36.07 -33.27 -37.07
CA TRP H 98 -35.56 -32.11 -36.34
C TRP H 98 -36.16 -30.79 -36.82
N ALA H 99 -35.78 -29.65 -36.25
CA ALA H 99 -36.36 -28.38 -36.57
C ALA H 99 -35.75 -27.83 -37.84
N CYS H 100 -36.38 -26.78 -38.36
CA CYS H 100 -35.88 -25.91 -39.42
C CYS H 100 -36.80 -24.69 -39.47
N SER H 101 -36.24 -23.56 -39.91
CA SER H 101 -37.00 -22.37 -40.26
C SER H 101 -37.21 -22.31 -41.78
N SER H 102 -38.29 -21.59 -42.13
CA SER H 102 -38.35 -20.85 -43.37
C SER H 102 -39.05 -19.52 -43.12
N GLY H 103 -38.25 -18.46 -43.13
CA GLY H 103 -38.78 -17.12 -43.04
C GLY H 103 -39.21 -16.93 -41.60
N GLU H 104 -40.37 -16.28 -41.44
CA GLU H 104 -41.02 -16.11 -40.16
C GLU H 104 -41.43 -17.45 -39.57
N TYR H 105 -41.88 -18.42 -40.36
CA TYR H 105 -42.21 -19.73 -39.81
C TYR H 105 -41.01 -20.55 -39.29
N LEU H 106 -41.40 -21.49 -38.39
CA LEU H 106 -40.54 -22.45 -37.72
C LEU H 106 -41.24 -23.76 -37.47
N TYR H 107 -40.54 -24.83 -37.83
CA TYR H 107 -41.05 -26.17 -37.71
C TYR H 107 -40.25 -26.77 -36.57
N GLN H 108 -41.01 -27.48 -35.73
CA GLN H 108 -40.61 -27.79 -34.37
C GLN H 108 -39.87 -29.13 -34.37
N GLY H 109 -40.57 -30.13 -34.89
CA GLY H 109 -40.02 -31.45 -35.11
C GLY H 109 -41.17 -32.39 -34.84
N ASP H 110 -40.87 -33.69 -34.83
CA ASP H 110 -41.89 -34.67 -34.53
C ASP H 110 -41.18 -35.96 -34.23
N TRP H 111 -41.90 -36.81 -33.45
CA TRP H 111 -41.54 -38.21 -33.27
C TRP H 111 -42.65 -39.08 -33.84
N GLY H 112 -42.32 -40.31 -34.20
CA GLY H 112 -43.33 -41.31 -34.52
C GLY H 112 -43.68 -42.13 -33.28
N GLN H 113 -44.70 -42.99 -33.43
CA GLN H 113 -45.09 -43.90 -32.36
C GLN H 113 -43.97 -44.88 -32.02
N GLY H 114 -43.15 -45.35 -32.97
CA GLY H 114 -42.05 -46.28 -32.75
C GLY H 114 -42.40 -47.70 -33.21
N THR H 115 -41.42 -48.61 -33.35
CA THR H 115 -41.69 -50.01 -33.70
C THR H 115 -40.67 -50.92 -33.01
N GLN H 116 -41.15 -52.16 -32.74
CA GLN H 116 -40.43 -53.09 -31.89
C GLN H 116 -39.54 -53.93 -32.77
N VAL H 117 -38.21 -53.87 -32.52
CA VAL H 117 -37.22 -54.81 -33.01
C VAL H 117 -36.79 -55.71 -31.87
N THR H 118 -36.55 -56.98 -32.18
CA THR H 118 -36.58 -58.06 -31.20
C THR H 118 -35.63 -59.13 -31.71
N VAL H 119 -34.49 -59.32 -31.05
CA VAL H 119 -33.31 -59.94 -31.64
C VAL H 119 -32.89 -61.11 -30.75
N SER H 120 -33.04 -62.35 -31.25
CA SER H 120 -32.79 -63.59 -30.53
C SER H 120 -31.29 -63.95 -30.36
N SER H 121 -30.94 -64.98 -29.57
CA SER H 121 -29.60 -65.13 -29.00
C SER H 121 -28.85 -66.16 -29.82
N ALA H 122 -27.55 -65.87 -30.09
CA ALA H 122 -26.55 -66.72 -30.76
C ALA H 122 -26.15 -67.94 -29.91
N ALA H 123 -26.58 -69.15 -30.34
CA ALA H 123 -26.89 -70.23 -29.41
C ALA H 123 -27.06 -71.52 -30.21
N THR I 15 21.89 16.11 71.29
CA THR I 15 22.10 16.30 69.84
C THR I 15 23.17 15.28 69.38
N ASN I 16 22.69 14.08 68.95
CA ASN I 16 23.51 13.09 68.25
C ASN I 16 22.68 12.33 67.18
N LEU I 17 23.02 12.45 65.88
CA LEU I 17 22.50 11.80 64.65
C LEU I 17 21.14 11.08 64.70
N CYS I 18 20.08 11.69 64.16
CA CYS I 18 18.72 11.16 64.27
C CYS I 18 18.59 9.78 63.63
N PRO I 19 17.69 8.90 64.09
CA PRO I 19 17.66 7.51 63.62
C PRO I 19 16.76 7.28 62.40
N PHE I 20 17.00 8.03 61.30
CA PHE I 20 16.16 7.96 60.09
C PHE I 20 16.36 6.60 59.41
N GLY I 21 17.62 6.10 59.38
CA GLY I 21 18.00 4.71 59.19
C GLY I 21 16.94 3.66 59.58
N GLU I 22 16.43 3.77 60.80
CA GLU I 22 15.44 2.84 61.33
C GLU I 22 14.07 2.94 60.64
N VAL I 23 13.64 4.13 60.16
CA VAL I 23 12.28 4.33 59.65
C VAL I 23 12.25 3.95 58.15
N PHE I 24 13.20 4.51 57.39
CA PHE I 24 13.34 4.34 55.95
C PHE I 24 13.75 2.91 55.62
N ASN I 25 14.86 2.42 56.17
CA ASN I 25 15.34 1.05 55.92
C ASN I 25 14.75 -0.03 56.88
N ALA I 26 13.63 0.29 57.56
CA ALA I 26 12.86 -0.68 58.32
C ALA I 26 12.62 -1.96 57.56
N THR I 27 12.98 -3.14 58.12
CA THR I 27 12.91 -4.39 57.37
C THR I 27 11.45 -4.80 57.06
N ARG I 28 10.46 -4.52 57.92
CA ARG I 28 9.04 -4.62 57.57
C ARG I 28 8.39 -3.27 57.82
N PHE I 29 7.16 -3.13 57.35
CA PHE I 29 6.45 -1.87 57.35
C PHE I 29 5.01 -2.15 57.69
N ALA I 30 4.36 -1.12 58.17
CA ALA I 30 3.05 -1.32 58.79
C ALA I 30 2.00 -1.34 57.70
N SER I 31 0.91 -2.07 57.92
CA SER I 31 -0.35 -1.82 57.21
C SER I 31 -0.83 -0.38 57.43
N VAL I 32 -1.57 0.17 56.47
CA VAL I 32 -2.04 1.54 56.55
C VAL I 32 -3.17 1.74 57.56
N TYR I 33 -4.05 0.77 57.84
CA TYR I 33 -5.01 0.89 58.96
C TYR I 33 -4.27 1.03 60.31
N ALA I 34 -3.16 0.25 60.40
CA ALA I 34 -2.39 0.05 61.61
C ALA I 34 -0.99 0.66 61.49
N TRP I 35 -1.01 1.92 61.01
CA TRP I 35 0.21 2.65 60.71
C TRP I 35 1.12 3.03 61.85
N ASN I 36 2.43 2.92 61.63
CA ASN I 36 3.42 3.34 62.64
C ASN I 36 3.58 4.84 62.84
N ARG I 37 3.76 5.33 64.08
CA ARG I 37 4.40 6.60 64.42
C ARG I 37 5.72 6.33 65.18
N LYS I 38 6.64 7.31 65.09
CA LYS I 38 7.98 7.23 65.63
C LYS I 38 8.28 8.66 66.01
N ARG I 39 8.37 9.01 67.30
CA ARG I 39 8.68 10.37 67.70
C ARG I 39 10.21 10.45 67.67
N ILE I 40 10.72 11.54 67.08
CA ILE I 40 12.13 11.81 66.88
C ILE I 40 12.42 13.01 67.77
N SER I 41 13.38 12.82 68.71
CA SER I 41 13.87 13.90 69.55
C SER I 41 15.36 13.76 69.87
N ASN I 42 16.02 14.91 70.10
CA ASN I 42 17.32 15.02 70.75
C ASN I 42 18.36 14.49 69.79
N CYS I 43 18.49 15.18 68.65
CA CYS I 43 19.37 14.76 67.56
C CYS I 43 19.50 15.85 66.49
N VAL I 44 20.51 15.67 65.61
CA VAL I 44 20.83 16.63 64.55
C VAL I 44 19.76 16.52 63.47
N ALA I 45 19.82 15.50 62.57
CA ALA I 45 18.93 15.25 61.41
C ALA I 45 19.76 14.96 60.15
N ASP I 46 20.04 15.99 59.31
CA ASP I 46 20.54 15.88 57.94
C ASP I 46 19.44 15.31 57.03
N TYR I 47 18.48 16.18 56.71
CA TYR I 47 17.40 15.88 55.79
C TYR I 47 17.94 15.68 54.37
N SER I 48 19.12 16.20 53.97
CA SER I 48 19.54 16.15 52.57
C SER I 48 19.86 14.73 52.08
N VAL I 49 20.34 13.83 52.98
CA VAL I 49 20.42 12.39 52.67
C VAL I 49 19.09 11.89 52.09
N LEU I 50 17.97 12.41 52.66
CA LEU I 50 16.62 12.12 52.19
C LEU I 50 16.39 12.73 50.80
N TYR I 51 16.25 14.06 50.63
CA TYR I 51 15.69 14.69 49.40
C TYR I 51 16.53 14.46 48.13
N ASN I 52 17.86 14.24 48.31
CA ASN I 52 18.82 13.90 47.25
C ASN I 52 18.88 12.41 46.88
N SER I 53 18.23 11.47 47.58
CA SER I 53 18.21 10.08 47.13
C SER I 53 17.41 9.98 45.84
N ALA I 54 18.18 9.54 44.82
CA ALA I 54 17.85 8.50 43.84
C ALA I 54 16.51 7.79 44.09
N SER I 55 16.44 7.14 45.25
CA SER I 55 15.49 6.09 45.54
C SER I 55 14.09 6.59 45.86
N PHE I 56 13.82 7.91 46.03
CA PHE I 56 12.44 8.33 46.41
C PHE I 56 11.63 8.80 45.21
N SER I 57 10.69 7.95 44.84
CA SER I 57 9.65 8.23 43.87
C SER I 57 8.87 9.51 44.17
N THR I 58 8.44 9.80 45.38
CA THR I 58 7.72 11.02 45.74
C THR I 58 8.49 11.75 46.84
N PHE I 59 8.38 13.08 46.92
CA PHE I 59 9.03 13.90 47.95
C PHE I 59 8.39 15.29 47.93
N LYS I 60 7.10 15.41 48.21
CA LYS I 60 6.41 16.68 48.40
C LYS I 60 6.67 17.20 49.83
N CYS I 61 6.97 18.50 49.96
CA CYS I 61 6.97 19.25 51.21
C CYS I 61 5.85 20.26 51.10
N TYR I 62 5.30 20.66 52.27
CA TYR I 62 4.10 21.48 52.36
C TYR I 62 4.20 22.66 53.33
N GLY I 63 5.28 22.79 54.12
CA GLY I 63 5.53 24.01 54.87
C GLY I 63 6.76 24.80 54.41
N VAL I 64 7.76 24.10 53.87
CA VAL I 64 9.16 24.49 53.98
C VAL I 64 9.87 24.00 52.72
N SER I 65 10.62 24.89 52.04
CA SER I 65 11.43 24.46 50.90
C SER I 65 12.56 23.59 51.51
N PRO I 66 12.75 22.30 51.12
CA PRO I 66 13.59 21.40 51.90
C PRO I 66 15.08 21.71 51.85
N THR I 67 15.55 22.66 51.04
CA THR I 67 16.86 23.29 51.35
C THR I 67 16.79 23.97 52.73
N LYS I 68 15.86 24.95 52.87
CA LYS I 68 15.58 25.72 54.09
C LYS I 68 14.73 24.94 55.10
N LEU I 69 14.97 23.63 55.27
CA LEU I 69 14.67 22.90 56.51
C LEU I 69 15.90 22.19 57.08
N ASN I 70 17.03 22.07 56.34
CA ASN I 70 18.27 21.67 56.99
C ASN I 70 18.77 22.76 57.95
N ASP I 71 18.48 24.06 57.68
CA ASP I 71 18.90 25.19 58.54
C ASP I 71 17.83 25.50 59.63
N LEU I 72 17.03 24.53 60.12
CA LEU I 72 15.76 24.75 60.84
C LEU I 72 15.60 23.78 62.04
N CYS I 73 14.88 24.27 63.09
CA CYS I 73 14.83 23.71 64.43
C CYS I 73 13.38 23.57 64.94
N PHE I 74 13.05 22.37 65.49
CA PHE I 74 11.71 21.95 65.90
C PHE I 74 11.77 21.20 67.23
N THR I 75 10.68 21.28 68.02
CA THR I 75 10.58 20.66 69.33
C THR I 75 10.39 19.14 69.21
N ASN I 76 9.66 18.69 68.17
CA ASN I 76 9.48 17.28 67.87
C ASN I 76 9.21 17.03 66.40
N VAL I 77 9.52 15.79 65.99
CA VAL I 77 9.29 15.30 64.65
C VAL I 77 8.65 13.92 64.75
N TYR I 78 7.71 13.65 63.84
CA TYR I 78 6.98 12.39 63.79
C TYR I 78 7.09 11.71 62.41
N ALA I 79 7.56 10.46 62.40
CA ALA I 79 7.65 9.57 61.26
C ALA I 79 6.51 8.54 61.30
N ASP I 80 5.35 9.01 60.86
CA ASP I 80 4.25 8.15 60.38
C ASP I 80 4.74 7.33 59.16
N SER I 81 4.50 6.00 59.08
CA SER I 81 5.10 5.10 58.08
C SER I 81 4.27 3.84 57.81
N PHE I 82 3.68 3.69 56.62
CA PHE I 82 2.83 2.56 56.22
C PHE I 82 3.07 2.15 54.75
N VAL I 83 2.29 1.21 54.18
CA VAL I 83 2.25 0.80 52.78
C VAL I 83 0.83 0.95 52.25
N ILE I 84 0.73 1.47 51.04
CA ILE I 84 -0.48 1.55 50.21
C ILE I 84 -0.11 1.14 48.76
N ARG I 85 -1.14 1.08 47.88
CA ARG I 85 -0.93 0.97 46.44
C ARG I 85 -0.68 2.36 45.83
N GLY I 86 0.06 2.35 44.70
CA GLY I 86 0.60 3.55 44.12
C GLY I 86 -0.44 4.59 43.81
N ASP I 87 -1.61 4.15 43.33
CA ASP I 87 -2.65 5.12 42.99
C ASP I 87 -3.23 5.77 44.26
N GLU I 88 -3.07 5.13 45.43
CA GLU I 88 -3.43 5.75 46.71
C GLU I 88 -2.44 6.83 47.21
N VAL I 89 -1.17 6.87 46.77
CA VAL I 89 -0.24 7.86 47.32
C VAL I 89 -0.68 9.29 46.98
N ARG I 90 -1.45 9.53 45.91
CA ARG I 90 -2.26 10.74 45.70
C ARG I 90 -2.99 11.27 46.96
N GLN I 91 -3.52 10.35 47.80
CA GLN I 91 -4.39 10.69 48.93
C GLN I 91 -3.65 11.12 50.22
N ILE I 92 -2.36 10.85 50.37
CA ILE I 92 -1.51 11.28 51.48
C ILE I 92 -1.09 12.74 51.19
N ALA I 93 -2.09 13.63 51.21
CA ALA I 93 -1.88 15.06 51.12
C ALA I 93 -3.03 15.85 51.75
N PRO I 94 -2.81 17.14 52.09
CA PRO I 94 -3.90 18.00 52.55
C PRO I 94 -5.15 17.97 51.68
N GLY I 95 -6.34 18.12 52.28
CA GLY I 95 -7.57 18.25 51.54
C GLY I 95 -8.07 16.97 50.87
N GLN I 96 -7.40 15.81 51.01
CA GLN I 96 -7.63 14.65 50.15
C GLN I 96 -8.89 13.88 50.53
N THR I 97 -9.23 12.81 49.79
CA THR I 97 -10.52 12.12 49.95
C THR I 97 -10.44 10.70 49.36
N GLY I 98 -11.35 9.75 49.75
CA GLY I 98 -11.27 8.31 49.44
C GLY I 98 -10.76 7.37 50.57
N LYS I 99 -10.72 6.06 50.28
CA LYS I 99 -10.52 4.98 51.23
C LYS I 99 -9.34 5.31 52.15
N ILE I 100 -8.19 5.80 51.64
CA ILE I 100 -7.09 6.05 52.56
C ILE I 100 -7.28 7.31 53.41
N ALA I 101 -7.71 8.47 52.89
CA ALA I 101 -7.86 9.67 53.70
C ALA I 101 -8.96 9.57 54.75
N ASP I 102 -10.02 8.88 54.36
CA ASP I 102 -11.25 8.85 55.13
C ASP I 102 -11.17 7.81 56.23
N TYR I 103 -10.67 6.60 55.94
CA TYR I 103 -10.75 5.42 56.81
C TYR I 103 -9.39 4.93 57.29
N ASN I 104 -8.23 5.49 56.91
CA ASN I 104 -6.95 4.84 57.23
C ASN I 104 -5.90 5.81 57.76
N TYR I 105 -5.65 6.98 57.09
CA TYR I 105 -4.60 7.94 57.42
C TYR I 105 -5.02 9.31 56.88
N LYS I 106 -5.51 10.25 57.74
CA LYS I 106 -5.85 11.61 57.34
C LYS I 106 -4.68 12.53 57.69
N LEU I 107 -4.35 13.49 56.79
CA LEU I 107 -3.55 14.65 57.12
C LEU I 107 -4.46 15.88 57.24
N PRO I 108 -4.03 16.86 58.05
CA PRO I 108 -4.84 18.06 58.24
C PRO I 108 -4.66 19.01 57.07
N ASP I 109 -5.64 19.91 56.99
CA ASP I 109 -5.71 20.92 55.96
C ASP I 109 -4.53 21.88 56.11
N ASP I 110 -4.13 22.17 57.35
CA ASP I 110 -2.99 23.02 57.62
C ASP I 110 -1.64 22.27 57.66
N PHE I 111 -1.52 21.00 57.13
CA PHE I 111 -0.36 20.14 57.39
C PHE I 111 0.94 20.84 56.98
N THR I 112 1.96 20.76 57.82
CA THR I 112 3.28 21.31 57.52
C THR I 112 4.33 20.20 57.76
N GLY I 113 4.57 19.43 56.72
CA GLY I 113 5.80 18.69 56.62
C GLY I 113 5.94 18.07 55.25
N CYS I 114 6.42 16.82 55.19
CA CYS I 114 7.00 16.17 54.04
C CYS I 114 6.39 14.78 53.90
N VAL I 115 5.84 14.43 52.73
CA VAL I 115 5.49 13.06 52.39
C VAL I 115 6.62 12.50 51.52
N ILE I 116 7.18 11.34 51.86
CA ILE I 116 8.15 10.64 51.04
C ILE I 116 7.47 9.34 50.70
N ALA I 117 7.47 8.93 49.41
CA ALA I 117 7.06 7.57 49.08
C ALA I 117 8.00 6.97 48.05
N TRP I 118 7.94 5.66 47.93
CA TRP I 118 8.72 4.93 46.95
C TRP I 118 8.11 3.55 46.72
N ASN I 119 8.35 3.03 45.52
CA ASN I 119 7.76 1.79 45.07
C ASN I 119 8.53 0.69 45.80
N SER I 120 7.82 -0.31 46.33
CA SER I 120 8.45 -1.37 47.08
C SER I 120 8.04 -2.70 46.49
N ASN I 121 7.94 -2.78 45.17
CA ASN I 121 7.28 -3.92 44.53
C ASN I 121 8.21 -5.15 44.63
N ASN I 122 9.52 -4.95 44.64
CA ASN I 122 10.51 -6.00 44.89
C ASN I 122 10.35 -6.62 46.28
N LEU I 123 10.34 -5.79 47.36
CA LEU I 123 10.22 -6.22 48.76
C LEU I 123 8.83 -6.74 49.15
N ASP I 124 7.75 -5.99 48.87
CA ASP I 124 6.41 -6.19 49.42
C ASP I 124 5.45 -6.90 48.45
N SER I 125 5.99 -7.73 47.50
CA SER I 125 5.17 -8.57 46.65
C SER I 125 5.64 -10.01 46.73
N LYS I 126 4.70 -10.92 46.38
CA LYS I 126 4.92 -12.36 46.46
C LYS I 126 3.93 -13.07 45.53
N VAL I 127 4.35 -14.25 45.09
CA VAL I 127 3.74 -14.89 43.92
C VAL I 127 2.41 -15.45 44.43
N GLY I 128 1.26 -14.85 44.03
CA GLY I 128 -0.07 -15.23 44.53
C GLY I 128 -0.67 -14.30 45.61
N GLY I 129 0.12 -13.26 45.97
CA GLY I 129 -0.32 -12.18 46.82
C GLY I 129 0.39 -12.16 48.18
N ASN I 130 0.75 -10.96 48.66
CA ASN I 130 1.26 -10.70 50.00
C ASN I 130 0.04 -10.21 50.77
N TYR I 131 -0.41 -11.08 51.69
CA TYR I 131 -1.58 -10.78 52.48
C TYR I 131 -1.26 -9.93 53.71
N ASN I 132 0.03 -9.71 54.07
CA ASN I 132 0.38 -8.97 55.27
C ASN I 132 -0.17 -7.55 55.34
N TYR I 133 -0.29 -6.86 54.20
CA TYR I 133 -0.69 -5.47 54.19
C TYR I 133 -2.20 -5.49 54.10
N LEU I 134 -2.85 -4.59 54.85
CA LEU I 134 -4.29 -4.45 54.86
C LEU I 134 -4.64 -2.98 54.95
N TYR I 135 -5.93 -2.75 54.80
CA TYR I 135 -6.46 -1.41 54.82
C TYR I 135 -7.91 -1.59 55.17
N ARG I 136 -8.54 -0.48 55.50
CA ARG I 136 -9.87 -0.49 56.04
C ARG I 136 -10.77 0.06 54.97
N LEU I 137 -11.81 -0.73 54.68
CA LEU I 137 -12.68 -0.43 53.58
C LEU I 137 -13.92 0.37 53.95
N PHE I 138 -14.45 0.18 55.18
CA PHE I 138 -15.66 0.87 55.64
C PHE I 138 -15.51 1.44 57.05
N ARG I 139 -16.26 2.53 57.31
CA ARG I 139 -16.24 3.19 58.60
C ARG I 139 -17.43 4.15 58.78
N LYS I 140 -18.19 4.02 59.90
CA LYS I 140 -19.45 4.73 60.21
C LYS I 140 -19.26 6.26 60.03
N SER I 141 -18.01 6.77 60.19
CA SER I 141 -17.63 8.12 59.76
C SER I 141 -16.12 8.20 59.49
N ASN I 142 -15.67 9.39 59.04
CA ASN I 142 -14.29 9.58 58.64
C ASN I 142 -13.43 9.84 59.88
N LEU I 143 -12.13 9.49 59.76
CA LEU I 143 -11.07 9.85 60.69
C LEU I 143 -10.86 11.37 60.82
N LYS I 144 -10.58 11.76 62.08
CA LYS I 144 -9.97 13.03 62.46
C LYS I 144 -8.53 12.99 61.94
N PRO I 145 -7.88 14.14 61.66
CA PRO I 145 -6.46 14.19 61.29
C PRO I 145 -5.55 13.48 62.27
N PHE I 146 -4.85 12.47 61.79
CA PHE I 146 -3.91 11.65 62.53
C PHE I 146 -4.60 10.65 63.47
N GLU I 147 -5.94 10.45 63.46
CA GLU I 147 -6.54 9.27 64.08
C GLU I 147 -6.00 8.00 63.38
N ARG I 148 -5.95 6.92 64.18
CA ARG I 148 -5.74 5.54 63.79
C ARG I 148 -6.86 4.69 64.42
N ASP I 149 -7.34 3.62 63.77
CA ASP I 149 -8.44 2.76 64.19
C ASP I 149 -8.03 1.33 63.87
N ILE I 150 -7.76 0.50 64.90
CA ILE I 150 -7.35 -0.88 64.66
C ILE I 150 -8.41 -1.87 65.09
N SER I 151 -9.67 -1.36 65.15
CA SER I 151 -10.81 -2.16 65.50
C SER I 151 -11.01 -3.20 64.41
N THR I 152 -11.29 -4.44 64.79
CA THR I 152 -12.06 -5.32 63.93
C THR I 152 -13.53 -4.86 64.11
N GLU I 153 -14.56 -5.69 63.92
CA GLU I 153 -15.93 -5.20 64.14
C GLU I 153 -16.70 -4.94 62.81
N ILE I 154 -17.75 -5.76 62.64
CA ILE I 154 -18.38 -6.05 61.35
C ILE I 154 -19.13 -4.80 60.93
N TYR I 155 -18.91 -4.30 59.69
CA TYR I 155 -19.52 -3.07 59.18
C TYR I 155 -20.99 -3.31 58.83
N GLN I 156 -21.84 -2.34 59.25
CA GLN I 156 -23.27 -2.53 59.27
C GLN I 156 -23.90 -2.36 57.88
N ALA I 157 -23.51 -1.36 57.09
CA ALA I 157 -23.82 -1.28 55.65
C ALA I 157 -25.29 -1.08 55.30
N GLY I 158 -26.11 -2.12 55.46
CA GLY I 158 -27.54 -2.00 55.32
C GLY I 158 -28.12 -1.35 56.58
N SER I 159 -29.42 -1.59 56.77
CA SER I 159 -29.95 -1.98 58.06
C SER I 159 -30.19 -3.49 57.96
N THR I 160 -30.77 -4.06 59.02
CA THR I 160 -30.81 -5.49 59.35
C THR I 160 -29.46 -5.83 59.98
N PRO I 161 -29.35 -6.10 61.31
CA PRO I 161 -28.06 -5.97 61.99
C PRO I 161 -27.28 -7.28 61.90
N CYS I 162 -26.00 -7.22 62.25
CA CYS I 162 -25.02 -8.20 61.77
C CYS I 162 -24.95 -9.46 62.61
N ASN I 163 -24.96 -9.34 63.95
CA ASN I 163 -25.02 -10.45 64.91
C ASN I 163 -23.76 -11.32 64.79
N GLY I 164 -22.58 -10.69 64.58
CA GLY I 164 -21.35 -11.38 64.20
C GLY I 164 -21.53 -12.54 63.19
N VAL I 165 -22.28 -12.26 62.12
CA VAL I 165 -22.29 -12.99 60.86
C VAL I 165 -21.68 -12.02 59.86
N GLU I 166 -20.74 -12.50 59.05
CA GLU I 166 -20.20 -11.76 57.93
C GLU I 166 -20.89 -12.31 56.69
N GLY I 167 -21.43 -11.44 55.86
CA GLY I 167 -22.57 -11.82 55.04
C GLY I 167 -23.05 -10.67 54.16
N PHE I 168 -24.32 -10.77 53.72
CA PHE I 168 -25.00 -9.75 52.93
C PHE I 168 -25.14 -8.50 53.81
N ASN I 169 -24.59 -7.37 53.35
CA ASN I 169 -24.60 -6.10 54.06
C ASN I 169 -23.81 -6.15 55.38
N CYS I 170 -22.85 -7.09 55.55
CA CYS I 170 -22.16 -7.33 56.80
C CYS I 170 -20.67 -7.60 56.56
N TYR I 171 -19.86 -6.52 56.46
CA TYR I 171 -18.56 -6.65 55.84
C TYR I 171 -17.61 -6.64 57.01
N PHE I 172 -16.73 -7.65 57.08
CA PHE I 172 -15.57 -7.58 57.96
C PHE I 172 -14.65 -6.51 57.39
N PRO I 173 -14.34 -5.41 58.05
CA PRO I 173 -13.96 -4.19 57.32
C PRO I 173 -12.50 -3.95 56.99
N LEU I 174 -11.64 -4.93 57.24
CA LEU I 174 -10.22 -4.85 56.90
C LEU I 174 -10.04 -5.85 55.77
N GLN I 175 -9.55 -5.34 54.63
CA GLN I 175 -9.26 -6.13 53.45
C GLN I 175 -7.76 -6.11 53.23
N SER I 176 -7.30 -7.21 52.64
CA SER I 176 -5.91 -7.38 52.25
C SER I 176 -5.68 -6.81 50.83
N TYR I 177 -4.44 -6.37 50.52
CA TYR I 177 -4.07 -5.84 49.22
C TYR I 177 -3.61 -6.98 48.30
N GLY I 178 -2.85 -7.97 48.81
CA GLY I 178 -2.49 -9.14 47.99
C GLY I 178 -1.57 -8.77 46.82
N PHE I 179 -0.50 -8.08 47.18
CA PHE I 179 0.51 -7.54 46.27
C PHE I 179 1.26 -8.68 45.59
N GLN I 180 0.90 -8.90 44.32
CA GLN I 180 1.60 -9.77 43.39
C GLN I 180 2.65 -8.93 42.64
N PRO I 181 3.76 -9.53 42.12
CA PRO I 181 4.80 -8.72 41.48
C PRO I 181 4.49 -8.39 40.01
N THR I 182 3.36 -8.89 39.48
CA THR I 182 2.93 -8.75 38.11
C THR I 182 1.66 -7.89 38.06
N ASN I 183 1.27 -7.19 39.12
CA ASN I 183 0.23 -6.16 38.98
C ASN I 183 0.89 -4.94 38.31
N GLY I 184 0.04 -4.03 37.81
CA GLY I 184 0.46 -2.77 37.24
C GLY I 184 0.72 -1.73 38.32
N VAL I 185 1.41 -0.64 37.96
CA VAL I 185 2.03 0.23 38.95
C VAL I 185 1.00 0.85 39.85
N GLY I 186 -0.17 1.20 39.33
CA GLY I 186 -1.30 1.60 40.18
C GLY I 186 -1.58 0.70 41.41
N TYR I 187 -1.55 -0.61 41.23
CA TYR I 187 -1.90 -1.65 42.19
C TYR I 187 -0.63 -2.34 42.69
N GLN I 188 0.54 -1.69 42.69
CA GLN I 188 1.70 -2.30 43.36
C GLN I 188 2.07 -1.46 44.58
N PRO I 189 2.80 -2.04 45.55
CA PRO I 189 2.95 -1.42 46.85
C PRO I 189 3.98 -0.30 46.86
N TYR I 190 3.59 0.81 47.54
CA TYR I 190 4.42 1.97 47.85
C TYR I 190 4.59 2.11 49.38
N ARG I 191 5.85 2.03 49.86
CA ARG I 191 6.20 2.46 51.21
C ARG I 191 6.18 3.98 51.30
N VAL I 192 5.38 4.53 52.20
CA VAL I 192 5.22 5.94 52.46
C VAL I 192 5.80 6.28 53.83
N VAL I 193 6.11 7.56 54.09
CA VAL I 193 6.67 8.05 55.34
C VAL I 193 6.23 9.51 55.46
N VAL I 194 5.41 9.92 56.43
CA VAL I 194 5.09 11.34 56.58
C VAL I 194 5.93 11.88 57.70
N LEU I 195 6.81 12.86 57.43
CA LEU I 195 7.44 13.65 58.47
C LEU I 195 6.53 14.80 58.85
N SER I 196 6.12 14.92 60.14
CA SER I 196 5.33 16.02 60.74
C SER I 196 6.23 16.83 61.68
N PHE I 197 6.11 18.17 61.67
CA PHE I 197 7.06 19.10 62.32
C PHE I 197 6.25 20.04 63.20
N GLU I 198 6.43 19.95 64.54
CA GLU I 198 5.79 20.84 65.51
C GLU I 198 6.84 21.69 66.23
N LEU I 199 6.60 23.02 66.26
CA LEU I 199 7.11 23.95 67.26
C LEU I 199 6.08 24.06 68.42
N LEU I 200 6.56 24.23 69.67
CA LEU I 200 5.77 24.17 70.93
C LEU I 200 6.25 25.28 71.90
N HIS I 201 6.04 25.13 73.24
CA HIS I 201 6.94 25.75 74.23
C HIS I 201 8.31 25.03 74.13
N ALA I 202 8.56 23.98 74.97
CA ALA I 202 9.87 23.48 75.44
C ALA I 202 11.02 23.69 74.44
N PRO I 203 11.80 24.83 74.50
CA PRO I 203 12.64 25.26 73.36
C PRO I 203 13.51 24.19 72.67
N ALA I 204 13.15 23.77 71.44
CA ALA I 204 13.97 22.97 70.49
C ALA I 204 14.14 21.52 70.93
N THR I 205 14.78 20.68 70.05
CA THR I 205 15.38 19.33 70.27
C THR I 205 16.03 18.77 68.97
N VAL I 206 15.38 18.97 67.78
CA VAL I 206 15.80 18.45 66.47
C VAL I 206 16.22 19.59 65.54
N CYS I 207 17.39 19.55 64.80
CA CYS I 207 17.77 20.64 63.86
C CYS I 207 18.67 20.17 62.68
N VAL J 2 6.27 -13.02 67.62
CA VAL J 2 5.02 -13.87 67.45
C VAL J 2 5.08 -14.67 66.13
N GLN J 3 4.91 -16.02 66.18
CA GLN J 3 4.99 -16.94 65.04
C GLN J 3 3.83 -17.97 65.16
N LEU J 4 2.72 -17.79 64.41
CA LEU J 4 1.54 -18.67 64.45
C LEU J 4 1.84 -19.96 63.66
N VAL J 5 1.27 -21.12 64.03
CA VAL J 5 1.62 -22.42 63.44
C VAL J 5 0.38 -23.33 63.52
N GLU J 6 -0.28 -23.53 62.35
CA GLU J 6 -1.53 -24.27 62.24
C GLU J 6 -1.20 -25.77 62.27
N SER J 7 -2.23 -26.58 62.55
CA SER J 7 -2.17 -28.05 62.69
C SER J 7 -3.62 -28.56 62.75
N GLY J 8 -3.77 -29.89 62.72
CA GLY J 8 -5.02 -30.52 62.28
C GLY J 8 -4.98 -30.64 60.77
N GLY J 9 -6.11 -31.04 60.18
CA GLY J 9 -6.25 -31.04 58.73
C GLY J 9 -5.59 -32.26 58.07
N GLY J 10 -6.15 -32.62 56.90
CA GLY J 10 -6.01 -33.92 56.30
C GLY J 10 -7.29 -34.30 55.52
N SER J 11 -7.32 -35.56 55.07
CA SER J 11 -8.48 -36.12 54.38
C SER J 11 -9.54 -36.50 55.40
N VAL J 12 -10.82 -36.22 55.12
CA VAL J 12 -11.96 -36.51 55.99
C VAL J 12 -13.22 -36.74 55.14
N GLN J 13 -13.98 -37.81 55.43
CA GLN J 13 -15.24 -38.12 54.73
C GLN J 13 -16.28 -37.04 55.13
N ALA J 14 -17.12 -36.60 54.16
CA ALA J 14 -17.97 -35.42 54.33
C ALA J 14 -19.12 -35.77 55.27
N GLY J 15 -19.54 -34.77 56.05
CA GLY J 15 -20.39 -34.93 57.23
C GLY J 15 -19.63 -35.22 58.53
N GLY J 16 -18.30 -35.52 58.48
CA GLY J 16 -17.48 -35.63 59.69
C GLY J 16 -17.11 -34.29 60.30
N SER J 17 -16.14 -34.34 61.24
CA SER J 17 -15.70 -33.16 61.95
C SER J 17 -14.17 -33.15 62.07
N LEU J 18 -13.66 -31.99 62.49
CA LEU J 18 -12.23 -31.75 62.53
C LEU J 18 -11.95 -30.51 63.36
N ARG J 19 -10.86 -30.55 64.15
CA ARG J 19 -10.42 -29.43 64.95
C ARG J 19 -9.03 -29.02 64.45
N LEU J 20 -8.93 -27.75 64.03
CA LEU J 20 -7.64 -27.18 63.71
C LEU J 20 -7.19 -26.41 64.94
N SER J 21 -5.86 -26.43 65.15
CA SER J 21 -5.14 -25.84 66.25
C SER J 21 -4.12 -24.88 65.68
N CYS J 22 -4.03 -23.66 66.19
CA CYS J 22 -2.97 -22.72 65.86
C CYS J 22 -2.32 -22.30 67.17
N VAL J 23 -0.99 -22.33 67.24
CA VAL J 23 -0.22 -22.19 68.47
C VAL J 23 0.72 -21.00 68.28
N ALA J 24 0.41 -19.88 68.99
CA ALA J 24 1.28 -18.70 68.98
C ALA J 24 2.58 -18.97 69.74
N SER J 25 3.72 -18.40 69.28
CA SER J 25 5.04 -18.67 69.87
C SER J 25 5.81 -17.37 69.93
N GLY J 26 5.91 -16.79 71.13
CA GLY J 26 6.47 -15.48 71.35
C GLY J 26 5.45 -14.48 71.89
N TYR J 27 6.02 -13.45 72.47
CA TYR J 27 5.35 -12.52 73.34
C TYR J 27 5.09 -11.29 72.47
N THR J 28 4.55 -10.24 73.06
CA THR J 28 3.87 -9.13 72.42
C THR J 28 3.37 -8.20 73.54
N TYR J 29 3.44 -6.89 73.38
CA TYR J 29 3.13 -5.97 74.45
C TYR J 29 1.68 -5.67 74.45
N CYS J 30 0.83 -6.58 73.96
CA CYS J 30 -0.60 -6.51 74.16
C CYS J 30 -1.23 -7.84 73.78
N SER J 31 -2.54 -7.94 74.04
CA SER J 31 -3.34 -9.11 73.71
C SER J 31 -4.22 -8.77 72.51
N TYR J 32 -4.24 -9.69 71.54
CA TYR J 32 -4.60 -9.41 70.14
C TYR J 32 -5.76 -10.28 69.72
N ASP J 33 -6.61 -9.83 68.80
CA ASP J 33 -7.70 -10.70 68.32
C ASP J 33 -7.09 -11.76 67.40
N MET J 34 -7.83 -12.79 67.01
CA MET J 34 -7.33 -13.80 66.10
C MET J 34 -8.43 -14.31 65.19
N SER J 35 -8.06 -14.66 63.94
CA SER J 35 -8.97 -15.10 62.90
C SER J 35 -8.56 -16.42 62.26
N TRP J 36 -9.57 -17.14 61.76
CA TRP J 36 -9.34 -18.10 60.67
C TRP J 36 -9.75 -17.52 59.31
N TYR J 37 -8.81 -17.59 58.33
CA TYR J 37 -9.09 -17.41 56.90
C TYR J 37 -8.96 -18.76 56.19
N ARG J 38 -9.69 -18.90 55.10
CA ARG J 38 -9.45 -20.01 54.18
C ARG J 38 -9.35 -19.51 52.75
N GLN J 39 -8.56 -20.28 51.97
CA GLN J 39 -8.30 -20.07 50.55
C GLN J 39 -8.69 -21.36 49.86
N ALA J 40 -9.85 -21.34 49.18
CA ALA J 40 -10.32 -22.45 48.36
C ALA J 40 -9.40 -22.71 47.13
N PRO J 41 -9.56 -23.83 46.36
CA PRO J 41 -8.82 -24.02 45.08
C PRO J 41 -8.97 -22.85 44.12
N GLY J 42 -7.94 -22.01 43.89
CA GLY J 42 -7.99 -20.93 42.89
C GLY J 42 -8.90 -19.71 43.24
N LYS J 43 -9.89 -19.82 44.16
CA LYS J 43 -10.41 -18.73 45.00
C LYS J 43 -9.25 -17.97 45.69
N GLU J 44 -9.51 -16.72 46.14
CA GLU J 44 -8.61 -15.97 47.04
C GLU J 44 -8.93 -16.26 48.52
N ARG J 45 -8.31 -15.52 49.48
CA ARG J 45 -8.55 -15.75 50.94
C ARG J 45 -9.85 -15.08 51.39
N GLU J 46 -10.82 -15.93 51.84
CA GLU J 46 -12.02 -15.48 52.53
C GLU J 46 -11.76 -15.62 54.06
N PHE J 47 -12.22 -14.61 54.81
CA PHE J 47 -12.50 -14.70 56.24
C PHE J 47 -13.46 -15.84 56.58
N VAL J 48 -13.13 -16.62 57.64
CA VAL J 48 -13.99 -17.63 58.22
C VAL J 48 -14.60 -17.14 59.53
N SER J 49 -13.74 -16.78 60.51
CA SER J 49 -14.16 -16.28 61.82
C SER J 49 -13.05 -15.48 62.51
N ILE J 50 -13.49 -14.69 63.51
CA ILE J 50 -12.66 -13.94 64.44
C ILE J 50 -13.12 -14.24 65.86
N ILE J 51 -12.22 -13.99 66.82
CA ILE J 51 -12.52 -13.91 68.24
C ILE J 51 -11.71 -12.80 68.84
N ARG J 52 -12.33 -12.00 69.72
CA ARG J 52 -11.60 -10.84 70.25
C ARG J 52 -11.13 -11.04 71.72
N ARG J 53 -10.34 -10.06 72.20
CA ARG J 53 -9.93 -10.00 73.59
C ARG J 53 -11.15 -9.91 74.49
N ASP J 54 -12.18 -9.16 74.05
CA ASP J 54 -13.46 -9.12 74.74
C ASP J 54 -14.34 -10.36 74.54
N GLY J 55 -13.83 -11.51 74.08
CA GLY J 55 -14.64 -12.74 73.99
C GLY J 55 -15.73 -12.80 72.87
N SER J 56 -15.95 -11.74 72.04
CA SER J 56 -16.93 -11.77 70.95
C SER J 56 -16.36 -12.57 69.79
N THR J 57 -17.25 -13.30 69.09
CA THR J 57 -16.96 -13.90 67.80
C THR J 57 -17.80 -13.23 66.70
N ALA J 58 -17.24 -13.29 65.45
CA ALA J 58 -18.01 -13.27 64.23
C ALA J 58 -17.67 -14.52 63.42
N TYR J 59 -18.67 -15.06 62.68
CA TYR J 59 -18.46 -16.12 61.70
C TYR J 59 -18.98 -15.70 60.31
N THR J 60 -18.34 -16.24 59.24
CA THR J 60 -18.85 -16.04 57.89
C THR J 60 -20.08 -16.91 57.70
N ASP J 61 -21.11 -16.35 57.09
CA ASP J 61 -22.46 -16.88 57.01
C ASP J 61 -22.47 -18.31 56.46
N ALA J 62 -21.52 -18.70 55.63
CA ALA J 62 -21.39 -20.07 55.12
C ALA J 62 -21.11 -21.10 56.20
N VAL J 63 -20.27 -20.77 57.20
CA VAL J 63 -19.94 -21.67 58.32
C VAL J 63 -20.75 -21.36 59.60
N LYS J 64 -21.60 -20.32 59.65
CA LYS J 64 -22.56 -20.08 60.72
C LYS J 64 -23.33 -21.38 61.00
N GLY J 65 -23.18 -21.90 62.24
CA GLY J 65 -23.91 -23.06 62.68
C GLY J 65 -23.11 -24.35 62.56
N ARG J 66 -22.01 -24.39 61.85
CA ARG J 66 -21.28 -25.62 61.62
C ARG J 66 -19.90 -25.56 62.27
N PHE J 67 -19.48 -24.38 62.68
CA PHE J 67 -18.07 -24.14 62.99
C PHE J 67 -17.97 -23.26 64.23
N ALA J 68 -16.84 -23.39 64.94
CA ALA J 68 -16.73 -22.79 66.25
C ALA J 68 -15.28 -22.46 66.56
N ILE J 69 -15.06 -21.20 66.97
CA ILE J 69 -13.73 -20.67 67.22
C ILE J 69 -13.58 -20.49 68.74
N SER J 70 -12.41 -20.90 69.26
CA SER J 70 -12.15 -21.01 70.70
C SER J 70 -10.69 -20.70 70.99
N ARG J 71 -10.42 -19.99 72.09
CA ARG J 71 -9.05 -19.73 72.53
C ARG J 71 -8.82 -20.37 73.91
N ASP J 72 -7.70 -21.15 74.09
CA ASP J 72 -7.21 -21.65 75.39
C ASP J 72 -5.84 -21.03 75.74
N ASN J 73 -5.91 -19.89 76.43
CA ASN J 73 -4.82 -18.95 76.52
C ASN J 73 -3.74 -19.43 77.50
N ALA J 74 -4.09 -20.40 78.34
CA ALA J 74 -3.17 -21.34 78.98
C ALA J 74 -2.07 -21.88 78.04
N LYS J 75 -2.46 -22.39 76.86
CA LYS J 75 -1.54 -22.94 75.85
C LYS J 75 -1.23 -22.01 74.67
N ASN J 76 -1.88 -20.82 74.63
CA ASN J 76 -1.79 -19.83 73.58
C ASN J 76 -2.22 -20.46 72.27
N THR J 77 -3.45 -20.89 72.26
CA THR J 77 -3.90 -21.87 71.28
C THR J 77 -5.27 -21.42 70.78
N LEU J 78 -5.45 -21.54 69.46
CA LEU J 78 -6.63 -21.11 68.75
C LEU J 78 -7.19 -22.37 68.11
N TYR J 79 -8.51 -22.49 68.09
CA TYR J 79 -9.16 -23.74 67.78
C TYR J 79 -10.25 -23.38 66.78
N LEU J 80 -10.31 -24.18 65.68
CA LEU J 80 -11.48 -24.18 64.81
C LEU J 80 -12.08 -25.58 64.80
N GLN J 81 -13.28 -25.71 65.40
CA GLN J 81 -14.06 -26.91 65.36
C GLN J 81 -14.96 -26.75 64.14
N MET J 82 -14.75 -27.65 63.16
CA MET J 82 -15.50 -27.71 61.94
C MET J 82 -16.35 -28.96 62.06
N ASN J 83 -17.69 -28.80 62.00
CA ASN J 83 -18.63 -29.93 62.00
C ASN J 83 -19.45 -29.99 60.71
N SER J 84 -20.01 -31.19 60.42
CA SER J 84 -20.79 -31.48 59.20
C SER J 84 -20.15 -30.78 57.99
N LEU J 85 -18.91 -31.20 57.73
CA LEU J 85 -18.10 -30.73 56.63
C LEU J 85 -18.73 -31.15 55.29
N GLU J 86 -18.93 -30.14 54.41
CA GLU J 86 -19.23 -30.32 53.00
C GLU J 86 -17.89 -30.30 52.22
N PRO J 87 -17.88 -30.77 50.92
CA PRO J 87 -16.69 -30.59 50.06
C PRO J 87 -16.18 -29.18 49.78
N GLU J 88 -17.11 -28.18 49.66
CA GLU J 88 -16.87 -26.72 49.59
C GLU J 88 -15.90 -26.21 50.66
N ASP J 89 -15.91 -26.83 51.85
CA ASP J 89 -15.03 -26.51 52.96
C ASP J 89 -13.59 -26.98 52.73
N THR J 90 -13.27 -27.69 51.64
CA THR J 90 -11.89 -27.96 51.28
C THR J 90 -11.21 -26.65 50.95
N ALA J 91 -9.99 -26.49 51.50
CA ALA J 91 -9.24 -25.24 51.48
C ALA J 91 -7.91 -25.40 52.23
N MET J 92 -7.00 -24.44 52.00
CA MET J 92 -5.90 -24.16 52.92
C MET J 92 -6.45 -23.17 53.94
N TYR J 93 -6.30 -23.50 55.25
CA TYR J 93 -6.86 -22.74 56.35
C TYR J 93 -5.72 -22.05 57.07
N TYR J 94 -5.88 -20.77 57.38
CA TYR J 94 -4.79 -19.94 57.87
C TYR J 94 -5.28 -19.22 59.11
N CYS J 95 -4.46 -19.17 60.18
CA CYS J 95 -4.75 -18.37 61.35
C CYS J 95 -4.04 -17.03 61.18
N LYS J 96 -4.69 -15.98 61.70
CA LYS J 96 -4.27 -14.58 61.54
C LYS J 96 -4.36 -13.89 62.90
N SER J 97 -3.30 -13.21 63.38
CA SER J 97 -3.38 -12.37 64.55
C SER J 97 -3.56 -10.91 64.14
N TRP J 98 -4.57 -10.19 64.62
CA TRP J 98 -4.82 -8.77 64.29
C TRP J 98 -3.95 -7.80 65.11
N ALA J 99 -4.19 -6.45 64.95
CA ALA J 99 -3.25 -5.46 65.43
C ALA J 99 -3.76 -4.81 66.67
N CYS J 100 -2.86 -4.59 67.69
CA CYS J 100 -3.16 -3.92 68.96
C CYS J 100 -2.00 -2.98 69.31
N SER J 101 -2.28 -1.93 70.09
CA SER J 101 -1.29 -1.05 70.70
C SER J 101 -1.06 -1.42 72.18
N SER J 102 0.11 -0.93 72.68
CA SER J 102 0.33 -0.51 74.04
C SER J 102 1.23 0.72 74.06
N GLY J 103 0.63 1.90 74.33
CA GLY J 103 1.38 3.13 74.44
C GLY J 103 1.97 3.51 73.08
N GLU J 104 3.23 3.96 73.05
CA GLU J 104 4.07 4.11 71.87
C GLU J 104 4.05 2.89 70.94
N TYR J 105 4.27 1.69 71.50
CA TYR J 105 4.34 0.47 70.67
C TYR J 105 3.02 0.09 70.01
N LEU J 106 3.20 -0.67 68.89
CA LEU J 106 2.14 -1.26 68.08
C LEU J 106 2.57 -2.56 67.44
N TYR J 107 1.64 -3.51 67.48
CA TYR J 107 1.87 -4.87 67.04
C TYR J 107 1.00 -4.94 65.80
N GLN J 108 1.62 -5.57 64.75
CA GLN J 108 1.09 -5.44 63.40
C GLN J 108 0.15 -6.59 63.13
N GLY J 109 0.66 -7.80 63.32
CA GLY J 109 -0.18 -8.97 63.19
C GLY J 109 0.68 -10.07 62.67
N ASP J 110 0.07 -11.18 62.29
CA ASP J 110 0.79 -12.29 61.71
C ASP J 110 -0.22 -13.20 61.00
N TRP J 111 0.26 -13.91 59.96
CA TRP J 111 -0.38 -15.06 59.36
C TRP J 111 0.52 -16.26 59.63
N GLY J 112 -0.08 -17.46 59.68
CA GLY J 112 0.68 -18.69 59.78
C GLY J 112 0.86 -19.29 58.40
N GLN J 113 1.62 -20.40 58.35
CA GLN J 113 1.81 -21.15 57.10
C GLN J 113 0.51 -21.69 56.52
N GLY J 114 -0.45 -22.11 57.35
CA GLY J 114 -1.75 -22.64 56.96
C GLY J 114 -1.75 -24.19 57.01
N THR J 115 -2.92 -24.85 56.88
CA THR J 115 -2.96 -26.31 56.69
C THR J 115 -4.12 -26.68 55.76
N GLN J 116 -3.91 -27.80 55.06
CA GLN J 116 -4.78 -28.28 54.03
C GLN J 116 -5.83 -29.16 54.71
N VAL J 117 -7.11 -28.78 54.58
CA VAL J 117 -8.27 -29.63 54.83
C VAL J 117 -8.87 -30.03 53.50
N THR J 118 -9.38 -31.26 53.42
CA THR J 118 -9.64 -31.95 52.15
C THR J 118 -10.83 -32.87 52.42
N VAL J 119 -12.00 -32.59 51.81
CA VAL J 119 -13.28 -33.14 52.23
C VAL J 119 -13.89 -33.88 51.05
N SER J 120 -13.89 -35.22 51.08
CA SER J 120 -14.30 -36.10 49.97
C SER J 120 -15.81 -36.37 49.99
N SER J 121 -16.31 -37.29 49.11
CA SER J 121 -17.50 -38.13 49.30
C SER J 121 -17.51 -39.24 48.23
C1 NAG K . 18.03 23.45 -15.89
C2 NAG K . 16.96 24.47 -15.66
C3 NAG K . 17.15 25.58 -16.69
C4 NAG K . 18.61 26.12 -16.82
C5 NAG K . 19.68 25.00 -16.89
C6 NAG K . 21.23 25.34 -16.67
C7 NAG K . 14.58 23.77 -15.02
C8 NAG K . 13.32 23.15 -15.56
N2 NAG K . 15.69 23.75 -15.79
O3 NAG K . 16.18 26.54 -16.25
O4 NAG K . 18.76 26.99 -18.02
O5 NAG K . 19.34 24.01 -15.90
O6 NAG K . 21.83 26.17 -15.50
O7 NAG K . 14.58 24.34 -13.94
C1 NAG K . 18.78 28.38 -17.89
C2 NAG K . 19.58 29.15 -18.96
C3 NAG K . 19.24 30.65 -18.93
C4 NAG K . 17.73 30.96 -18.81
C5 NAG K . 17.19 30.14 -17.63
C6 NAG K . 15.72 30.33 -17.33
C7 NAG K . 21.96 28.80 -19.66
C8 NAG K . 22.82 29.92 -20.23
N2 NAG K . 21.02 29.09 -18.76
O3 NAG K . 19.83 31.23 -20.10
O4 NAG K . 17.45 32.39 -18.60
O5 NAG K . 17.39 28.72 -17.90
O6 NAG K . 15.54 31.37 -16.36
O7 NAG K . 22.13 27.61 -19.94
C1 BMA K . 17.56 33.54 -19.40
C2 BMA K . 17.99 34.71 -18.49
C3 BMA K . 18.87 35.79 -19.10
C4 BMA K . 19.92 35.18 -19.98
C5 BMA K . 19.25 34.37 -21.11
C6 BMA K . 20.28 33.76 -22.08
O2 BMA K . 18.68 34.24 -17.33
O3 BMA K . 19.51 36.55 -18.07
O4 BMA K . 20.74 36.22 -20.52
O5 BMA K . 18.43 33.30 -20.53
O6 BMA K . 20.14 32.37 -22.41
C1 NAG L . -0.41 -2.25 15.10
C2 NAG L . -0.37 -3.78 15.27
C3 NAG L . -0.78 -4.30 13.89
C4 NAG L . -2.16 -3.69 13.60
C5 NAG L . -2.02 -2.22 13.21
C6 NAG L . -3.27 -1.46 12.74
C7 NAG L . 1.46 -5.34 16.15
C8 NAG L . 2.76 -5.44 16.91
N2 NAG L . 0.91 -4.13 15.90
O3 NAG L . -0.75 -5.72 13.76
O4 NAG L . -2.84 -4.46 12.63
O5 NAG L . -1.56 -1.65 14.45
O6 NAG L . -4.49 -1.58 13.50
O7 NAG L . 0.96 -6.37 15.74
C1 NAG L . -3.82 -5.30 13.15
C2 NAG L . -4.98 -4.79 12.28
C3 NAG L . -4.85 -5.57 10.93
C4 NAG L . -4.42 -7.08 11.00
C5 NAG L . -4.42 -7.57 12.44
C6 NAG L . -4.06 -9.03 12.70
C7 NAG L . -6.59 -3.81 14.21
C8 NAG L . -7.11 -4.69 15.32
N2 NAG L . -6.25 -4.45 13.02
O3 NAG L . -3.86 -4.84 10.19
O4 NAG L . -5.23 -8.05 10.32
O5 NAG L . -3.44 -6.70 13.05
O6 NAG L . -2.89 -9.36 12.03
O7 NAG L . -6.57 -2.58 14.37
C1 NAG M . 23.36 0.82 -54.57
C2 NAG M . 24.69 0.07 -54.39
C3 NAG M . 25.14 -0.55 -55.73
C4 NAG M . 24.06 -1.49 -56.29
C5 NAG M . 22.85 -0.59 -56.62
C6 NAG M . 21.59 -1.19 -57.32
C7 NAG M . 26.53 1.03 -52.95
C8 NAG M . 27.36 -0.21 -52.71
N2 NAG M . 25.70 1.02 -53.99
O3 NAG M . 26.43 -1.14 -55.60
O4 NAG M . 24.59 -2.23 -57.46
O5 NAG M . 22.43 0.07 -55.39
O6 NAG M . 21.26 -2.59 -57.13
O7 NAG M . 26.65 2.06 -52.29
C1 NAG M . 24.94 -3.55 -57.78
C2 NAG M . 25.98 -3.56 -58.91
C3 NAG M . 26.26 -5.03 -59.32
C4 NAG M . 26.94 -5.72 -58.14
C5 NAG M . 26.05 -5.61 -56.89
C6 NAG M . 26.82 -5.96 -55.63
C7 NAG M . 25.64 -1.35 -60.10
C8 NAG M . 26.81 -0.50 -59.63
N2 NAG M . 25.75 -2.69 -60.06
O3 NAG M . 27.04 -5.27 -60.50
O4 NAG M . 27.18 -7.08 -58.51
O5 NAG M . 25.50 -4.28 -56.67
O6 NAG M . 27.89 -5.03 -55.42
O7 NAG M . 24.60 -0.86 -60.53
C1 NAG N . -55.86 -17.39 -22.26
C2 NAG N . -56.50 -16.00 -22.46
C3 NAG N . -57.55 -15.67 -21.40
C4 NAG N . -58.40 -16.85 -20.91
C5 NAG N . -57.44 -17.98 -20.54
C6 NAG N . -58.05 -19.27 -20.03
C7 NAG N . -54.30 -14.72 -22.26
C8 NAG N . -54.09 -14.69 -20.77
N2 NAG N . -55.56 -14.90 -22.69
O3 NAG N . -58.41 -14.69 -21.97
O4 NAG N . -59.22 -16.35 -19.82
O5 NAG N . -56.79 -18.36 -21.76
O6 NAG N . -59.20 -19.68 -20.77
O7 NAG N . -53.36 -14.51 -23.04
C1 NAG N . -60.54 -15.91 -19.99
C2 NAG N . -61.31 -15.72 -18.67
C3 NAG N . -62.62 -14.94 -18.86
C4 NAG N . -62.55 -13.71 -19.77
C5 NAG N . -61.84 -14.15 -21.06
C6 NAG N . -61.61 -13.07 -22.10
C7 NAG N . -60.86 -17.78 -17.46
C8 NAG N . -61.04 -19.20 -17.93
N2 NAG N . -61.72 -16.91 -17.94
O3 NAG N . -63.04 -14.60 -17.56
O4 NAG N . -63.94 -13.26 -19.98
O5 NAG N . -60.53 -14.68 -20.73
O6 NAG N . -61.21 -11.83 -21.51
O7 NAG N . -59.96 -17.39 -16.71
C1 BMA N . -64.91 -12.57 -19.22
C2 BMA N . -65.98 -13.46 -18.46
C3 BMA N . -66.42 -12.97 -17.01
C4 BMA N . -65.24 -12.29 -16.28
C5 BMA N . -64.85 -11.07 -17.17
C6 BMA N . -63.84 -10.12 -16.54
O2 BMA N . -65.69 -14.86 -18.45
O3 BMA N . -66.97 -14.06 -16.25
O4 BMA N . -65.50 -11.97 -14.90
O5 BMA N . -64.23 -11.60 -18.39
O6 BMA N . -64.31 -9.58 -15.29
C1 NAG O . 19.11 3.52 53.99
C2 NAG O . 20.02 4.67 54.42
C3 NAG O . 21.01 4.91 53.28
C4 NAG O . 21.92 3.68 53.11
C5 NAG O . 21.10 2.46 52.69
C6 NAG O . 21.53 1.12 53.34
C7 NAG O . 18.30 6.49 55.02
C8 NAG O . 18.03 7.65 55.95
N2 NAG O . 19.51 5.90 55.07
O3 NAG O . 21.79 6.08 53.48
O4 NAG O . 22.89 3.89 52.09
O5 NAG O . 19.68 2.67 52.96
O6 NAG O . 22.83 0.51 52.97
O7 NAG O . 17.43 6.14 54.22
C1 NAG O . 24.27 3.92 52.03
C2 NAG O . 25.17 2.84 51.42
C3 NAG O . 26.34 3.50 50.67
C4 NAG O . 25.87 4.46 49.57
C5 NAG O . 24.55 5.14 49.91
C6 NAG O . 23.35 4.49 49.14
C7 NAG O . 26.06 1.46 53.45
C8 NAG O . 27.45 1.97 53.75
N2 NAG O . 25.56 1.67 52.21
O3 NAG O . 27.27 2.61 50.08
O4 NAG O . 26.98 5.34 49.39
O5 NAG O . 24.39 5.17 51.37
O6 NAG O . 22.09 5.19 49.24
O7 NAG O . 25.43 0.76 54.25
C1 BMA O . 27.32 6.70 49.57
C2 BMA O . 28.34 6.79 50.70
C3 BMA O . 29.82 6.45 50.27
C4 BMA O . 29.93 6.11 48.76
C5 BMA O . 29.29 7.33 48.02
C6 BMA O . 29.48 7.34 46.49
O2 BMA O . 27.86 6.05 51.84
O3 BMA O . 30.35 5.41 51.07
O4 BMA O . 31.28 5.74 48.34
O5 BMA O . 27.82 7.34 48.36
O6 BMA O . 28.30 7.17 45.62
C1 BMA O . 31.54 4.44 47.84
C2 BMA O . 33.05 4.23 47.54
C3 BMA O . 33.93 3.78 48.78
C4 BMA O . 33.05 3.79 50.05
C5 BMA O . 31.91 2.76 49.76
C6 BMA O . 31.07 2.33 50.96
O2 BMA O . 33.59 5.36 46.84
O3 BMA O . 35.13 4.56 48.88
O4 BMA O . 33.73 3.67 51.34
O5 BMA O . 31.03 3.40 48.73
O6 BMA O . 29.71 2.10 50.64
C1 NAG O . 34.34 4.79 51.89
C2 NAG O . 33.66 6.20 51.84
C3 NAG O . 33.71 6.87 53.22
C4 NAG O . 35.12 6.77 53.81
C5 NAG O . 35.56 5.28 53.89
C6 NAG O . 35.77 4.81 55.32
C7 NAG O . 33.48 8.09 50.14
C8 NAG O . 34.06 8.61 48.85
N2 NAG O . 34.16 7.11 50.82
O3 NAG O . 32.74 6.26 54.06
O4 NAG O . 35.99 7.61 52.99
O5 NAG O . 34.58 4.43 53.26
O6 NAG O . 36.87 5.55 55.90
O7 NAG O . 32.45 8.58 50.59
C1 GAL O . 37.34 7.48 52.68
C2 GAL O . 37.82 8.60 51.74
C3 GAL O . 39.34 8.47 51.47
C4 GAL O . 40.08 7.67 52.54
C5 GAL O . 39.46 7.87 53.95
C6 GAL O . 39.49 9.31 54.49
O2 GAL O . 37.07 8.61 50.53
O3 GAL O . 39.90 9.77 51.38
O4 GAL O . 41.47 8.00 52.59
O5 GAL O . 38.06 7.45 53.92
O6 GAL O . 40.68 10.04 54.18
C1 BMA O . 27.87 5.93 45.08
C2 BMA O . 27.92 6.03 43.56
C3 BMA O . 27.63 4.65 42.88
C4 BMA O . 28.25 3.41 43.57
C5 BMA O . 28.02 3.47 45.06
C6 BMA O . 28.69 2.33 45.85
O2 BMA O . 29.14 6.65 43.13
O3 BMA O . 28.11 4.71 41.55
O4 BMA O . 27.65 2.22 43.11
O5 BMA O . 28.58 4.75 45.52
O6 BMA O . 27.87 1.95 46.96
#